data_1FKA
#
_entry.id   1FKA
#
_cell.length_a   406.300
_cell.length_b   406.300
_cell.length_c   173.100
_cell.angle_alpha   90.00
_cell.angle_beta   90.00
_cell.angle_gamma   90.00
#
_symmetry.space_group_name_H-M   'P 41 21 2'
#
loop_
_entity.id
_entity.type
_entity.pdbx_description
1 polymer '16S RIBOSOMAL RNA'
2 polymer '30S RIBOSOMAL PROTEIN S2'
3 polymer '30S RIBOSOMAL PROTEIN S3'
4 polymer '30S RIBOSOMAL PROTEIN S4'
5 polymer '30S RIBOSOMAL PROTEIN S5'
6 polymer '30S RIBOSOMAL PROTEIN S6'
7 polymer '30S RIBOSOMAL PROTEIN S7'
8 polymer '30S RIBOSOMAL PROTEIN S8'
9 polymer '30S RIBOSOMAL PROTEIN S9'
10 polymer '30S RIBOSOMAL PROTEIN S10'
11 polymer '30S RIBOSOMAL PROTEIN S11'
12 polymer '30S RIBOSOMAL PROTEIN S12'
13 polymer '30S RIBOSOMAL PROTEIN S13'
14 polymer '30S RIBOSOMAL PROTEIN S14'
15 polymer '30S RIBOSOMAL PROTEIN S15'
16 polymer '30S RIBOSOMAL PROTEIN S16'
17 polymer '30S RIBOSOMAL PROTEIN S17'
18 polymer '30S RIBOSOMAL PROTEIN S18'
19 polymer '30S RIBOSOMAL PROTEIN S19'
20 polymer '30S RIBOSOMAL PROTEIN S20'
21 non-polymer 'OCTADECATUNGSTENYL DIPHOSPHATE'
#
loop_
_entity_poly.entity_id
_entity_poly.type
_entity_poly.pdbx_seq_one_letter_code
_entity_poly.pdbx_strand_id
1 'polyribonucleotide'
;UUUGUUGGAGAGUUUGAUCCUGGCUCAGGGUGAACGCUGGCGGCGUGCCUAAGACAUGCAAGUCGUGCGGGCCGCGGGGU
UUUACUCCGUGGUCAGCGGCGGACGGGUGAGUAACGCGUGGGUGACCUACCCGGAAGAGGGGGACAACCCGGGGAAACUC
GGGCUAAUCCCCCAUGUGGACCCGCCCCUUGGGGUGUGUCCAAAGGGCUUUGCCCGCUUCCGGAUGGGCCCGCGUCCCAU
CAGCUAGUUGGUGGGGUAAUGGCCCACCAAGGCGACGACGGGUAGCCGGUCUGAGAGGAUGGCCGGCCACAGGGGCACUG
AGACACGGGCCCCACUCCUACGGGAGGCAGCAGUUAGGAAUCUUCCGCAAUGGGCGCAAGCCUGACGGAGCGACGCCGCU
UGGAGGAAGAAGCCCUUCGGGGUGUAAACUCCUGAACCCGGGACGAAACCCCCGACGAGGGGACUGACGGUACCGGGGUA
AUAGCGCCGGCCAACUCCGUGCCAGCAGCCGCGGUAAUACGGAGGGCGCGAGCGUUACCCGGAUUCACUGGGCGUAAAGG
GCGUGUAGGCGGCCUGGGGCGUCCCAUGUGAAAGACCACGGCUCAACCGUGGGGGAGCGUGGGAUACGCUCAGGCUAGAC
GGUGGGAGAGGGUGGUGGAAUUCCCGGAGUAGCGGUGAAAUGCGCAGAUACCGGGAGGAACGCCGAUGGCGAAGGCAGCC
ACCUGGUCCACCCGUGACGCUGAGGCGCGAAAGCGUGGGGAGCAAACCGGAUUAGAUACCCGGGUAGUCCACGCCCUAAA
CGAUGCGCGCUAGGUCUCUGGGUCUCCUGGGGGCCGAAGCUAACGCGUUAAGCGCGCCGCCUGGGGAGUACGGCCGCAAG
GCUGAAACUCAAAGGAAUUGACGGGGGCCCGCACAAGCGGUGGAGCAUGUGGUUUAAUUCGAAGCAACGCGAAGAACCUU
ACCAGGCCUUGACAUGCUAGGGAACCCGGGUGAAAGCCUGGGGUGCCCGCGAGGGAGCCCUAGCACAGGUGCUGCAUGGC
CGUCGUCAGCUCGUGCCGUGAGGUGUUGGGUUAAGUCCCGCAACGAGCGCAACCCCCGCCGUUAGUUGCCAGCGGUUCGG
CCGGGCACUCUAACGGGACUGCCCGCGAAAGCGGGAGGAAGGAGGGGACGACGUCUGGUCAGCAUGGCCCUUACGGCCUG
GGCGACACACGUGCUACAAUGCCCUACAAAGCGAUGCCACCCGGCAACGGGGAGCUAAUCGCAAAAAGGUGGGCCCAGUU
CGGAUUGGGGUCUGCAACCCGACCCCAUGAAGCCGGAAUCGCUAGUAAUCGCGGAUCAGCCAUGCCGCGGUGAAUACGUU
CCCGGGCCUUGUACACACCGCCCGUCACGCCAUGGGAGCGGGCUCUACCCGAAGUCGCCGGGAGCCUACGGGCAGGCGCC
GAGGGUAGGGCCCGUGACUGGGGCGAAGUCGUAACAAGGUAGCUGUACCGGAAGGUGCGGCUGGAUCACCUCCUUUCU
;
A
2 'polypeptide(L)'
;(UNK)(UNK)(UNK)(UNK)(UNK)(UNK)(UNK)(UNK)(UNK)(UNK)(UNK)(UNK)(UNK)(UNK)(UNK)(UNK)
(UNK)(UNK)(UNK)(UNK)(UNK)(UNK)(UNK)(UNK)(UNK)(UNK)(UNK)(UNK)(UNK)(UNK)(UNK)(UNK)
(UNK)(UNK)(UNK)(UNK)(UNK)(UNK)(UNK)(UNK)(UNK)(UNK)(UNK)(UNK)(UNK)(UNK)(UNK)(UNK)
(UNK)(UNK)(UNK)(UNK)(UNK)(UNK)(UNK)(UNK)(UNK)(UNK)(UNK)(UNK)(UNK)(UNK)(UNK)(UNK)
(UNK)(UNK)(UNK)(UNK)(UNK)(UNK)(UNK)(UNK)(UNK)(UNK)(UNK)(UNK)(UNK)(UNK)(UNK)(UNK)
(UNK)(UNK)(UNK)(UNK)(UNK)(UNK)(UNK)(UNK)(UNK)(UNK)(UNK)(UNK)(UNK)(UNK)(UNK)(UNK)
(UNK)(UNK)(UNK)(UNK)(UNK)(UNK)(UNK)(UNK)(UNK)(UNK)(UNK)(UNK)(UNK)(UNK)(UNK)
;
B
3 'polypeptide(L)'
;(UNK)(UNK)(UNK)(UNK)(UNK)(UNK)(UNK)(UNK)(UNK)(UNK)(UNK)(UNK)(UNK)(UNK)(UNK)(UNK)
(UNK)(UNK)(UNK)(UNK)(UNK)(UNK)(UNK)(UNK)(UNK)(UNK)(UNK)(UNK)(UNK)(UNK)(UNK)(UNK)
(UNK)(UNK)(UNK)(UNK)(UNK)(UNK)(UNK)(UNK)(UNK)(UNK)(UNK)(UNK)(UNK)(UNK)(UNK)(UNK)
(UNK)(UNK)(UNK)(UNK)(UNK)(UNK)(UNK)(UNK)(UNK)(UNK)(UNK)(UNK)(UNK)(UNK)(UNK)(UNK)
(UNK)(UNK)(UNK)(UNK)(UNK)(UNK)(UNK)(UNK)(UNK)(UNK)(UNK)(UNK)(UNK)(UNK)(UNK)(UNK)
(UNK)(UNK)(UNK)(UNK)(UNK)(UNK)(UNK)(UNK)(UNK)(UNK)(UNK)(UNK)(UNK)(UNK)(UNK)(UNK)
(UNK)(UNK)(UNK)(UNK)(UNK)(UNK)(UNK)(UNK)(UNK)(UNK)(UNK)(UNK)(UNK)(UNK)(UNK)(UNK)
(UNK)(UNK)(UNK)(UNK)(UNK)(UNK)(UNK)(UNK)(UNK)(UNK)(UNK)(UNK)(UNK)(UNK)(UNK)(UNK)
(UNK)(UNK)(UNK)(UNK)(UNK)(UNK)(UNK)(UNK)(UNK)(UNK)(UNK)(UNK)(UNK)(UNK)(UNK)(UNK)
(UNK)(UNK)(UNK)(UNK)(UNK)(UNK)(UNK)(UNK)(UNK)(UNK)(UNK)(UNK)(UNK)(UNK)(UNK)(UNK)
(UNK)(UNK)(UNK)(UNK)(UNK)(UNK)(UNK)(UNK)(UNK)(UNK)(UNK)(UNK)(UNK)(UNK)(UNK)(UNK)
;
C
4 'polypeptide(L)'
;MGRYIGPVCRLCRREGVKLYLKGERCYSPKCAMERRPYPPGQHGQKRARRPSDYAVRLREKQKLRRIYGISERQFRNLFE
EASKKKGVTGSVFLGLLESRLDNVVYRLGFAVSRRQARQLVRHGHITVNGRRVDLPSYRVRPGDEIAVAEKSRNLELIRQ
NLEAMKGRKVGPWLSLDVEGMKGKFLRLPDREDLALPVNEQLVIEFYSR
;
D
5 'polypeptide(L)'
;MPETDFEEKMILIRRTARMQAGGRRFRFGALVVVGDRQGRVGLGFGKAPEVPLAVQKAGYYARRNMVEVPLQNGTIPHEI
EVEFGASKIVLKPAAPGTGVIAGAVPRAILELAGVTDILTKELGSRNPINIAYATMEALRQLRTKADVERLRKGEAHAQA
QG
;
E
6 'polypeptide(L)'
;MRRYEVNIVLNPNLDQSQLALEKEIIQRALENYGARVEKVEELGLRRLAYPIAKDPQGYFLWYQVEMPEDRVNDLARELR
IRDNVRRVMVVKSQEPFLANA
;
F
7 'polypeptide(L)'
;MARRRRAEVRQLQPDLVYGDVLVTAFINKIMRDGKKNLAARIFYDACKIIQEKTGQEPLKVFKQAVENVKPRMEVRSRRV
GGANYQVPMEVSPRRQQSLALRWLVQAANQRPERRAAVRIAHELMDAAEGKGGAVKKKEDVERMAEANRAY
;
G
8 'polypeptide(L)'
;MLTDPIADMLTRIRNATRVYKESTDVPASRFKEEILRILAREGFIKGYERVDVDGKPYLRVYLKYGPRRQGPDPRPEQVI
HHIRRISKPGRRVYVGVKEIPRVRRGLGIAILSTSKGVLTDREARKLGVGGELICEVW
;
H
9 'polypeptide(L)'
;(UNK)(UNK)(UNK)(UNK)(UNK)(UNK)(UNK)(UNK)(UNK)(UNK)(UNK)(UNK)(UNK)(UNK)(UNK)(UNK)
(UNK)(UNK)(UNK)(UNK)(UNK)(UNK)(UNK)(UNK)(UNK)(UNK)(UNK)(UNK)(UNK)(UNK)(UNK)(UNK)
(UNK)(UNK)(UNK)(UNK)(UNK)(UNK)(UNK)(UNK)(UNK)(UNK)(UNK)(UNK)(UNK)(UNK)(UNK)(UNK)
(UNK)(UNK)(UNK)(UNK)(UNK)(UNK)(UNK)(UNK)(UNK)(UNK)(UNK)(UNK)(UNK)(UNK)(UNK)(UNK)
(UNK)(UNK)(UNK)(UNK)(UNK)(UNK)(UNK)(UNK)(UNK)(UNK)(UNK)(UNK)(UNK)(UNK)(UNK)(UNK)
(UNK)(UNK)(UNK)(UNK)(UNK)(UNK)(UNK)(UNK)(UNK)
;
I
10 'polypeptide(L)'
;(UNK)(UNK)(UNK)(UNK)(UNK)(UNK)(UNK)(UNK)(UNK)(UNK)(UNK)(UNK)(UNK)(UNK)(UNK)(UNK)
(UNK)(UNK)(UNK)(UNK)(UNK)(UNK)(UNK)(UNK)(UNK)(UNK)(UNK)(UNK)(UNK)(UNK)(UNK)(UNK)
(UNK)(UNK)(UNK)(UNK)(UNK)(UNK)(UNK)(UNK)(UNK)(UNK)(UNK)(UNK)(UNK)(UNK)(UNK)(UNK)
(UNK)(UNK)(UNK)(UNK)(UNK)(UNK)(UNK)(UNK)(UNK)(UNK)(UNK)(UNK)(UNK)(UNK)(UNK)(UNK)
(UNK)(UNK)(UNK)(UNK)(UNK)(UNK)(UNK)
;
J
11 'polypeptide(L)'
;(UNK)(UNK)(UNK)(UNK)(UNK)(UNK)(UNK)(UNK)(UNK)(UNK)(UNK)(UNK)(UNK)(UNK)(UNK)(UNK)
(UNK)(UNK)(UNK)(UNK)(UNK)(UNK)(UNK)(UNK)(UNK)(UNK)(UNK)(UNK)(UNK)(UNK)(UNK)(UNK)
(UNK)(UNK)(UNK)(UNK)(UNK)(UNK)(UNK)(UNK)(UNK)(UNK)(UNK)(UNK)(UNK)(UNK)(UNK)(UNK)
(UNK)(UNK)(UNK)(UNK)(UNK)(UNK)(UNK)(UNK)(UNK)(UNK)(UNK)(UNK)(UNK)(UNK)(UNK)(UNK)
(UNK)(UNK)(UNK)(UNK)(UNK)(UNK)
;
K
12 'polypeptide(L)'
;(UNK)(UNK)(UNK)(UNK)(UNK)(UNK)(UNK)(UNK)(UNK)(UNK)(UNK)(UNK)(UNK)(UNK)(UNK)(UNK)
(UNK)(UNK)(UNK)(UNK)(UNK)(UNK)(UNK)(UNK)(UNK)(UNK)(UNK)(UNK)(UNK)(UNK)(UNK)(UNK)
(UNK)(UNK)(UNK)(UNK)(UNK)(UNK)(UNK)(UNK)(UNK)(UNK)(UNK)(UNK)(UNK)(UNK)(UNK)(UNK)
(UNK)(UNK)(UNK)(UNK)(UNK)(UNK)(UNK)(UNK)(UNK)(UNK)(UNK)(UNK)(UNK)(UNK)(UNK)(UNK)
(UNK)(UNK)(UNK)(UNK)(UNK)(UNK)(UNK)(UNK)(UNK)(UNK)(UNK)(UNK)(UNK)(UNK)(UNK)(UNK)
(UNK)(UNK)(UNK)(UNK)(UNK)(UNK)(UNK)(UNK)(UNK)(UNK)(UNK)(UNK)(UNK)(UNK)(UNK)(UNK)
(UNK)(UNK)(UNK)(UNK)(UNK)(UNK)(UNK)
;
L
13 'polypeptide(L)'
;(UNK)(UNK)(UNK)(UNK)(UNK)(UNK)(UNK)(UNK)(UNK)(UNK)(UNK)(UNK)(UNK)(UNK)(UNK)(UNK)
(UNK)(UNK)(UNK)(UNK)(UNK)(UNK)(UNK)(UNK)(UNK)(UNK)(UNK)(UNK)(UNK)(UNK)(UNK)(UNK)
(UNK)(UNK)(UNK)(UNK)(UNK)(UNK)(UNK)(UNK)(UNK)(UNK)(UNK)(UNK)(UNK)(UNK)(UNK)(UNK)
(UNK)(UNK)(UNK)(UNK)(UNK)(UNK)(UNK)(UNK)(UNK)(UNK)(UNK)(UNK)(UNK)(UNK)(UNK)(UNK)
(UNK)(UNK)(UNK)(UNK)(UNK)(UNK)(UNK)(UNK)(UNK)(UNK)(UNK)(UNK)(UNK)
;
M
14 'polypeptide(L)'
;(UNK)(UNK)(UNK)(UNK)(UNK)(UNK)(UNK)(UNK)(UNK)(UNK)(UNK)(UNK)(UNK)(UNK)(UNK)(UNK)
(UNK)(UNK)(UNK)(UNK)(UNK)(UNK)(UNK)(UNK)(UNK)(UNK)
;
N
15 'polypeptide(L)'
;MPITKEEKQKVIQEFARFPGDTGSTEVQVALLTLRINRLSEHLKVHKKDHHSHRGLLMMVGQRRRLLRYLQREDPERYRE
IVEKLGLRG
;
O
16 'polypeptide(L)'
;(UNK)(UNK)(UNK)(UNK)(UNK)(UNK)(UNK)(UNK)(UNK)(UNK)(UNK)(UNK)(UNK)(UNK)(UNK)(UNK)
(UNK)(UNK)(UNK)(UNK)(UNK)(UNK)(UNK)(UNK)(UNK)(UNK)(UNK)(UNK)(UNK)(UNK)(UNK)(UNK)
(UNK)(UNK)(UNK)(UNK)(UNK)(UNK)(UNK)(UNK)(UNK)(UNK)(UNK)(UNK)(UNK)(UNK)(UNK)(UNK)
(UNK)(UNK)(UNK)(UNK)(UNK)(UNK)(UNK)(UNK)(UNK)(UNK)(UNK)(UNK)(UNK)(UNK)(UNK)(UNK)
(UNK)(UNK)(UNK)(UNK)(UNK)(UNK)(UNK)(UNK)(UNK)
;
P
17 'polypeptide(L)'
;(UNK)(UNK)(UNK)(UNK)(UNK)(UNK)(UNK)(UNK)(UNK)(UNK)(UNK)(UNK)(UNK)(UNK)(UNK)(UNK)
(UNK)(UNK)(UNK)(UNK)(UNK)(UNK)(UNK)(UNK)(UNK)(UNK)(UNK)(UNK)(UNK)(UNK)(UNK)(UNK)
(UNK)(UNK)(UNK)(UNK)(UNK)(UNK)(UNK)(UNK)(UNK)(UNK)(UNK)(UNK)(UNK)(UNK)(UNK)(UNK)
(UNK)(UNK)(UNK)(UNK)(UNK)(UNK)(UNK)(UNK)(UNK)(UNK)(UNK)(UNK)(UNK)(UNK)(UNK)(UNK)
(UNK)(UNK)(UNK)(UNK)(UNK)(UNK)(UNK)(UNK)(UNK)(UNK)(UNK)(UNK)(UNK)(UNK)(UNK)(UNK)
(UNK)(UNK)(UNK)(UNK)
;
Q
18 'polypeptide(L)'
;MSTKNAKPKKEAQRRPSRKAKVKATLGEFDLRDYRNVEVLKRFLSETGKILPRRRTGLSGKEQRILAKTIKRARILGLLP
FTEKLVRK
;
R
19 'polypeptide(L)'
;MPRSLKKGVFVDDHLLEKVLELNAKGEKRLIKTWSRRSTIVPEMVGHTIAVYNGKQHVPVYITENMVGHKLGEFAPTRTY
RGHGKEAKATKKK
;
S
20 'polypeptide(L)'
;(UNK)(UNK)(UNK)(UNK)(UNK)(UNK)(UNK)(UNK)(UNK)(UNK)(UNK)(UNK)(UNK)(UNK)(UNK)(UNK)
(UNK)(UNK)(UNK)(UNK)(UNK)(UNK)(UNK)(UNK)(UNK)(UNK)(UNK)(UNK)(UNK)(UNK)(UNK)(UNK)
(UNK)(UNK)(UNK)(UNK)(UNK)(UNK)(UNK)(UNK)(UNK)(UNK)(UNK)(UNK)(UNK)(UNK)(UNK)(UNK)
(UNK)(UNK)(UNK)(UNK)(UNK)(UNK)(UNK)(UNK)(UNK)(UNK)(UNK)(UNK)(UNK)(UNK)(UNK)(UNK)
(UNK)(UNK)(UNK)(UNK)(UNK)(UNK)(UNK)(UNK)(UNK)(UNK)(UNK)(UNK)(UNK)(UNK)(UNK)(UNK)
(UNK)(UNK)(UNK)(UNK)(UNK)(UNK)(UNK)(UNK)(UNK)(UNK)(UNK)(UNK)(UNK)(UNK)(UNK)
;
T
#
# COMPACT_ATOMS: atom_id res chain seq x y z
CA UNK B 1 10.23 -47.97 5.88
CA UNK B 2 11.59 -44.64 4.64
CA UNK B 3 14.70 -43.83 6.67
CA UNK B 4 16.26 -40.42 7.33
CA UNK B 5 19.40 -40.29 5.20
CA UNK B 6 19.05 -36.55 4.61
CA UNK B 7 19.40 -35.78 8.31
CA UNK B 8 23.00 -36.99 8.03
CA UNK B 9 24.09 -35.80 4.58
CA UNK B 10 23.04 -32.27 5.57
CA UNK B 11 22.87 -32.08 9.36
CA UNK B 12 25.36 -34.57 10.80
CA UNK B 13 29.04 -33.93 11.57
CA UNK B 14 30.00 -32.06 14.74
CA UNK B 15 33.19 -30.26 15.78
CA UNK B 16 35.51 -29.36 18.66
CA UNK B 17 38.27 -31.91 19.31
CA UNK B 18 38.00 -34.42 16.46
CA UNK B 19 39.76 -35.80 13.39
CA UNK B 20 36.73 -36.00 11.08
CA UNK B 21 35.08 -32.74 12.19
CA UNK B 22 38.13 -30.54 11.72
CA UNK B 23 38.83 -32.43 8.49
CA UNK B 24 37.81 -30.96 5.13
CA UNK B 25 35.39 -7.85 7.45
CA UNK B 26 37.35 -6.41 10.37
CA UNK B 27 35.32 -8.09 13.12
CA UNK B 28 36.50 -11.67 12.67
CA UNK B 29 39.41 -14.09 13.08
CA UNK B 30 42.21 -14.25 10.51
CA UNK B 31 44.89 -16.91 10.22
CA UNK B 32 34.42 -20.51 10.65
CA UNK B 33 32.84 -19.40 13.93
CA UNK B 34 34.20 -19.87 17.45
CA UNK B 35 30.82 -19.63 19.17
CA UNK B 36 31.55 -20.27 22.86
CA UNK B 37 35.47 -23.53 20.03
CA UNK B 38 35.09 -23.40 16.24
CA UNK B 39 31.93 -24.81 14.65
CA UNK B 40 32.25 -26.26 11.15
CA UNK B 41 29.13 -26.64 9.00
CA UNK B 42 29.40 -28.33 5.60
CA UNK B 43 26.67 -27.37 3.13
CA UNK B 44 23.16 -26.20 4.03
CA UNK B 45 22.37 -22.77 5.46
CA UNK B 46 20.95 -22.28 8.95
CA UNK B 47 22.11 -19.65 11.45
CA UNK B 48 22.29 -20.65 15.11
CA UNK B 49 19.62 -18.05 15.86
CA UNK B 50 31.02 -15.25 -0.40
CA UNK B 51 30.33 -17.85 2.30
CA UNK B 52 27.57 -15.68 3.75
CA UNK B 53 24.99 -16.78 6.34
CA UNK B 54 27.90 -17.35 8.74
CA UNK B 55 28.55 -13.62 9.06
CA UNK B 56 24.91 -12.81 9.82
CA UNK B 57 24.88 -15.53 12.48
CA UNK B 58 28.28 -14.53 13.85
CA UNK B 59 27.14 -10.92 14.26
CA UNK B 60 24.80 -12.38 16.88
CA UNK B 61 27.41 -14.16 19.00
CA UNK B 62 31.15 -14.68 18.59
CA UNK B 63 33.05 -14.66 15.30
CA UNK B 64 36.03 -16.46 13.73
CA UNK B 65 36.58 -17.64 10.15
CA UNK B 66 40.11 -17.76 8.73
CA UNK B 67 41.87 -18.09 5.38
CA UNK B 68 39.01 -16.16 3.77
CA UNK B 69 41.49 -14.21 1.66
CA UNK B 70 42.15 -17.26 -0.51
CA UNK B 71 40.65 -20.71 -1.11
CA UNK B 72 44.20 -22.07 -0.97
CA UNK B 73 45.89 -23.68 2.03
CA UNK B 74 44.38 -27.16 2.11
CA UNK B 75 46.00 -28.36 5.34
CA UNK B 76 48.07 -25.24 5.98
CA UNK B 77 45.37 -24.11 8.41
CA UNK B 78 44.05 -27.50 9.51
CA UNK B 79 47.46 -28.39 10.92
CA UNK B 80 47.55 -25.18 12.95
CA UNK B 81 44.04 -25.71 14.32
CA UNK B 82 44.81 -29.30 15.31
CA UNK B 83 48.00 -28.19 17.05
CA UNK B 84 46.11 -25.58 19.06
CA UNK B 85 43.64 -28.20 20.26
CA UNK B 86 46.44 -30.55 21.31
CA UNK B 87 48.40 -27.78 23.03
CA UNK B 88 45.29 -26.54 24.85
CA UNK B 89 43.84 -29.54 26.69
CA UNK B 90 42.45 -26.93 29.09
CA UNK B 91 40.51 -23.80 28.12
CA UNK B 92 40.79 -24.78 24.45
CA UNK B 93 38.59 -21.96 23.15
CA UNK B 94 41.09 -19.61 24.78
CA UNK B 95 44.21 -20.91 23.01
CA UNK B 96 42.36 -20.61 19.70
CA UNK B 97 41.89 -16.86 20.13
CA UNK B 98 45.58 -16.42 20.92
CA UNK B 99 46.71 -17.87 17.59
CA UNK B 100 44.07 -15.84 15.73
CA UNK B 101 45.39 -12.60 17.21
CA UNK B 102 49.04 -13.32 16.39
CA UNK B 103 48.03 -14.49 12.92
CA UNK B 104 46.08 -11.34 12.10
CA UNK B 105 48.77 -9.16 13.70
CA UNK B 106 51.34 -10.86 11.48
CA UNK B 107 49.62 -9.64 8.31
CA UNK B 108 49.79 -6.14 9.77
CA UNK B 109 53.54 -6.28 9.10
CA UNK B 110 53.66 -9.06 6.51
CA UNK B 111 52.73 -8.38 2.88
CA UNK C 1 -21.16 -19.97 17.56
CA UNK C 2 -17.65 -20.60 18.86
CA UNK C 3 -16.61 -23.99 17.49
CA UNK C 4 -13.06 -24.75 18.64
CA UNK C 5 -11.35 -27.93 17.45
CA UNK C 6 -7.95 -28.93 18.84
CA UNK C 7 -6.73 -32.20 20.35
CA UNK C 8 -5.15 -35.34 18.87
CA UNK C 9 -3.17 -35.43 22.12
CA UNK C 10 -3.60 -35.38 25.90
CA UNK C 11 -3.43 -32.13 27.89
CA UNK C 12 -5.79 -30.21 25.61
CA UNK C 13 -8.37 -29.10 28.17
CA UNK C 14 -6.50 -25.88 28.92
CA UNK C 15 -6.45 -24.96 25.22
CA UNK C 16 -10.12 -25.89 24.78
CA UNK C 17 -10.96 -23.81 27.85
CA UNK C 18 -9.53 -20.51 26.60
CA UNK C 19 -10.43 -21.65 23.08
CA UNK C 20 -13.65 -19.64 23.31
CA UNK C 21 -12.85 -16.16 24.60
CA UNK C 22 -16.41 -15.00 23.90
CA UNK C 23 -31.47 -13.07 24.92
CA UNK C 24 -30.65 -16.77 25.22
CA UNK C 25 -28.44 -19.27 23.39
CA UNK C 26 -26.45 -22.49 23.89
CA UNK C 27 -27.62 -25.63 22.08
CA UNK C 28 -24.84 -28.07 23.00
CA UNK C 29 -23.54 -30.87 20.80
CA UNK C 30 -21.29 -33.94 20.84
CA UNK C 31 -18.17 -34.56 18.72
CA UNK C 32 -15.63 -37.07 20.01
CA UNK C 33 -12.62 -37.60 17.76
CA UNK C 34 -11.99 -40.92 19.51
CA UNK C 35 -3.92 -41.38 22.17
CA UNK C 36 -6.78 -39.05 23.13
CA UNK C 37 -8.86 -36.58 21.14
CA UNK C 38 -11.79 -34.18 21.34
CA UNK C 39 -13.21 -32.40 18.29
CA UNK C 40 -15.06 -29.10 18.53
CA UNK C 41 -18.14 -29.72 20.68
CA UNK C 42 -19.81 -27.37 18.21
CA UNK C 43 -21.17 -24.44 20.22
CA UNK C 44 -24.53 -23.29 18.85
CA UNK C 45 -26.18 -20.02 19.87
CA UNK C 46 -29.76 -18.76 19.66
CA UNK C 47 -3.01 -32.45 14.95
CA UNK C 48 -2.37 -29.02 16.44
CA UNK C 49 -3.87 -26.65 19.01
CA UNK C 50 -6.26 -24.72 16.77
CA UNK C 51 -8.80 -22.14 17.92
CA UNK C 52 -11.71 -21.07 15.73
CA UNK C 53 -14.66 -18.74 16.27
CA UNK C 54 -17.68 -18.65 13.95
CA UNK C 55 -18.61 -15.10 12.93
CA UNK C 56 -22.11 -13.62 13.04
CA UNK C 57 -34.49 -53.15 35.02
CA UNK C 58 -31.89 -50.88 36.64
CA UNK C 59 -29.78 -47.99 35.37
CA UNK C 60 -26.16 -47.59 36.50
CA UNK C 61 -24.13 -44.37 36.61
CA UNK C 62 -20.40 -44.76 36.04
CA UNK C 63 -17.75 -42.02 36.19
CA UNK C 64 -15.90 -39.88 33.64
CA UNK C 65 -12.67 -38.19 34.72
CA UNK C 66 -10.47 -35.85 32.67
CA UNK C 67 -13.68 -34.03 31.75
CA UNK C 68 -12.90 -34.72 28.09
CA UNK C 69 -15.51 -35.38 25.40
CA UNK C 70 -17.92 -32.63 24.36
CA UNK C 71 -19.20 -32.34 27.93
CA UNK C 72 -16.40 -29.84 28.51
CA UNK C 73 -17.16 -27.14 25.93
CA UNK C 74 -20.87 -27.85 26.38
CA UNK C 75 -20.56 -26.47 29.91
CA UNK C 76 -18.38 -23.57 28.76
CA UNK C 77 -21.39 -22.22 26.86
CA UNK C 78 -22.53 -19.22 28.89
CA UNK C 79 -22.79 -15.42 28.85
CA UNK C 80 -19.84 -13.11 29.50
CA UNK C 81 -44.81 -48.64 31.44
CA UNK C 82 -41.08 -49.35 31.22
CA UNK C 83 -40.33 -45.64 30.96
CA UNK C 84 -42.08 -45.21 34.32
CA UNK C 85 -40.15 -48.00 36.03
CA UNK C 86 -36.81 -46.68 34.79
CA UNK C 87 -37.60 -43.15 35.95
CA UNK C 88 -38.72 -44.53 39.32
CA UNK C 89 -35.38 -46.30 39.79
CA UNK C 90 -33.50 -43.09 39.04
CA UNK C 91 -35.63 -41.12 41.49
CA UNK C 92 -35.21 -43.79 44.16
CA UNK C 93 -31.43 -43.72 43.74
CA UNK C 94 -31.47 -39.92 43.79
CA UNK C 95 -32.99 -39.79 47.28
CA UNK C 96 -30.70 -42.67 48.27
CA UNK C 97 -27.56 -40.53 48.07
CA UNK C 98 -26.77 -39.92 44.39
CA UNK C 99 -25.51 -36.96 42.36
CA UNK C 100 -22.24 -38.03 40.74
CA UNK C 101 -20.17 -35.79 38.48
CA UNK C 102 -19.74 -38.00 35.41
CA UNK C 103 -20.90 -38.55 31.83
CA UNK C 104 -21.99 -42.19 31.72
CA UNK C 105 -25.36 -43.96 31.99
CA UNK C 106 -27.03 -47.35 31.58
CA UNK C 107 -30.35 -48.54 30.17
CA UNK C 108 -32.70 -51.44 30.94
CA UNK C 109 -32.25 -55.13 30.16
CA UNK C 110 -40.95 -56.83 14.28
CA UNK C 111 -39.75 -53.62 12.63
CA UNK C 112 -42.79 -51.70 13.88
CA UNK C 113 -42.05 -52.88 17.42
CA UNK C 114 -38.29 -52.41 17.19
CA UNK C 115 -38.58 -48.91 15.72
CA UNK C 116 -41.22 -47.92 18.26
CA UNK C 117 -39.27 -49.39 21.18
CA UNK C 118 -36.00 -47.84 20.01
CA UNK C 119 -37.61 -44.45 19.40
CA UNK C 120 -39.51 -44.55 22.69
CA UNK C 121 -36.47 -45.68 24.66
CA UNK C 122 -34.22 -43.12 22.97
CA UNK C 123 -36.76 -40.32 23.37
CA UNK C 124 -37.49 -41.23 26.99
CA UNK C 125 -33.78 -41.53 27.82
CA UNK C 126 -32.91 -38.32 26.00
CA UNK C 127 -35.81 -36.40 27.55
CA UNK C 128 -35.02 -37.75 31.02
CA UNK C 129 -31.30 -37.05 30.64
CA UNK C 130 -32.03 -33.55 29.32
CA UNK C 131 -34.62 -32.76 31.98
CA UNK C 132 -32.25 -34.16 34.60
CA UNK C 133 -29.03 -32.86 33.06
CA UNK C 134 -27.44 -31.99 36.41
CA UNK C 135 -24.14 -32.11 34.51
CA UNK C 136 -23.54 -34.02 31.28
CA UNK C 137 -23.72 -37.56 29.89
CA UNK C 138 -24.45 -39.70 26.83
CA UNK C 139 -27.40 -42.10 26.89
CA UNK C 140 -25.68 -45.49 26.55
CA UNK C 141 -28.58 -47.88 25.93
CA UNK C 142 -27.86 -51.58 26.51
CA UNK C 143 -29.29 -54.84 25.18
CA UNK C 144 -28.75 -48.15 21.27
CA UNK C 145 -25.50 -46.81 22.73
CA UNK C 146 -22.85 -47.34 20.05
CA UNK C 147 -22.99 -48.89 16.58
CA UNK C 148 -21.60 -46.13 14.37
CA UNK C 149 -18.17 -46.12 12.73
CA UNK C 150 -15.54 -43.39 13.11
CA UNK C 151 -16.71 -40.49 10.94
CA UNK C 152 -20.25 -41.74 11.51
CA UNK C 153 -20.09 -39.52 14.59
CA UNK C 154 -17.47 -37.09 13.30
CA UNK C 155 -18.30 -36.00 9.74
CA UNK C 156 -20.72 -33.30 8.56
CA UNK C 157 -19.27 -30.02 7.31
CA UNK C 158 -20.53 -50.05 -1.34
CA UNK C 159 -20.01 -47.82 1.70
CA UNK C 160 -22.64 -46.68 4.19
CA UNK C 161 -23.04 -45.91 7.90
CA UNK C 162 -25.75 -47.65 9.92
CA UNK C 163 -26.51 -48.00 13.62
CA UNK C 164 -29.25 -48.39 16.22
CA UNK C 165 -28.66 -44.87 17.53
CA UNK C 166 -26.10 -42.22 18.48
CA UNK C 167 -25.04 -39.40 16.15
CA UNK C 168 -26.00 -40.64 12.67
CA UNK C 169 -29.33 -41.79 14.10
CA UNK C 170 -30.35 -38.19 14.76
CA UNK C 171 -29.58 -37.23 11.16
CA UNK C 172 -31.53 -40.22 9.83
CA UNK C 173 -34.55 -39.65 12.07
CA UNK C 174 -34.49 -36.03 10.93
CA UNK C 175 -34.51 -36.76 7.19
CA UNK C 176 -37.20 -39.36 7.87
N ARG D 49 -8.77 -4.25 32.32
CA ARG D 49 -7.44 -4.51 31.68
C ARG D 49 -6.92 -3.32 30.88
N ARG D 50 -7.82 -2.39 30.58
CA ARG D 50 -7.49 -1.20 29.84
C ARG D 50 -7.65 0.01 30.76
N PRO D 51 -6.65 0.25 31.61
CA PRO D 51 -6.65 1.37 32.56
C PRO D 51 -6.90 2.68 31.83
N SER D 52 -5.82 3.36 31.48
CA SER D 52 -5.86 4.62 30.78
C SER D 52 -4.50 5.24 30.94
N ASP D 53 -4.33 6.43 30.39
CA ASP D 53 -3.06 7.17 30.44
C ASP D 53 -3.37 8.66 30.46
N TYR D 54 -4.18 9.11 29.50
CA TYR D 54 -4.55 10.53 29.43
C TYR D 54 -5.66 10.87 30.41
N ALA D 55 -5.86 10.02 31.40
CA ALA D 55 -6.89 10.26 32.40
C ALA D 55 -6.37 10.01 33.80
N VAL D 56 -5.20 9.40 33.88
CA VAL D 56 -4.57 9.10 35.16
C VAL D 56 -3.87 10.35 35.70
N ARG D 57 -3.13 11.03 34.82
CA ARG D 57 -2.42 12.24 35.20
C ARG D 57 -3.38 13.20 35.89
N LEU D 58 -4.56 13.35 35.30
CA LEU D 58 -5.59 14.21 35.86
C LEU D 58 -6.18 13.53 37.09
N ARG D 59 -6.15 12.20 37.10
CA ARG D 59 -6.68 11.45 38.22
C ARG D 59 -5.83 11.71 39.45
N GLU D 60 -4.54 11.96 39.23
CA GLU D 60 -3.62 12.25 40.32
C GLU D 60 -3.99 13.63 40.86
N LYS D 61 -4.50 14.47 39.95
CA LYS D 61 -4.91 15.83 40.29
C LYS D 61 -6.24 15.77 41.02
N GLN D 62 -7.06 14.78 40.68
CA GLN D 62 -8.36 14.61 41.30
C GLN D 62 -8.20 14.43 42.81
N LYS D 63 -7.46 13.39 43.19
CA LYS D 63 -7.21 13.10 44.60
C LYS D 63 -6.48 14.28 45.24
N LEU D 64 -5.46 14.78 44.55
CA LEU D 64 -4.66 15.90 45.04
C LEU D 64 -5.51 17.15 45.21
N ARG D 65 -6.68 17.16 44.56
CA ARG D 65 -7.58 18.31 44.64
C ARG D 65 -8.71 18.03 45.63
N ARG D 66 -8.78 16.79 46.11
CA ARG D 66 -9.82 16.39 47.05
C ARG D 66 -9.24 15.99 48.40
N ILE D 67 -7.93 16.16 48.55
CA ILE D 67 -7.25 15.83 49.80
C ILE D 67 -7.60 16.79 50.93
N TYR D 68 -7.15 18.04 50.79
CA TYR D 68 -7.41 19.06 51.80
C TYR D 68 -8.51 20.00 51.33
N GLY D 69 -9.22 19.62 50.28
CA GLY D 69 -10.28 20.45 49.74
C GLY D 69 -9.74 21.70 49.09
N ILE D 70 -8.85 21.51 48.11
CA ILE D 70 -8.25 22.63 47.39
C ILE D 70 -8.90 22.84 46.02
N SER D 71 -9.60 23.96 45.86
CA SER D 71 -10.27 24.27 44.61
C SER D 71 -9.24 24.62 43.53
N GLU D 72 -9.68 24.60 42.27
CA GLU D 72 -8.80 24.91 41.15
C GLU D 72 -8.38 26.37 41.21
N ARG D 73 -9.35 27.24 41.49
CA ARG D 73 -9.08 28.67 41.57
C ARG D 73 -8.01 28.92 42.64
N GLN D 74 -7.77 27.90 43.45
CA GLN D 74 -6.78 27.95 44.52
C GLN D 74 -5.68 26.94 44.20
N PHE D 75 -5.94 26.10 43.21
CA PHE D 75 -5.01 25.06 42.79
C PHE D 75 -4.09 25.58 41.69
N ARG D 76 -4.68 26.10 40.62
CA ARG D 76 -3.93 26.64 39.49
C ARG D 76 -3.24 27.96 39.86
N ASN D 77 -3.99 28.82 40.55
CA ASN D 77 -3.45 30.11 40.95
C ASN D 77 -2.21 29.92 41.81
N LEU D 78 -2.31 29.05 42.81
CA LEU D 78 -1.20 28.77 43.70
C LEU D 78 -0.02 28.22 42.90
N PHE D 79 -0.33 27.44 41.87
CA PHE D 79 0.70 26.85 41.02
C PHE D 79 1.55 27.94 40.38
N GLU D 80 0.90 28.92 39.77
CA GLU D 80 1.60 30.03 39.12
C GLU D 80 2.32 30.87 40.16
N GLU D 81 1.75 30.96 41.36
CA GLU D 81 2.35 31.74 42.44
C GLU D 81 3.42 30.93 43.15
N ALA D 82 3.55 29.66 42.75
CA ALA D 82 4.55 28.77 43.35
C ALA D 82 5.82 28.76 42.51
N SER D 83 5.68 29.11 41.23
CA SER D 83 6.82 29.14 40.31
C SER D 83 7.72 30.32 40.63
N LYS D 84 7.43 31.00 41.75
CA LYS D 84 8.21 32.15 42.16
C LYS D 84 9.55 31.72 42.76
N LYS D 85 9.50 31.06 43.90
CA LYS D 85 10.70 30.58 44.57
C LYS D 85 11.43 29.53 43.72
N LYS D 86 12.73 29.71 43.56
CA LYS D 86 13.53 28.78 42.78
C LYS D 86 13.84 27.51 43.56
N GLY D 87 12.89 26.57 43.55
CA GLY D 87 13.08 25.32 44.26
C GLY D 87 12.09 24.26 43.81
N VAL D 88 12.18 23.89 42.53
CA VAL D 88 11.30 22.89 41.96
C VAL D 88 9.85 23.37 41.95
N THR D 89 9.37 23.76 40.78
CA THR D 89 8.01 24.25 40.63
C THR D 89 7.00 23.26 41.20
N GLY D 90 7.38 21.99 41.24
CA GLY D 90 6.50 20.97 41.77
C GLY D 90 6.52 20.91 43.28
N SER D 91 7.73 20.88 43.85
CA SER D 91 7.89 20.82 45.30
C SER D 91 7.31 22.04 45.97
N VAL D 92 7.60 23.21 45.42
CA VAL D 92 7.10 24.47 45.97
C VAL D 92 5.57 24.46 46.07
N PHE D 93 4.94 23.70 45.17
CA PHE D 93 3.49 23.61 45.16
C PHE D 93 2.95 23.07 46.47
N LEU D 94 3.53 21.96 46.93
CA LEU D 94 3.12 21.34 48.19
C LEU D 94 3.36 22.28 49.37
N GLY D 95 4.50 22.97 49.35
CA GLY D 95 4.83 23.88 50.42
C GLY D 95 3.71 24.85 50.72
N LEU D 96 3.10 25.39 49.67
CA LEU D 96 2.00 26.34 49.83
C LEU D 96 0.70 25.62 50.19
N LEU D 97 0.56 24.38 49.71
CA LEU D 97 -0.63 23.58 49.99
C LEU D 97 -0.74 23.34 51.49
N GLU D 98 0.39 23.44 52.19
CA GLU D 98 0.42 23.24 53.62
C GLU D 98 0.28 24.57 54.34
N SER D 99 0.66 25.65 53.66
CA SER D 99 0.57 26.99 54.21
C SER D 99 -0.89 27.36 54.49
N ARG D 100 -1.80 26.59 53.89
CA ARG D 100 -3.23 26.81 54.06
C ARG D 100 -3.59 26.83 55.54
N LEU D 101 -4.28 27.87 55.97
CA LEU D 101 -4.70 27.99 57.36
C LEU D 101 -5.55 26.80 57.76
N ASP D 102 -6.57 26.52 56.96
CA ASP D 102 -7.46 25.40 57.23
C ASP D 102 -6.66 24.12 57.40
N ASN D 103 -5.42 24.14 56.92
CA ASN D 103 -4.54 22.98 57.01
C ASN D 103 -3.71 23.06 58.30
N VAL D 104 -2.93 24.12 58.42
CA VAL D 104 -2.08 24.31 59.60
C VAL D 104 -2.92 24.24 60.88
N VAL D 105 -4.17 24.67 60.78
CA VAL D 105 -5.08 24.65 61.92
C VAL D 105 -5.44 23.21 62.28
N TYR D 106 -5.55 22.37 61.27
CA TYR D 106 -5.89 20.96 61.47
C TYR D 106 -4.66 20.11 61.75
N ARG D 107 -3.57 20.42 61.06
CA ARG D 107 -2.32 19.68 61.23
C ARG D 107 -1.89 19.63 62.69
N LEU D 108 -1.74 20.81 63.30
CA LEU D 108 -1.33 20.90 64.69
C LEU D 108 -2.35 20.23 65.62
N GLY D 109 -3.62 20.60 65.44
CA GLY D 109 -4.67 20.02 66.26
C GLY D 109 -5.65 21.04 66.81
N PHE D 110 -6.18 21.89 65.93
CA PHE D 110 -7.14 22.91 66.34
C PHE D 110 -8.55 22.55 65.87
N ALA D 111 -8.65 21.49 65.06
CA ALA D 111 -9.93 21.06 64.54
C ALA D 111 -10.04 19.54 64.50
N VAL D 112 -11.08 19.04 63.85
CA VAL D 112 -11.30 17.60 63.73
C VAL D 112 -11.25 17.14 62.28
N SER D 113 -11.63 18.02 61.37
CA SER D 113 -11.63 17.71 59.94
C SER D 113 -11.41 18.97 59.11
N ARG D 114 -11.40 18.81 57.79
CA ARG D 114 -11.21 19.95 56.90
C ARG D 114 -12.33 20.96 57.06
N ARG D 115 -13.57 20.48 57.08
CA ARG D 115 -14.74 21.33 57.23
C ARG D 115 -14.64 22.17 58.50
N GLN D 116 -14.24 21.52 59.59
CA GLN D 116 -14.10 22.20 60.88
C GLN D 116 -13.19 23.41 60.73
N ALA D 117 -12.03 23.21 60.11
CA ALA D 117 -11.06 24.28 59.91
C ALA D 117 -11.62 25.33 58.95
N ARG D 118 -12.19 24.88 57.85
CA ARG D 118 -12.76 25.78 56.84
C ARG D 118 -13.74 26.75 57.48
N GLN D 119 -14.39 26.31 58.56
CA GLN D 119 -15.35 27.14 59.27
C GLN D 119 -14.67 28.05 60.28
N LEU D 120 -13.89 27.46 61.18
CA LEU D 120 -13.18 28.21 62.21
C LEU D 120 -12.49 29.45 61.65
N VAL D 121 -11.98 29.36 60.43
CA VAL D 121 -11.30 30.47 59.81
C VAL D 121 -12.28 31.58 59.41
N ARG D 122 -13.21 31.25 58.52
CA ARG D 122 -14.19 32.21 58.05
C ARG D 122 -14.90 32.92 59.21
N HIS D 123 -14.88 32.29 60.38
CA HIS D 123 -15.53 32.85 61.55
C HIS D 123 -14.59 33.71 62.39
N GLY D 124 -13.34 33.83 61.93
CA GLY D 124 -12.37 34.63 62.64
C GLY D 124 -12.08 34.12 64.04
N HIS D 125 -11.10 33.23 64.13
CA HIS D 125 -10.70 32.66 65.42
C HIS D 125 -9.19 32.45 65.49
N ILE D 126 -8.53 32.67 64.36
CA ILE D 126 -7.07 32.50 64.27
C ILE D 126 -6.40 33.86 64.18
N THR D 127 -5.30 34.02 64.90
CA THR D 127 -4.55 35.28 64.91
C THR D 127 -3.09 35.04 64.54
N VAL D 128 -2.78 35.12 63.25
CA VAL D 128 -1.42 34.93 62.76
C VAL D 128 -0.57 36.16 63.03
N ASN D 129 0.55 35.95 63.72
CA ASN D 129 1.46 37.04 64.07
C ASN D 129 0.73 38.11 64.87
N GLY D 130 -0.22 37.69 65.68
CA GLY D 130 -0.97 38.62 66.50
C GLY D 130 -2.00 39.40 65.71
N ARG D 131 -2.50 38.79 64.64
CA ARG D 131 -3.49 39.44 63.79
C ARG D 131 -4.52 38.43 63.29
N ARG D 132 -5.79 38.72 63.52
CA ARG D 132 -6.87 37.84 63.10
C ARG D 132 -6.78 37.51 61.61
N VAL D 133 -7.08 36.27 61.26
CA VAL D 133 -7.04 35.84 59.87
C VAL D 133 -8.26 34.97 59.57
N ASP D 134 -9.40 35.62 59.34
CA ASP D 134 -10.63 34.92 59.04
C ASP D 134 -10.70 34.48 57.58
N LEU D 135 -9.54 34.40 56.93
CA LEU D 135 -9.47 33.99 55.54
C LEU D 135 -8.42 32.89 55.39
N PRO D 136 -8.86 31.67 55.00
CA PRO D 136 -8.00 30.51 54.81
C PRO D 136 -7.10 30.57 53.58
N SER D 137 -7.53 31.30 52.56
CA SER D 137 -6.76 31.43 51.32
C SER D 137 -5.37 32.01 51.55
N TYR D 138 -5.08 32.40 52.80
CA TYR D 138 -3.78 32.97 53.14
C TYR D 138 -2.69 31.92 53.10
N ARG D 139 -1.44 32.38 53.02
CA ARG D 139 -0.29 31.48 52.98
C ARG D 139 0.76 31.94 54.00
N VAL D 140 0.83 31.24 55.12
CA VAL D 140 1.78 31.58 56.18
C VAL D 140 3.22 31.25 55.77
N ARG D 141 4.14 32.11 56.17
CA ARG D 141 5.56 31.93 55.86
C ARG D 141 6.40 32.05 57.14
N PRO D 142 7.66 31.60 57.08
CA PRO D 142 8.56 31.66 58.24
C PRO D 142 8.60 33.04 58.90
N GLY D 143 8.61 33.05 60.23
CA GLY D 143 8.64 34.30 60.96
C GLY D 143 7.29 34.66 61.58
N ASP D 144 6.27 33.87 61.25
CA ASP D 144 4.93 34.10 61.78
C ASP D 144 4.44 32.91 62.59
N GLU D 145 3.48 33.15 63.46
CA GLU D 145 2.91 32.10 64.30
C GLU D 145 1.39 32.15 64.30
N ILE D 146 0.77 30.98 64.49
CA ILE D 146 -0.69 30.89 64.51
C ILE D 146 -1.20 30.74 65.95
N ALA D 147 -1.95 31.74 66.40
CA ALA D 147 -2.49 31.72 67.76
C ALA D 147 -4.02 31.74 67.73
N VAL D 148 -4.63 31.38 68.84
CA VAL D 148 -6.10 31.35 68.95
C VAL D 148 -6.60 32.59 69.69
N ALA D 149 -7.76 33.09 69.28
CA ALA D 149 -8.36 34.26 69.90
C ALA D 149 -8.62 34.00 71.37
N GLU D 150 -8.73 35.07 72.15
CA GLU D 150 -8.99 34.97 73.58
C GLU D 150 -10.37 34.40 73.86
N LYS D 151 -11.40 35.11 73.40
CA LYS D 151 -12.78 34.68 73.59
C LYS D 151 -13.02 33.29 73.01
N SER D 152 -12.29 32.97 71.93
CA SER D 152 -12.42 31.68 71.27
C SER D 152 -11.61 30.63 72.03
N ARG D 153 -11.96 30.42 73.29
CA ARG D 153 -11.27 29.45 74.14
C ARG D 153 -12.26 28.52 74.83
N ASN D 154 -13.19 29.09 75.58
CA ASN D 154 -14.19 28.31 76.30
C ASN D 154 -15.15 27.59 75.36
N LEU D 155 -15.01 27.83 74.06
CA LEU D 155 -15.87 27.19 73.08
C LEU D 155 -15.84 25.68 73.23
N GLU D 156 -17.02 25.07 73.28
CA GLU D 156 -17.15 23.62 73.43
C GLU D 156 -16.44 22.85 72.31
N LEU D 157 -16.64 23.27 71.07
CA LEU D 157 -16.01 22.60 69.94
C LEU D 157 -14.49 22.67 70.04
N ILE D 158 -14.00 23.60 70.86
CA ILE D 158 -12.56 23.77 71.05
C ILE D 158 -12.10 22.92 72.23
N ARG D 159 -12.71 23.15 73.39
CA ARG D 159 -12.36 22.40 74.59
C ARG D 159 -12.54 20.91 74.37
N GLN D 160 -13.10 20.55 73.22
CA GLN D 160 -13.33 19.15 72.88
C GLN D 160 -12.25 18.62 71.96
N ASN D 161 -11.87 19.41 70.95
CA ASN D 161 -10.84 18.98 70.01
C ASN D 161 -9.44 19.16 70.60
N LEU D 162 -9.39 19.47 71.88
CA LEU D 162 -8.12 19.67 72.57
C LEU D 162 -7.62 18.35 73.15
N GLU D 163 -8.45 17.32 73.07
CA GLU D 163 -8.09 16.00 73.58
C GLU D 163 -7.58 15.12 72.45
N ALA D 164 -7.80 15.55 71.21
CA ALA D 164 -7.37 14.80 70.05
C ALA D 164 -5.85 14.70 70.03
N MET D 165 -5.19 15.78 70.45
CA MET D 165 -3.73 15.82 70.48
C MET D 165 -3.19 14.67 71.32
N LYS D 166 -3.65 14.59 72.56
CA LYS D 166 -3.21 13.53 73.47
C LYS D 166 -1.71 13.63 73.75
N GLY D 167 -1.06 14.59 73.11
CA GLY D 167 0.37 14.76 73.30
C GLY D 167 1.16 13.52 72.96
N ARG D 168 1.64 13.44 71.72
CA ARG D 168 2.41 12.28 71.29
C ARG D 168 3.28 12.62 70.08
N LYS D 169 2.76 13.46 69.18
CA LYS D 169 3.50 13.85 67.99
C LYS D 169 2.92 15.12 67.38
N VAL D 170 3.76 15.85 66.64
CA VAL D 170 3.34 17.08 66.00
C VAL D 170 4.33 17.46 64.90
N GLY D 171 3.89 18.28 63.95
CA GLY D 171 4.75 18.70 62.87
C GLY D 171 6.10 19.18 63.35
N PRO D 172 7.19 18.47 63.00
CA PRO D 172 8.56 18.83 63.40
C PRO D 172 8.90 20.28 63.12
N TRP D 173 8.42 20.80 61.99
CA TRP D 173 8.68 22.18 61.61
C TRP D 173 7.59 23.11 62.14
N LEU D 174 6.79 22.61 63.07
CA LEU D 174 5.71 23.39 63.66
C LEU D 174 5.73 23.26 65.18
N SER D 175 6.17 24.33 65.85
CA SER D 175 6.23 24.34 67.31
C SER D 175 4.90 24.80 67.89
N LEU D 176 4.11 23.83 68.35
CA LEU D 176 2.79 24.13 68.93
C LEU D 176 2.85 24.15 70.45
N ASP D 177 2.00 24.97 71.05
CA ASP D 177 1.93 25.10 72.50
C ASP D 177 0.55 24.64 72.99
N VAL D 178 0.52 24.04 74.17
CA VAL D 178 -0.73 23.55 74.75
C VAL D 178 -1.61 24.68 75.25
N GLU D 179 -2.84 24.34 75.62
CA GLU D 179 -3.81 25.32 76.12
C GLU D 179 -4.06 26.46 75.15
N GLY D 180 -3.38 27.58 75.36
CA GLY D 180 -3.55 28.73 74.51
C GLY D 180 -3.36 28.40 73.03
N MET D 181 -2.43 27.51 72.75
CA MET D 181 -2.14 27.08 71.38
C MET D 181 -1.62 28.23 70.52
N LYS D 182 -0.35 28.17 70.17
CA LYS D 182 0.28 29.20 69.34
C LYS D 182 1.32 28.57 68.41
N GLY D 183 0.85 27.72 67.50
CA GLY D 183 1.75 27.07 66.57
C GLY D 183 2.61 28.04 65.78
N LYS D 184 3.90 28.06 66.08
CA LYS D 184 4.83 28.95 65.41
C LYS D 184 5.54 28.23 64.26
N PHE D 185 5.47 28.83 63.07
CA PHE D 185 6.11 28.24 61.90
C PHE D 185 7.61 28.52 61.94
N LEU D 186 8.36 27.55 62.44
CA LEU D 186 9.81 27.68 62.56
C LEU D 186 10.56 27.39 61.27
N ARG D 187 10.09 26.40 60.53
CA ARG D 187 10.76 26.03 59.28
C ARG D 187 9.76 25.49 58.24
N LEU D 188 10.15 25.58 56.96
CA LEU D 188 9.31 25.11 55.87
C LEU D 188 9.12 23.61 55.92
N PRO D 189 8.05 23.09 55.29
CA PRO D 189 7.74 21.67 55.25
C PRO D 189 8.70 20.87 54.37
N ASP D 190 8.56 19.55 54.40
CA ASP D 190 9.40 18.68 53.60
C ASP D 190 8.59 17.53 53.01
N ARG D 191 8.97 17.08 51.81
CA ARG D 191 8.28 16.00 51.12
C ARG D 191 8.19 14.75 51.99
N GLU D 192 9.05 14.66 52.99
CA GLU D 192 9.06 13.50 53.89
C GLU D 192 7.77 13.41 54.70
N ASP D 193 6.99 14.48 54.66
CA ASP D 193 5.73 14.52 55.40
C ASP D 193 4.70 15.39 54.68
N LEU D 194 4.32 14.98 53.47
CA LEU D 194 3.36 15.71 52.66
C LEU D 194 2.49 14.75 51.86
N ALA D 195 1.23 14.61 52.28
CA ALA D 195 0.29 13.72 51.60
C ALA D 195 0.78 12.29 51.61
N LEU D 196 0.04 11.39 50.95
CA LEU D 196 0.41 9.99 50.88
C LEU D 196 0.40 9.46 49.45
N PRO D 197 -0.76 9.57 48.76
CA PRO D 197 -0.83 9.09 47.37
C PRO D 197 -0.33 10.10 46.36
N VAL D 198 -0.97 10.11 45.19
CA VAL D 198 -0.63 11.03 44.09
C VAL D 198 0.87 11.22 43.84
N ASN D 199 1.18 12.18 42.99
CA ASN D 199 2.56 12.50 42.63
C ASN D 199 2.58 13.72 41.71
N GLU D 200 3.35 14.73 42.08
CA GLU D 200 3.44 15.96 41.30
C GLU D 200 3.99 15.74 39.89
N GLN D 201 4.96 14.85 39.77
CA GLN D 201 5.59 14.57 38.48
C GLN D 201 4.59 14.19 37.39
N LEU D 202 3.34 13.93 37.78
CA LEU D 202 2.32 13.56 36.81
C LEU D 202 1.27 14.65 36.63
N VAL D 203 1.06 15.44 37.67
CA VAL D 203 0.07 16.52 37.62
C VAL D 203 0.65 17.76 36.92
N ILE D 204 1.97 17.92 36.97
CA ILE D 204 2.63 19.04 36.33
C ILE D 204 2.67 18.93 34.81
N GLU D 205 2.17 17.80 34.30
CA GLU D 205 2.14 17.58 32.86
C GLU D 205 0.72 17.78 32.32
N PHE D 206 -0.25 17.76 33.21
CA PHE D 206 -1.64 17.95 32.81
C PHE D 206 -1.83 19.31 32.14
N TYR D 207 -1.24 20.34 32.74
CA TYR D 207 -1.35 21.69 32.20
C TYR D 207 -0.57 21.80 30.89
N SER D 208 0.37 20.89 30.70
CA SER D 208 1.18 20.88 29.47
C SER D 208 0.30 20.59 28.26
N ARG D 209 -0.80 19.90 28.49
CA ARG D 209 -1.73 19.56 27.41
C ARG D 209 -2.29 20.84 26.77
N MET E 1 18.21 -10.43 30.94
CA MET E 1 16.76 -10.19 31.20
C MET E 1 16.30 -10.81 32.51
N PRO E 2 16.59 -12.11 32.72
CA PRO E 2 16.18 -12.79 33.96
C PRO E 2 16.96 -12.30 35.17
N GLU E 3 17.71 -11.21 35.00
CA GLU E 3 18.52 -10.66 36.08
C GLU E 3 18.00 -9.27 36.46
N THR E 4 16.82 -8.92 35.97
CA THR E 4 16.22 -7.63 36.26
C THR E 4 14.72 -7.67 36.02
N ASP E 5 13.95 -7.06 36.91
CA ASP E 5 12.50 -7.03 36.79
C ASP E 5 12.06 -5.89 35.88
N PHE E 6 11.55 -6.25 34.70
CA PHE E 6 11.10 -5.26 33.72
C PHE E 6 9.58 -5.13 33.74
N GLU E 7 9.09 -3.99 33.26
CA GLU E 7 7.65 -3.73 33.21
C GLU E 7 7.18 -3.70 31.76
N GLU E 8 5.97 -4.19 31.52
CA GLU E 8 5.42 -4.22 30.17
C GLU E 8 4.32 -3.18 29.98
N LYS E 9 4.34 -2.49 28.85
CA LYS E 9 3.35 -1.47 28.54
C LYS E 9 2.88 -1.57 27.09
N MET E 10 1.56 -1.57 26.92
CA MET E 10 0.96 -1.65 25.59
C MET E 10 0.72 -0.25 25.05
N ILE E 11 1.44 0.12 24.00
CA ILE E 11 1.32 1.45 23.41
C ILE E 11 0.49 1.50 22.13
N LEU E 12 0.37 0.37 21.42
CA LEU E 12 -0.39 0.38 20.18
C LEU E 12 -0.54 -1.00 19.51
N ILE E 13 -1.69 -1.19 18.88
CA ILE E 13 -2.01 -2.41 18.15
C ILE E 13 -2.73 -1.96 16.88
N ARG E 14 -2.67 -2.76 15.82
CA ARG E 14 -3.31 -2.35 14.57
C ARG E 14 -4.25 -3.37 13.93
N ARG E 15 -4.70 -3.04 12.73
CA ARG E 15 -5.63 -3.87 11.95
C ARG E 15 -7.04 -3.83 12.50
N THR E 16 -7.93 -4.60 11.89
CA THR E 16 -9.34 -4.66 12.29
C THR E 16 -10.00 -3.30 12.06
N ALA E 17 -9.84 -2.41 13.03
CA ALA E 17 -10.38 -1.06 12.94
C ALA E 17 -9.16 -0.15 13.01
N ARG E 18 -8.05 -0.67 12.49
CA ARG E 18 -6.77 0.03 12.47
C ARG E 18 -6.33 0.35 13.88
N MET E 19 -5.72 1.52 14.07
CA MET E 19 -5.24 1.92 15.39
C MET E 19 -6.40 2.06 16.36
N GLN E 20 -6.76 0.96 17.02
CA GLN E 20 -7.86 0.95 17.98
C GLN E 20 -7.30 0.77 19.39
N ALA E 21 -6.12 0.18 19.49
CA ALA E 21 -5.47 -0.05 20.78
C ALA E 21 -6.23 -1.08 21.60
N GLY E 22 -6.73 -2.12 20.95
CA GLY E 22 -7.46 -3.16 21.64
C GLY E 22 -8.66 -3.69 20.87
N GLY E 23 -8.44 -4.02 19.60
CA GLY E 23 -9.52 -4.53 18.77
C GLY E 23 -9.57 -6.05 18.72
N ARG E 24 -10.36 -6.57 17.78
CA ARG E 24 -10.49 -8.02 17.62
C ARG E 24 -10.78 -8.40 16.16
N ARG E 25 -10.71 -9.69 15.87
CA ARG E 25 -10.95 -10.23 14.53
C ARG E 25 -9.77 -10.02 13.59
N PHE E 26 -9.67 -10.89 12.58
CA PHE E 26 -8.61 -10.82 11.59
C PHE E 26 -7.21 -10.84 12.23
N ARG E 27 -6.21 -10.44 11.47
CA ARG E 27 -4.83 -10.40 11.93
C ARG E 27 -4.56 -9.15 12.77
N PHE E 28 -3.40 -9.09 13.41
CA PHE E 28 -3.03 -7.94 14.24
C PHE E 28 -1.56 -7.55 14.10
N GLY E 29 -1.11 -6.69 15.00
CA GLY E 29 0.27 -6.23 15.01
C GLY E 29 0.46 -5.23 16.12
N ALA E 30 1.03 -5.68 17.24
CA ALA E 30 1.24 -4.82 18.39
C ALA E 30 2.70 -4.48 18.65
N LEU E 31 2.92 -3.35 19.32
CA LEU E 31 4.25 -2.88 19.67
C LEU E 31 4.30 -2.67 21.17
N VAL E 32 5.29 -3.28 21.83
CA VAL E 32 5.41 -3.17 23.28
C VAL E 32 6.77 -2.59 23.69
N VAL E 33 6.80 -1.95 24.86
CA VAL E 33 8.01 -1.35 25.39
C VAL E 33 8.23 -1.81 26.83
N VAL E 34 9.42 -2.32 27.12
CA VAL E 34 9.75 -2.80 28.45
C VAL E 34 10.82 -1.94 29.11
N GLY E 35 10.84 -1.95 30.44
CA GLY E 35 11.83 -1.18 31.18
C GLY E 35 11.79 -1.49 32.67
N ASP E 36 12.91 -1.25 33.35
CA ASP E 36 12.99 -1.51 34.79
C ASP E 36 13.24 -0.24 35.57
N ARG E 37 13.05 0.91 34.91
CA ARG E 37 13.25 2.20 35.54
C ARG E 37 14.69 2.36 36.03
N GLN E 38 15.63 1.70 35.37
CA GLN E 38 17.03 1.78 35.73
C GLN E 38 17.91 1.76 34.49
N GLY E 39 17.77 2.79 33.66
CA GLY E 39 18.55 2.90 32.45
C GLY E 39 18.59 1.64 31.59
N ARG E 40 17.45 0.99 31.45
CA ARG E 40 17.35 -0.22 30.64
C ARG E 40 15.96 -0.37 30.02
N VAL E 41 15.88 -0.24 28.70
CA VAL E 41 14.62 -0.36 27.99
C VAL E 41 14.78 -1.08 26.66
N GLY E 42 13.68 -1.21 25.92
CA GLY E 42 13.72 -1.87 24.64
C GLY E 42 12.34 -2.04 24.04
N LEU E 43 12.21 -1.73 22.75
CA LEU E 43 10.93 -1.85 22.05
C LEU E 43 10.78 -3.21 21.40
N GLY E 44 9.55 -3.65 21.22
CA GLY E 44 9.29 -4.94 20.60
C GLY E 44 8.02 -4.95 19.76
N PHE E 45 8.10 -5.55 18.59
CA PHE E 45 6.95 -5.63 17.69
C PHE E 45 6.63 -7.09 17.35
N GLY E 46 5.35 -7.35 17.08
CA GLY E 46 4.94 -8.71 16.75
C GLY E 46 3.63 -8.74 15.97
N LYS E 47 3.41 -9.83 15.24
CA LYS E 47 2.20 -9.99 14.45
C LYS E 47 1.56 -11.35 14.71
N ALA E 48 0.24 -11.35 14.89
CA ALA E 48 -0.49 -12.59 15.15
C ALA E 48 -1.99 -12.40 14.96
N PRO E 49 -2.69 -13.44 14.47
CA PRO E 49 -4.12 -13.40 14.23
C PRO E 49 -4.93 -13.03 15.48
N GLU E 50 -4.27 -13.06 16.63
CA GLU E 50 -4.92 -12.71 17.89
C GLU E 50 -4.06 -11.77 18.72
N VAL E 51 -4.72 -10.89 19.48
CA VAL E 51 -4.03 -9.93 20.32
C VAL E 51 -3.16 -10.62 21.38
N PRO E 52 -3.72 -11.62 22.09
CA PRO E 52 -2.95 -12.33 23.12
C PRO E 52 -1.58 -12.80 22.65
N LEU E 53 -1.50 -13.18 21.37
CA LEU E 53 -0.25 -13.65 20.80
C LEU E 53 0.56 -12.47 20.27
N ALA E 54 -0.13 -11.40 19.91
CA ALA E 54 0.51 -10.22 19.38
C ALA E 54 1.31 -9.48 20.46
N VAL E 55 0.80 -9.54 21.69
CA VAL E 55 1.45 -8.89 22.82
C VAL E 55 2.65 -9.71 23.31
N GLN E 56 2.50 -11.02 23.35
CA GLN E 56 3.57 -11.91 23.80
C GLN E 56 4.77 -11.82 22.86
N LYS E 57 4.54 -12.10 21.58
CA LYS E 57 5.59 -12.06 20.58
C LYS E 57 6.29 -10.70 20.59
N ALA E 58 5.50 -9.63 20.67
CA ALA E 58 6.04 -8.28 20.69
C ALA E 58 6.90 -8.09 21.94
N GLY E 59 6.48 -8.70 23.04
CA GLY E 59 7.22 -8.58 24.27
C GLY E 59 8.60 -9.21 24.17
N TYR E 60 8.64 -10.48 23.79
CA TYR E 60 9.90 -11.20 23.65
C TYR E 60 10.89 -10.45 22.79
N TYR E 61 10.41 -9.87 21.69
CA TYR E 61 11.26 -9.11 20.79
C TYR E 61 11.91 -7.95 21.53
N ALA E 62 11.11 -7.25 22.34
CA ALA E 62 11.60 -6.13 23.11
C ALA E 62 12.57 -6.62 24.18
N ARG E 63 12.45 -7.90 24.52
CA ARG E 63 13.30 -8.51 25.53
C ARG E 63 14.67 -8.88 24.95
N ARG E 64 14.78 -8.82 23.63
CA ARG E 64 16.04 -9.15 22.96
C ARG E 64 16.71 -7.87 22.46
N ASN E 65 16.00 -6.76 22.51
CA ASN E 65 16.52 -5.47 22.07
C ASN E 65 16.63 -4.50 23.22
N MET E 66 17.29 -4.92 24.30
CA MET E 66 17.47 -4.08 25.47
C MET E 66 18.74 -3.25 25.35
N VAL E 67 18.63 -1.96 25.68
CA VAL E 67 19.77 -1.06 25.62
C VAL E 67 19.96 -0.32 26.93
N GLU E 68 21.18 -0.33 27.45
CA GLU E 68 21.50 0.34 28.71
C GLU E 68 21.76 1.82 28.46
N VAL E 69 20.91 2.67 29.04
CA VAL E 69 21.05 4.11 28.90
C VAL E 69 21.41 4.74 30.23
N PRO E 70 22.44 5.60 30.26
CA PRO E 70 22.88 6.27 31.49
C PRO E 70 21.95 7.42 31.88
N LEU E 71 21.76 7.61 33.18
CA LEU E 71 20.92 8.68 33.69
C LEU E 71 21.67 9.59 34.65
N GLN E 72 21.29 10.87 34.66
CA GLN E 72 21.93 11.85 35.53
C GLN E 72 20.90 12.38 36.53
N ASN E 73 21.00 11.91 37.77
CA ASN E 73 20.07 12.31 38.83
C ASN E 73 18.65 11.84 38.49
N GLY E 74 17.89 12.72 37.84
CA GLY E 74 16.53 12.38 37.47
C GLY E 74 16.23 12.73 36.03
N THR E 75 17.25 13.19 35.32
CA THR E 75 17.13 13.57 33.92
C THR E 75 18.24 12.97 33.09
N ILE E 76 18.09 13.03 31.77
CA ILE E 76 19.10 12.49 30.86
C ILE E 76 20.44 13.18 31.13
N PRO E 77 21.55 12.45 30.94
CA PRO E 77 22.89 13.00 31.16
C PRO E 77 23.25 14.11 30.18
N HIS E 78 22.61 14.10 29.00
CA HIS E 78 22.88 15.11 27.99
C HIS E 78 21.94 15.04 26.80
N GLU E 79 22.05 16.04 25.92
CA GLU E 79 21.21 16.12 24.73
C GLU E 79 21.62 15.12 23.65
N ILE E 80 20.66 14.73 22.82
CA ILE E 80 20.89 13.79 21.73
C ILE E 80 19.91 14.02 20.59
N GLU E 81 20.38 13.85 19.36
CA GLU E 81 19.55 14.04 18.18
C GLU E 81 19.46 12.74 17.38
N VAL E 82 18.26 12.17 17.31
CA VAL E 82 18.04 10.93 16.59
C VAL E 82 17.22 11.15 15.32
N GLU E 83 17.39 10.25 14.34
CA GLU E 83 16.67 10.33 13.09
C GLU E 83 16.39 8.93 12.57
N PHE E 84 15.24 8.37 12.96
CA PHE E 84 14.85 7.03 12.53
C PHE E 84 13.55 7.10 11.75
N GLY E 85 13.66 7.06 10.43
CA GLY E 85 12.48 7.12 9.58
C GLY E 85 11.98 8.54 9.39
N ALA E 86 10.68 8.74 9.54
CA ALA E 86 10.08 10.05 9.38
C ALA E 86 10.13 10.83 10.69
N SER E 87 10.40 10.12 11.79
CA SER E 87 10.48 10.74 13.11
C SER E 87 11.89 11.25 13.39
N LYS E 88 11.98 12.46 13.92
CA LYS E 88 13.27 13.07 14.24
C LYS E 88 13.18 13.89 15.52
N ILE E 89 13.12 13.19 16.65
CA ILE E 89 13.03 13.83 17.96
C ILE E 89 14.40 14.10 18.58
N VAL E 90 14.49 15.17 19.36
CA VAL E 90 15.73 15.54 20.04
C VAL E 90 15.48 15.64 21.53
N LEU E 91 16.44 15.24 22.34
CA LEU E 91 16.30 15.29 23.79
C LEU E 91 17.20 16.35 24.42
N LYS E 92 16.75 16.90 25.55
CA LYS E 92 17.50 17.92 26.26
C LYS E 92 17.27 17.80 27.76
N PRO E 93 18.35 17.77 28.56
CA PRO E 93 18.26 17.65 30.02
C PRO E 93 17.28 18.65 30.63
N ALA E 94 16.58 18.22 31.69
CA ALA E 94 15.63 19.07 32.37
C ALA E 94 15.88 19.08 33.87
N ALA E 95 15.81 20.26 34.47
CA ALA E 95 16.03 20.42 35.91
C ALA E 95 15.05 19.55 36.70
N PRO E 96 15.40 19.21 37.94
CA PRO E 96 14.53 18.38 38.79
C PRO E 96 13.20 19.06 39.12
N GLY E 97 12.12 18.50 38.60
CA GLY E 97 10.80 19.06 38.84
C GLY E 97 10.14 19.54 37.57
N THR E 98 10.83 19.34 36.44
CA THR E 98 10.31 19.76 35.14
C THR E 98 9.25 18.77 34.65
N GLY E 99 9.43 17.50 34.98
CA GLY E 99 8.49 16.48 34.55
C GLY E 99 8.86 15.90 33.20
N VAL E 100 8.61 14.60 33.03
CA VAL E 100 8.93 13.92 31.78
C VAL E 100 8.17 14.55 30.62
N ILE E 101 8.74 15.59 30.04
CA ILE E 101 8.11 16.28 28.91
C ILE E 101 8.09 15.39 27.67
N ALA E 102 6.97 14.71 27.47
CA ALA E 102 6.80 13.82 26.32
C ALA E 102 5.33 13.46 26.17
N GLY E 103 4.98 12.90 25.01
CA GLY E 103 3.61 12.52 24.76
C GLY E 103 3.20 11.26 25.51
N ALA E 104 2.60 10.32 24.79
CA ALA E 104 2.15 9.07 25.38
C ALA E 104 3.17 7.96 25.13
N VAL E 105 3.37 7.64 23.85
CA VAL E 105 4.32 6.60 23.47
C VAL E 105 5.77 6.99 23.73
N PRO E 106 6.15 8.23 23.38
CA PRO E 106 7.54 8.64 23.63
C PRO E 106 7.87 8.56 25.12
N ARG E 107 7.02 9.19 25.94
CA ARG E 107 7.22 9.18 27.38
C ARG E 107 7.16 7.76 27.93
N ALA E 108 6.50 6.87 27.18
CA ALA E 108 6.38 5.48 27.59
C ALA E 108 7.74 4.80 27.68
N ILE E 109 8.64 5.13 26.76
CA ILE E 109 9.97 4.54 26.75
C ILE E 109 10.92 5.35 27.63
N LEU E 110 10.45 6.50 28.10
CA LEU E 110 11.25 7.37 28.96
C LEU E 110 11.07 6.97 30.42
N GLU E 111 9.81 6.88 30.86
CA GLU E 111 9.50 6.51 32.23
C GLU E 111 10.12 5.16 32.58
N LEU E 112 10.10 4.23 31.63
CA LEU E 112 10.66 2.90 31.85
C LEU E 112 12.19 2.96 31.88
N ALA E 113 12.73 4.08 31.41
CA ALA E 113 14.17 4.27 31.38
C ALA E 113 14.67 4.77 32.74
N GLY E 114 13.76 5.39 33.49
CA GLY E 114 14.11 5.90 34.80
C GLY E 114 14.16 7.42 34.85
N VAL E 115 14.05 8.06 33.70
CA VAL E 115 14.08 9.52 33.63
C VAL E 115 12.79 10.13 34.15
N THR E 116 12.90 11.24 34.87
CA THR E 116 11.74 11.93 35.42
C THR E 116 11.66 13.36 34.88
N ASP E 117 12.72 13.78 34.21
CA ASP E 117 12.78 15.13 33.64
C ASP E 117 13.55 15.09 32.33
N ILE E 118 13.00 15.73 31.30
CA ILE E 118 13.64 15.75 29.99
C ILE E 118 12.82 16.55 28.98
N LEU E 119 13.52 17.20 28.05
CA LEU E 119 12.87 17.99 27.01
C LEU E 119 12.84 17.18 25.72
N THR E 120 11.80 17.37 24.92
CA THR E 120 11.66 16.63 23.67
C THR E 120 11.04 17.48 22.56
N LYS E 121 11.61 17.36 21.35
CA LYS E 121 11.13 18.10 20.20
C LYS E 121 11.49 17.36 18.91
N GLU E 122 10.48 17.06 18.09
CA GLU E 122 10.71 16.35 16.84
C GLU E 122 10.39 17.22 15.63
N LEU E 123 10.72 16.72 14.45
CA LEU E 123 10.46 17.44 13.20
C LEU E 123 10.07 16.47 12.09
N GLY E 124 9.05 15.67 12.35
CA GLY E 124 8.59 14.72 11.36
C GLY E 124 7.31 14.00 11.77
N SER E 125 7.32 12.67 11.64
CA SER E 125 6.16 11.87 11.99
C SER E 125 5.79 12.04 13.46
N ARG E 126 4.58 11.61 13.82
CA ARG E 126 4.10 11.72 15.20
C ARG E 126 3.38 10.46 15.64
N ASN E 127 3.26 9.48 14.75
CA ASN E 127 2.60 8.23 15.07
C ASN E 127 3.36 7.46 16.13
N PRO E 128 2.63 6.74 17.00
CA PRO E 128 3.21 5.94 18.09
C PRO E 128 4.32 5.00 17.64
N ILE E 129 4.35 4.70 16.33
CA ILE E 129 5.36 3.80 15.78
C ILE E 129 6.72 4.48 15.65
N ASN E 130 6.85 5.35 14.65
CA ASN E 130 8.10 6.06 14.41
C ASN E 130 8.59 6.82 15.63
N ILE E 131 7.68 7.49 16.32
CA ILE E 131 8.04 8.27 17.51
C ILE E 131 8.68 7.37 18.57
N ALA E 132 8.36 6.09 18.54
CA ALA E 132 8.90 5.13 19.50
C ALA E 132 10.33 4.76 19.13
N TYR E 133 10.53 4.30 17.91
CA TYR E 133 11.86 3.90 17.43
C TYR E 133 12.80 5.10 17.38
N ALA E 134 12.24 6.29 17.20
CA ALA E 134 13.03 7.51 17.14
C ALA E 134 13.72 7.77 18.46
N THR E 135 12.93 8.12 19.47
CA THR E 135 13.47 8.40 20.81
C THR E 135 14.30 7.23 21.30
N MET E 136 13.94 6.03 20.85
CA MET E 136 14.66 4.83 21.25
C MET E 136 16.09 4.86 20.73
N GLU E 137 16.25 4.99 19.42
CA GLU E 137 17.56 5.06 18.80
C GLU E 137 18.32 6.22 19.43
N ALA E 138 17.58 7.25 19.83
CA ALA E 138 18.18 8.42 20.46
C ALA E 138 18.89 7.98 21.73
N LEU E 139 18.20 7.19 22.55
CA LEU E 139 18.76 6.70 23.80
C LEU E 139 20.01 5.85 23.54
N ARG E 140 20.24 5.56 22.26
CA ARG E 140 21.40 4.77 21.86
C ARG E 140 22.55 5.70 21.48
N GLN E 141 22.39 6.98 21.79
CA GLN E 141 23.41 7.97 21.49
C GLN E 141 24.09 8.48 22.75
N LEU E 142 23.47 8.23 23.91
CA LEU E 142 24.04 8.66 25.18
C LEU E 142 25.49 8.22 25.27
N ARG E 143 26.39 9.19 25.22
CA ARG E 143 27.82 8.91 25.28
C ARG E 143 28.34 8.50 26.66
N THR E 144 29.12 7.42 26.66
CA THR E 144 29.72 6.89 27.89
C THR E 144 31.17 6.58 27.57
N LYS E 145 32.07 6.88 28.52
CA LYS E 145 33.49 6.64 28.32
C LYS E 145 34.00 7.51 27.18
N ALA E 146 33.17 8.46 26.76
CA ALA E 146 33.52 9.36 25.67
C ALA E 146 34.79 10.13 26.00
N ASP E 147 34.85 10.69 27.20
CA ASP E 147 36.02 11.44 27.65
C ASP E 147 37.22 10.51 27.75
N VAL E 148 36.96 9.22 27.60
CA VAL E 148 38.01 8.21 27.67
C VAL E 148 38.47 7.83 26.26
N GLU E 149 37.54 7.79 25.33
CA GLU E 149 37.84 7.44 23.95
C GLU E 149 38.36 8.65 23.17
N ARG E 150 38.65 9.73 23.91
CA ARG E 150 39.15 10.94 23.29
C ARG E 150 40.45 11.41 23.92
N LEU E 151 40.91 10.69 24.95
CA LEU E 151 42.15 11.06 25.63
C LEU E 151 42.96 9.86 26.11
N ARG E 152 43.01 8.82 25.30
CA ARG E 152 43.77 7.62 25.68
C ARG E 152 44.39 6.91 24.47
N LYS E 153 44.98 5.74 24.74
CA LYS E 153 45.63 4.94 23.71
C LYS E 153 44.68 4.46 22.63
N GLY E 154 45.19 3.59 21.76
CA GLY E 154 44.41 3.04 20.67
C GLY E 154 45.21 2.02 19.89
N GLU E 155 45.06 0.75 20.25
CA GLU E 155 45.79 -0.32 19.58
C GLU E 155 45.13 -0.75 18.27
N ALA E 156 45.23 -2.05 17.97
CA ALA E 156 44.66 -2.59 16.74
C ALA E 156 43.15 -2.40 16.67
N HIS E 157 42.69 -1.78 15.59
CA HIS E 157 41.27 -1.53 15.39
C HIS E 157 40.89 -1.72 13.92
N MET F 1 47.72 27.81 -48.77
CA MET F 1 47.99 26.77 -49.81
C MET F 1 47.61 25.38 -49.32
N ARG F 2 46.46 24.89 -49.79
CA ARG F 2 45.98 23.57 -49.40
C ARG F 2 46.21 22.53 -50.49
N ARG F 3 46.86 21.43 -50.12
CA ARG F 3 47.13 20.34 -51.06
C ARG F 3 45.85 19.55 -51.25
N TYR F 4 45.57 19.17 -52.50
CA TYR F 4 44.35 18.41 -52.79
C TYR F 4 44.58 17.13 -53.58
N GLU F 5 43.52 16.70 -54.26
CA GLU F 5 43.56 15.47 -55.05
C GLU F 5 42.28 15.37 -55.89
N VAL F 6 42.44 15.23 -57.19
CA VAL F 6 41.28 15.14 -58.09
C VAL F 6 41.24 13.81 -58.85
N ASN F 7 40.04 13.25 -58.97
CA ASN F 7 39.82 12.00 -59.68
C ASN F 7 38.84 12.23 -60.83
N ILE F 8 39.34 12.27 -62.05
CA ILE F 8 38.51 12.50 -63.22
C ILE F 8 38.31 11.22 -64.03
N VAL F 9 37.14 11.09 -64.65
CA VAL F 9 36.82 9.93 -65.47
C VAL F 9 36.33 10.38 -66.83
N LEU F 10 37.15 10.18 -67.87
CA LEU F 10 36.79 10.58 -69.22
C LEU F 10 36.02 9.48 -69.94
N ASN F 11 35.65 9.74 -71.19
CA ASN F 11 34.90 8.78 -71.99
C ASN F 11 35.80 7.61 -72.39
N PRO F 12 35.34 6.38 -72.12
CA PRO F 12 36.11 5.15 -72.44
C PRO F 12 36.17 4.85 -73.93
N ASN F 13 35.80 5.82 -74.76
CA ASN F 13 35.83 5.63 -76.21
C ASN F 13 36.57 6.77 -76.89
N LEU F 14 37.63 7.24 -76.26
CA LEU F 14 38.44 8.33 -76.81
C LEU F 14 39.81 7.82 -77.25
N ASP F 15 40.27 8.30 -78.41
CA ASP F 15 41.56 7.90 -78.94
C ASP F 15 42.70 8.52 -78.14
N GLN F 16 43.93 8.12 -78.44
CA GLN F 16 45.10 8.64 -77.76
C GLN F 16 45.25 10.13 -77.99
N SER F 17 44.73 10.60 -79.13
CA SER F 17 44.80 12.02 -79.49
C SER F 17 43.81 12.82 -78.65
N GLN F 18 42.56 12.38 -78.63
CA GLN F 18 41.52 13.05 -77.87
C GLN F 18 41.81 12.96 -76.37
N LEU F 19 42.34 11.81 -75.95
CA LEU F 19 42.66 11.59 -74.55
C LEU F 19 43.77 12.54 -74.13
N ALA F 20 44.76 12.72 -74.98
CA ALA F 20 45.88 13.62 -74.70
C ALA F 20 45.41 15.06 -74.65
N LEU F 21 44.39 15.37 -75.46
CA LEU F 21 43.85 16.73 -75.50
C LEU F 21 43.19 17.09 -74.17
N GLU F 22 42.33 16.20 -73.68
CA GLU F 22 41.63 16.41 -72.42
C GLU F 22 42.60 16.71 -71.28
N LYS F 23 43.64 15.90 -71.18
CA LYS F 23 44.65 16.07 -70.13
C LYS F 23 45.33 17.43 -70.26
N GLU F 24 45.67 17.81 -71.48
CA GLU F 24 46.32 19.10 -71.74
C GLU F 24 45.40 20.25 -71.33
N ILE F 25 44.10 19.98 -71.32
CA ILE F 25 43.12 21.00 -70.97
C ILE F 25 42.87 21.02 -69.46
N ILE F 26 42.94 19.86 -68.83
CA ILE F 26 42.72 19.75 -67.39
C ILE F 26 43.92 20.30 -66.62
N GLN F 27 45.12 19.90 -67.02
CA GLN F 27 46.34 20.37 -66.38
C GLN F 27 46.40 21.88 -66.52
N ARG F 28 46.01 22.36 -67.70
CA ARG F 28 46.01 23.79 -68.00
C ARG F 28 45.04 24.52 -67.07
N ALA F 29 43.76 24.17 -67.17
CA ALA F 29 42.72 24.80 -66.36
C ALA F 29 43.13 24.90 -64.89
N LEU F 30 43.83 23.88 -64.41
CA LEU F 30 44.28 23.85 -63.03
C LEU F 30 45.24 24.99 -62.74
N GLU F 31 46.25 25.14 -63.60
CA GLU F 31 47.24 26.20 -63.44
C GLU F 31 46.58 27.57 -63.42
N ASN F 32 45.46 27.70 -64.11
CA ASN F 32 44.73 28.97 -64.17
C ASN F 32 44.09 29.29 -62.82
N TYR F 33 44.11 28.32 -61.92
CA TYR F 33 43.54 28.50 -60.59
C TYR F 33 44.60 28.32 -59.51
N GLY F 34 45.87 28.51 -59.89
CA GLY F 34 46.95 28.36 -58.94
C GLY F 34 47.20 26.93 -58.51
N ALA F 35 47.00 25.99 -59.44
CA ALA F 35 47.21 24.58 -59.15
C ALA F 35 48.49 24.08 -59.80
N ARG F 36 49.39 23.53 -58.99
CA ARG F 36 50.65 23.01 -59.50
C ARG F 36 50.61 21.48 -59.56
N VAL F 37 50.68 20.94 -60.77
CA VAL F 37 50.65 19.50 -60.97
C VAL F 37 51.88 18.86 -60.34
N GLU F 38 51.68 18.21 -59.20
CA GLU F 38 52.78 17.56 -58.49
C GLU F 38 53.01 16.13 -58.98
N LYS F 39 52.00 15.53 -59.58
CA LYS F 39 52.10 14.17 -60.09
C LYS F 39 50.82 13.75 -60.83
N VAL F 40 50.99 12.90 -61.83
CA VAL F 40 49.87 12.41 -62.63
C VAL F 40 49.99 10.91 -62.88
N GLU F 41 48.86 10.21 -62.81
CA GLU F 41 48.83 8.78 -63.04
C GLU F 41 47.60 8.38 -63.85
N GLU F 42 47.78 7.47 -64.79
CA GLU F 42 46.69 7.01 -65.64
C GLU F 42 46.30 5.57 -65.26
N LEU F 43 45.34 5.46 -64.36
CA LEU F 43 44.87 4.15 -63.89
C LEU F 43 44.51 3.24 -65.07
N GLY F 44 43.50 3.65 -65.84
CA GLY F 44 43.09 2.85 -66.97
C GLY F 44 41.58 2.75 -67.11
N LEU F 45 41.10 1.56 -67.46
CA LEU F 45 39.68 1.33 -67.63
C LEU F 45 39.17 0.23 -66.69
N ARG F 46 38.45 0.63 -65.66
CA ARG F 46 37.90 -0.33 -64.70
C ARG F 46 36.39 -0.43 -64.91
N ARG F 47 35.64 -0.49 -63.81
CA ARG F 47 34.19 -0.59 -63.88
C ARG F 47 33.51 0.29 -62.84
N LEU F 48 32.63 1.17 -63.32
CA LEU F 48 31.90 2.09 -62.45
C LEU F 48 30.88 1.35 -61.60
N ALA F 49 30.56 1.92 -60.44
CA ALA F 49 29.58 1.33 -59.54
C ALA F 49 28.19 1.68 -60.06
N TYR F 50 28.17 2.46 -61.13
CA TYR F 50 26.92 2.89 -61.76
C TYR F 50 27.21 3.35 -63.18
N PRO F 51 26.41 2.88 -64.16
CA PRO F 51 26.59 3.25 -65.57
C PRO F 51 26.26 4.71 -65.86
N ILE F 52 27.30 5.51 -66.11
CA ILE F 52 27.13 6.92 -66.40
C ILE F 52 27.00 7.11 -67.91
N ALA F 53 26.01 7.89 -68.31
CA ALA F 53 25.76 8.16 -69.73
C ALA F 53 25.64 6.85 -70.50
N LYS F 54 24.94 5.88 -69.90
CA LYS F 54 24.74 4.58 -70.51
C LYS F 54 26.09 3.90 -70.75
N ASP F 55 27.06 4.19 -69.89
CA ASP F 55 28.40 3.61 -69.99
C ASP F 55 28.81 3.01 -68.65
N PRO F 56 28.85 1.67 -68.58
CA PRO F 56 29.24 0.95 -67.35
C PRO F 56 30.72 1.11 -66.99
N GLN F 57 31.51 1.58 -67.94
CA GLN F 57 32.95 1.76 -67.71
C GLN F 57 33.42 3.14 -68.17
N GLY F 58 34.63 3.50 -67.76
CA GLY F 58 35.20 4.78 -68.13
C GLY F 58 36.68 4.85 -67.85
N TYR F 59 37.35 5.83 -68.43
CA TYR F 59 38.79 6.01 -68.24
C TYR F 59 39.04 6.93 -67.05
N PHE F 60 39.80 6.44 -66.07
CA PHE F 60 40.12 7.22 -64.88
C PHE F 60 41.46 7.93 -64.96
N LEU F 61 41.52 9.12 -64.38
CA LEU F 61 42.73 9.92 -64.36
C LEU F 61 43.12 10.21 -62.93
N TRP F 62 44.40 10.51 -62.69
CA TRP F 62 44.88 10.80 -61.35
C TRP F 62 45.69 12.09 -61.31
N TYR F 63 45.29 13.02 -60.44
CA TYR F 63 45.98 14.29 -60.31
C TYR F 63 46.25 14.64 -58.85
N GLN F 64 47.28 15.46 -58.63
CA GLN F 64 47.66 15.89 -57.28
C GLN F 64 48.29 17.27 -57.35
N VAL F 65 47.53 18.28 -56.94
CA VAL F 65 48.02 19.66 -56.97
C VAL F 65 47.77 20.37 -55.65
N GLU F 66 48.43 21.50 -55.46
CA GLU F 66 48.28 22.31 -54.25
C GLU F 66 47.79 23.69 -54.63
N MET F 67 46.52 23.77 -55.03
CA MET F 67 45.91 25.03 -55.44
C MET F 67 45.17 25.71 -54.30
N PRO F 68 44.87 27.02 -54.45
CA PRO F 68 44.16 27.79 -53.43
C PRO F 68 42.91 27.08 -52.90
N GLU F 69 42.70 27.20 -51.59
CA GLU F 69 41.56 26.58 -50.94
C GLU F 69 40.22 27.13 -51.42
N ASP F 70 40.14 28.45 -51.56
CA ASP F 70 38.92 29.11 -51.99
C ASP F 70 38.76 29.16 -53.51
N ARG F 71 39.22 28.13 -54.20
CA ARG F 71 39.12 28.07 -55.66
C ARG F 71 39.01 26.64 -56.16
N VAL F 72 38.79 25.71 -55.23
CA VAL F 72 38.67 24.30 -55.58
C VAL F 72 37.36 24.02 -56.30
N ASN F 73 36.26 24.35 -55.65
CA ASN F 73 34.93 24.13 -56.21
C ASN F 73 34.81 24.77 -57.59
N ASP F 74 35.62 25.80 -57.83
CA ASP F 74 35.62 26.50 -59.11
C ASP F 74 36.26 25.65 -60.21
N LEU F 75 37.23 24.82 -59.81
CA LEU F 75 37.92 23.96 -60.76
C LEU F 75 37.06 22.77 -61.15
N ALA F 76 36.51 22.09 -60.15
CA ALA F 76 35.65 20.93 -60.38
C ALA F 76 34.56 21.28 -61.37
N ARG F 77 34.03 22.49 -61.25
CA ARG F 77 32.97 22.97 -62.13
C ARG F 77 33.54 23.27 -63.51
N GLU F 78 34.78 23.76 -63.53
CA GLU F 78 35.46 24.10 -64.77
C GLU F 78 35.94 22.85 -65.50
N LEU F 79 35.83 21.70 -64.82
CA LEU F 79 36.26 20.43 -65.40
C LEU F 79 35.09 19.57 -65.84
N ARG F 80 34.01 19.60 -65.06
CA ARG F 80 32.83 18.80 -65.37
C ARG F 80 32.00 19.37 -66.53
N ILE F 81 32.43 20.50 -67.07
CA ILE F 81 31.72 21.14 -68.17
C ILE F 81 32.02 20.39 -69.47
N ARG F 82 33.15 19.70 -69.49
CA ARG F 82 33.56 18.94 -70.67
C ARG F 82 32.64 17.76 -70.93
N ASP F 83 32.28 17.56 -72.19
CA ASP F 83 31.39 16.47 -72.57
C ASP F 83 32.07 15.13 -72.34
N ASN F 84 33.39 15.10 -72.48
CA ASN F 84 34.17 13.89 -72.29
C ASN F 84 34.22 13.52 -70.80
N VAL F 85 34.45 14.53 -69.97
CA VAL F 85 34.51 14.32 -68.53
C VAL F 85 33.21 13.71 -68.02
N ARG F 86 33.28 12.43 -67.64
CA ARG F 86 32.11 11.72 -67.15
C ARG F 86 31.77 12.18 -65.73
N ARG F 87 32.80 12.51 -64.97
CA ARG F 87 32.63 12.96 -63.59
C ARG F 87 33.96 13.39 -62.98
N VAL F 88 33.89 14.16 -61.90
CA VAL F 88 35.09 14.63 -61.22
C VAL F 88 34.95 14.52 -59.70
N MET F 89 36.04 14.12 -59.04
CA MET F 89 36.06 13.98 -57.59
C MET F 89 37.27 14.67 -57.00
N VAL F 90 37.06 15.41 -55.92
CA VAL F 90 38.15 16.13 -55.26
C VAL F 90 38.14 15.84 -53.76
N VAL F 91 39.32 15.66 -53.18
CA VAL F 91 39.44 15.37 -51.76
C VAL F 91 40.53 16.25 -51.14
N LYS F 92 41.45 15.64 -50.39
CA LYS F 92 42.51 16.40 -49.75
C LYS F 92 43.74 15.56 -49.38
N SER F 93 44.89 16.23 -49.31
CA SER F 93 46.16 15.61 -48.94
C SER F 93 46.68 14.53 -49.88
N GLN F 94 47.69 14.89 -50.67
CA GLN F 94 48.34 13.99 -51.62
C GLN F 94 47.38 13.04 -52.34
N GLU F 95 47.70 11.76 -52.33
CA GLU F 95 46.91 10.73 -52.99
C GLU F 95 45.51 10.60 -52.37
N PRO F 96 44.47 10.45 -53.22
CA PRO F 96 43.08 10.31 -52.80
C PRO F 96 42.69 8.93 -52.27
N PHE F 97 42.13 8.90 -51.08
CA PHE F 97 41.68 7.67 -50.44
C PHE F 97 41.02 7.92 -49.08
N ARG G 3 -4.26 -36.34 -21.59
CA ARG G 3 -3.12 -36.05 -22.50
C ARG G 3 -1.88 -36.86 -22.11
N ARG G 4 -0.93 -36.95 -23.02
CA ARG G 4 0.32 -37.68 -22.80
C ARG G 4 0.08 -39.18 -22.69
N ARG G 5 1.17 -39.95 -22.69
CA ARG G 5 1.10 -41.41 -22.59
C ARG G 5 0.54 -42.04 -23.86
N ARG G 6 -0.05 -41.22 -24.72
CA ARG G 6 -0.63 -41.70 -25.97
C ARG G 6 -1.73 -42.73 -25.69
N ALA G 7 -2.20 -42.76 -24.45
CA ALA G 7 -3.25 -43.68 -24.03
C ALA G 7 -3.15 -45.06 -24.69
N GLU G 8 -4.30 -45.70 -24.88
CA GLU G 8 -4.35 -47.01 -25.50
C GLU G 8 -5.62 -47.16 -26.33
N VAL G 9 -5.67 -48.21 -27.14
CA VAL G 9 -6.83 -48.47 -28.00
C VAL G 9 -7.25 -49.94 -27.87
N ARG G 10 -6.51 -50.69 -27.07
CA ARG G 10 -6.78 -52.11 -26.86
C ARG G 10 -6.64 -52.89 -28.16
N GLN G 11 -6.60 -54.21 -28.05
CA GLN G 11 -6.47 -55.07 -29.22
C GLN G 11 -7.25 -56.37 -29.05
N LEU G 12 -8.18 -56.62 -29.98
CA LEU G 12 -9.01 -57.81 -29.94
C LEU G 12 -8.48 -58.96 -30.79
N GLN G 13 -9.12 -60.12 -30.65
CA GLN G 13 -8.72 -61.31 -31.39
C GLN G 13 -9.63 -61.54 -32.60
N PRO G 14 -9.25 -62.49 -33.48
CA PRO G 14 -10.00 -62.84 -34.70
C PRO G 14 -11.47 -63.14 -34.41
N ASP G 15 -12.15 -63.75 -35.38
CA ASP G 15 -13.56 -64.08 -35.22
C ASP G 15 -13.81 -65.59 -35.16
N LEU G 16 -13.37 -66.30 -36.20
CA LEU G 16 -13.56 -67.74 -36.26
C LEU G 16 -13.01 -68.38 -37.54
N VAL G 17 -13.67 -68.08 -38.67
CA VAL G 17 -13.27 -68.63 -39.96
C VAL G 17 -12.44 -67.67 -40.80
N TYR G 18 -11.92 -66.61 -40.19
CA TYR G 18 -11.11 -65.64 -40.92
C TYR G 18 -9.79 -65.32 -40.23
N GLY G 19 -9.79 -65.36 -38.91
CA GLY G 19 -8.58 -65.07 -38.17
C GLY G 19 -8.06 -63.67 -38.40
N ASP G 20 -8.94 -62.68 -38.28
CA ASP G 20 -8.57 -61.29 -38.49
C ASP G 20 -9.23 -60.37 -37.45
N VAL G 21 -8.53 -59.31 -37.07
CA VAL G 21 -9.03 -58.37 -36.08
C VAL G 21 -10.03 -57.37 -36.67
N LEU G 22 -9.73 -56.88 -37.88
CA LEU G 22 -10.61 -55.93 -38.55
C LEU G 22 -12.02 -56.47 -38.66
N VAL G 23 -12.15 -57.80 -38.64
CA VAL G 23 -13.45 -58.45 -38.74
C VAL G 23 -14.36 -57.97 -37.61
N THR G 24 -13.99 -58.29 -36.38
CA THR G 24 -14.78 -57.89 -35.21
C THR G 24 -14.95 -56.38 -35.19
N ALA G 25 -13.90 -55.66 -35.57
CA ALA G 25 -13.94 -54.20 -35.60
C ALA G 25 -15.08 -53.73 -36.51
N PHE G 26 -15.25 -54.42 -37.64
CA PHE G 26 -16.31 -54.08 -38.57
C PHE G 26 -17.65 -54.52 -38.00
N ILE G 27 -17.65 -55.63 -37.26
CA ILE G 27 -18.85 -56.14 -36.64
C ILE G 27 -19.36 -55.13 -35.63
N ASN G 28 -18.43 -54.35 -35.08
CA ASN G 28 -18.76 -53.32 -34.09
C ASN G 28 -19.51 -52.17 -34.76
N LYS G 29 -19.23 -51.96 -36.04
CA LYS G 29 -19.90 -50.90 -36.78
C LYS G 29 -21.33 -51.32 -37.07
N ILE G 30 -21.49 -52.54 -37.58
CA ILE G 30 -22.81 -53.07 -37.88
C ILE G 30 -23.54 -53.24 -36.56
N MET G 31 -22.76 -53.37 -35.49
CA MET G 31 -23.30 -53.53 -34.14
C MET G 31 -24.27 -52.40 -33.80
N ARG G 32 -25.40 -52.77 -33.23
CA ARG G 32 -26.41 -51.80 -32.84
C ARG G 32 -27.23 -52.35 -31.67
N ASP G 33 -27.66 -51.45 -30.79
CA ASP G 33 -28.44 -51.83 -29.62
C ASP G 33 -27.55 -52.61 -28.64
N GLY G 34 -26.27 -52.74 -28.98
CA GLY G 34 -25.34 -53.44 -28.12
C GLY G 34 -25.29 -54.94 -28.37
N LYS G 35 -26.01 -55.41 -29.37
CA LYS G 35 -26.03 -56.83 -29.69
C LYS G 35 -25.03 -57.20 -30.79
N LYS G 36 -23.89 -57.74 -30.39
CA LYS G 36 -22.87 -58.14 -31.34
C LYS G 36 -23.20 -59.51 -31.92
N ASN G 37 -23.83 -60.35 -31.11
CA ASN G 37 -24.21 -61.69 -31.53
C ASN G 37 -24.98 -61.63 -32.84
N LEU G 38 -25.92 -60.70 -32.92
CA LEU G 38 -26.73 -60.53 -34.12
C LEU G 38 -25.87 -60.01 -35.26
N ALA G 39 -25.24 -58.86 -35.04
CA ALA G 39 -24.37 -58.24 -36.05
C ALA G 39 -23.31 -59.24 -36.51
N ALA G 40 -22.96 -60.16 -35.63
CA ALA G 40 -21.95 -61.17 -35.93
C ALA G 40 -22.45 -62.05 -37.07
N ARG G 41 -23.57 -62.73 -36.85
CA ARG G 41 -24.15 -63.59 -37.86
C ARG G 41 -24.42 -62.79 -39.14
N ILE G 42 -24.91 -61.57 -38.97
CA ILE G 42 -25.20 -60.70 -40.10
C ILE G 42 -23.99 -60.60 -41.02
N PHE G 43 -22.81 -60.60 -40.42
CA PHE G 43 -21.56 -60.51 -41.19
C PHE G 43 -21.23 -61.87 -41.80
N TYR G 44 -21.29 -62.91 -40.99
CA TYR G 44 -21.01 -64.26 -41.46
C TYR G 44 -21.95 -64.63 -42.60
N ASP G 45 -23.24 -64.38 -42.39
CA ASP G 45 -24.24 -64.68 -43.41
C ASP G 45 -23.98 -63.82 -44.64
N ALA G 46 -23.54 -62.58 -44.41
CA ALA G 46 -23.24 -61.66 -45.49
C ALA G 46 -22.10 -62.21 -46.34
N CYS G 47 -21.14 -62.84 -45.66
CA CYS G 47 -19.99 -63.43 -46.33
C CYS G 47 -20.40 -64.70 -47.06
N LYS G 48 -21.26 -65.49 -46.43
CA LYS G 48 -21.73 -66.73 -47.03
C LYS G 48 -22.34 -66.45 -48.40
N ILE G 49 -23.07 -65.33 -48.48
CA ILE G 49 -23.71 -64.93 -49.73
C ILE G 49 -22.65 -64.58 -50.78
N ILE G 50 -21.54 -64.02 -50.31
CA ILE G 50 -20.44 -63.64 -51.19
C ILE G 50 -19.83 -64.87 -51.87
N GLN G 51 -19.46 -65.85 -51.05
CA GLN G 51 -18.85 -67.08 -51.55
C GLN G 51 -19.85 -67.88 -52.38
N GLU G 52 -21.14 -67.65 -52.16
CA GLU G 52 -22.19 -68.35 -52.89
C GLU G 52 -22.63 -67.54 -54.10
N LYS G 53 -21.91 -66.46 -54.39
CA LYS G 53 -22.24 -65.62 -55.54
C LYS G 53 -20.99 -65.28 -56.35
N THR G 54 -19.83 -65.44 -55.74
CA THR G 54 -18.56 -65.14 -56.41
C THR G 54 -17.63 -66.35 -56.37
N GLY G 55 -17.83 -67.22 -55.38
CA GLY G 55 -17.01 -68.40 -55.25
C GLY G 55 -15.65 -68.09 -54.65
N GLN G 56 -15.36 -66.81 -54.49
CA GLN G 56 -14.08 -66.37 -53.93
C GLN G 56 -14.15 -66.36 -52.41
N GLU G 57 -12.99 -66.20 -51.78
CA GLU G 57 -12.91 -66.17 -50.33
C GLU G 57 -13.54 -64.89 -49.77
N PRO G 58 -14.50 -65.03 -48.85
CA PRO G 58 -15.18 -63.89 -48.25
C PRO G 58 -14.25 -63.03 -47.39
N LEU G 59 -13.04 -63.53 -47.16
CA LEU G 59 -12.06 -62.82 -46.35
C LEU G 59 -11.25 -61.88 -47.24
N LYS G 60 -10.75 -62.42 -48.35
CA LYS G 60 -9.95 -61.63 -49.28
C LYS G 60 -10.80 -60.51 -49.88
N VAL G 61 -12.10 -60.72 -49.94
CA VAL G 61 -13.01 -59.71 -50.48
C VAL G 61 -13.29 -58.63 -49.45
N PHE G 62 -13.25 -59.01 -48.17
CA PHE G 62 -13.49 -58.07 -47.09
C PHE G 62 -12.31 -57.11 -46.93
N LYS G 63 -11.13 -57.67 -46.72
CA LYS G 63 -9.91 -56.88 -46.54
C LYS G 63 -9.69 -55.96 -47.73
N GLN G 64 -9.85 -56.50 -48.94
CA GLN G 64 -9.67 -55.73 -50.16
C GLN G 64 -10.66 -54.57 -50.21
N ALA G 65 -11.91 -54.86 -49.90
CA ALA G 65 -12.96 -53.85 -49.91
C ALA G 65 -12.58 -52.68 -49.01
N VAL G 66 -12.28 -52.98 -47.75
CA VAL G 66 -11.90 -51.94 -46.79
C VAL G 66 -10.67 -51.19 -47.28
N GLU G 67 -9.78 -51.91 -47.97
CA GLU G 67 -8.56 -51.31 -48.49
C GLU G 67 -8.88 -50.30 -49.60
N ASN G 68 -9.93 -50.58 -50.36
CA ASN G 68 -10.34 -49.70 -51.44
C ASN G 68 -11.29 -48.62 -50.94
N VAL G 69 -11.19 -48.31 -49.65
CA VAL G 69 -12.04 -47.29 -49.03
C VAL G 69 -11.21 -46.37 -48.15
N LYS G 70 -10.11 -46.90 -47.62
CA LYS G 70 -9.22 -46.13 -46.76
C LYS G 70 -8.72 -44.88 -47.49
N PRO G 71 -9.21 -43.70 -47.10
CA PRO G 71 -8.82 -42.44 -47.73
C PRO G 71 -7.36 -42.08 -47.48
N ARG G 72 -6.70 -41.57 -48.53
CA ARG G 72 -5.30 -41.19 -48.43
C ARG G 72 -5.20 -39.76 -47.90
N MET G 73 -6.12 -38.90 -48.34
CA MET G 73 -6.14 -37.51 -47.93
C MET G 73 -7.56 -37.07 -47.61
N GLU G 74 -7.70 -36.02 -46.82
CA GLU G 74 -9.00 -35.49 -46.45
C GLU G 74 -8.89 -34.08 -45.87
N VAL G 91 -3.69 -39.05 -43.61
CA VAL G 91 -4.65 -39.89 -42.91
C VAL G 91 -3.92 -41.01 -42.18
N SER G 92 -3.91 -40.94 -40.85
CA SER G 92 -3.25 -41.94 -40.03
C SER G 92 -3.63 -43.36 -40.46
N PRO G 93 -2.69 -44.31 -40.32
CA PRO G 93 -2.93 -45.70 -40.71
C PRO G 93 -4.07 -46.34 -39.93
N ARG G 94 -4.46 -45.70 -38.82
CA ARG G 94 -5.54 -46.20 -38.00
C ARG G 94 -6.86 -45.61 -38.47
N ARG G 95 -6.91 -44.28 -38.57
CA ARG G 95 -8.12 -43.59 -39.01
C ARG G 95 -8.56 -44.12 -40.36
N GLN G 96 -7.60 -44.62 -41.13
CA GLN G 96 -7.88 -45.18 -42.45
C GLN G 96 -8.90 -46.30 -42.30
N GLN G 97 -8.86 -46.97 -41.16
CA GLN G 97 -9.78 -48.08 -40.87
C GLN G 97 -11.11 -47.53 -40.37
N SER G 98 -11.05 -46.68 -39.35
CA SER G 98 -12.25 -46.09 -38.76
C SER G 98 -13.10 -45.40 -39.82
N LEU G 99 -12.43 -44.66 -40.71
CA LEU G 99 -13.12 -43.93 -41.77
C LEU G 99 -13.73 -44.89 -42.79
N ALA G 100 -12.93 -45.85 -43.25
CA ALA G 100 -13.38 -46.83 -44.23
C ALA G 100 -14.59 -47.59 -43.72
N LEU G 101 -14.50 -48.10 -42.50
CA LEU G 101 -15.58 -48.87 -41.90
C LEU G 101 -16.88 -48.07 -41.82
N ARG G 102 -16.75 -46.75 -41.72
CA ARG G 102 -17.92 -45.88 -41.63
C ARG G 102 -18.75 -45.94 -42.91
N TRP G 103 -18.15 -45.51 -44.02
CA TRP G 103 -18.82 -45.49 -45.31
C TRP G 103 -19.33 -46.87 -45.71
N LEU G 104 -18.59 -47.91 -45.33
CA LEU G 104 -18.97 -49.28 -45.65
C LEU G 104 -20.30 -49.65 -44.98
N VAL G 105 -20.57 -49.04 -43.83
CA VAL G 105 -21.80 -49.31 -43.10
C VAL G 105 -22.91 -48.37 -43.54
N GLN G 106 -22.57 -47.10 -43.73
CA GLN G 106 -23.53 -46.10 -44.15
C GLN G 106 -24.07 -46.43 -45.54
N ALA G 107 -23.16 -46.74 -46.46
CA ALA G 107 -23.54 -47.08 -47.82
C ALA G 107 -24.36 -48.36 -47.86
N ALA G 108 -24.04 -49.29 -46.96
CA ALA G 108 -24.74 -50.56 -46.88
C ALA G 108 -26.07 -50.38 -46.15
N ASN G 109 -26.21 -49.25 -45.46
CA ASN G 109 -27.42 -48.95 -44.72
C ASN G 109 -28.46 -48.34 -45.66
N GLN G 110 -27.99 -47.91 -46.83
CA GLN G 110 -28.86 -47.32 -47.84
C GLN G 110 -28.87 -48.15 -49.12
N ARG G 111 -29.05 -49.46 -48.97
CA ARG G 111 -29.09 -50.36 -50.12
C ARG G 111 -30.48 -50.90 -50.38
N PRO G 112 -30.76 -51.32 -51.62
CA PRO G 112 -32.05 -51.87 -52.03
C PRO G 112 -32.41 -53.18 -51.33
N GLU G 113 -31.44 -54.09 -51.23
CA GLU G 113 -31.66 -55.38 -50.59
C GLU G 113 -32.40 -55.21 -49.28
N ARG G 114 -33.29 -56.16 -48.97
CA ARG G 114 -34.07 -56.11 -47.75
C ARG G 114 -33.34 -56.70 -46.55
N ARG G 115 -32.52 -57.72 -46.80
CA ARG G 115 -31.77 -58.35 -45.72
C ARG G 115 -30.49 -57.58 -45.42
N ALA G 116 -30.19 -57.43 -44.13
CA ALA G 116 -28.99 -56.70 -43.71
C ALA G 116 -27.73 -57.40 -44.19
N ALA G 117 -27.72 -58.73 -44.12
CA ALA G 117 -26.57 -59.51 -44.54
C ALA G 117 -26.37 -59.43 -46.06
N VAL G 118 -27.45 -59.17 -46.78
CA VAL G 118 -27.36 -59.08 -48.24
C VAL G 118 -26.86 -57.72 -48.69
N ARG G 119 -27.32 -56.66 -48.04
CA ARG G 119 -26.90 -55.30 -48.40
C ARG G 119 -25.39 -55.16 -48.19
N ILE G 120 -24.92 -55.61 -47.03
CA ILE G 120 -23.52 -55.54 -46.69
C ILE G 120 -22.69 -56.37 -47.65
N ALA G 121 -23.18 -57.56 -47.97
CA ALA G 121 -22.50 -58.47 -48.88
C ALA G 121 -22.21 -57.78 -50.21
N HIS G 122 -23.24 -57.16 -50.79
CA HIS G 122 -23.10 -56.46 -52.05
C HIS G 122 -22.19 -55.25 -51.90
N GLU G 123 -22.36 -54.52 -50.81
CA GLU G 123 -21.55 -53.33 -50.54
C GLU G 123 -20.07 -53.67 -50.47
N LEU G 124 -19.77 -54.89 -50.00
CA LEU G 124 -18.39 -55.34 -49.89
C LEU G 124 -17.81 -55.72 -51.24
N MET G 125 -18.58 -56.49 -52.02
CA MET G 125 -18.12 -56.92 -53.34
C MET G 125 -17.81 -55.73 -54.24
N ASP G 126 -18.72 -54.76 -54.27
CA ASP G 126 -18.53 -53.57 -55.08
C ASP G 126 -17.31 -52.79 -54.62
N ALA G 127 -17.14 -52.70 -53.30
CA ALA G 127 -16.01 -51.98 -52.72
C ALA G 127 -14.71 -52.68 -53.08
N ALA G 128 -14.75 -54.01 -53.14
CA ALA G 128 -13.57 -54.79 -53.46
C ALA G 128 -13.21 -54.63 -54.94
N GLU G 129 -14.19 -54.26 -55.74
CA GLU G 129 -14.00 -54.07 -57.18
C GLU G 129 -13.77 -52.59 -57.50
N GLY G 130 -13.67 -51.78 -56.46
CA GLY G 130 -13.47 -50.36 -56.65
C GLY G 130 -14.68 -49.65 -57.23
N LYS G 131 -15.83 -49.85 -56.60
CA LYS G 131 -17.07 -49.24 -57.06
C LYS G 131 -18.12 -49.27 -55.95
N GLY G 132 -19.20 -48.52 -56.14
CA GLY G 132 -20.26 -48.47 -55.15
C GLY G 132 -20.42 -47.10 -54.54
N GLY G 133 -21.39 -46.96 -53.64
CA GLY G 133 -21.63 -45.67 -53.01
C GLY G 133 -20.55 -45.32 -52.00
N ALA G 134 -20.09 -46.31 -51.25
CA ALA G 134 -19.06 -46.11 -50.25
C ALA G 134 -17.76 -45.65 -50.90
N VAL G 135 -17.35 -46.36 -51.94
CA VAL G 135 -16.13 -46.03 -52.66
C VAL G 135 -16.26 -44.70 -53.38
N LYS G 136 -17.47 -44.40 -53.85
CA LYS G 136 -17.73 -43.16 -54.55
C LYS G 136 -17.54 -41.99 -53.60
N LYS G 137 -17.99 -42.17 -52.35
CA LYS G 137 -17.86 -41.13 -51.33
C LYS G 137 -16.40 -40.76 -51.10
N LYS G 138 -15.55 -41.77 -51.06
CA LYS G 138 -14.12 -41.55 -50.83
C LYS G 138 -13.54 -40.65 -51.92
N GLU G 139 -13.78 -41.01 -53.17
CA GLU G 139 -13.28 -40.24 -54.30
C GLU G 139 -13.63 -38.77 -54.17
N ASP G 140 -14.78 -38.49 -53.57
CA ASP G 140 -15.22 -37.11 -53.37
C ASP G 140 -14.39 -36.42 -52.30
N VAL G 141 -14.26 -37.08 -51.15
CA VAL G 141 -13.49 -36.53 -50.04
C VAL G 141 -12.06 -36.24 -50.47
N GLU G 142 -11.43 -37.21 -51.13
CA GLU G 142 -10.05 -37.06 -51.59
C GLU G 142 -9.92 -35.97 -52.64
N ARG G 143 -10.79 -36.01 -53.64
CA ARG G 143 -10.78 -35.02 -54.72
C ARG G 143 -11.04 -33.61 -54.19
N MET G 144 -11.86 -33.51 -53.16
CA MET G 144 -12.19 -32.21 -52.57
C MET G 144 -11.13 -31.80 -51.55
N ALA G 145 -10.11 -32.63 -51.39
CA ALA G 145 -9.03 -32.35 -50.45
C ALA G 145 -7.76 -31.97 -51.20
N GLU G 146 -7.55 -32.57 -52.36
CA GLU G 146 -6.37 -32.30 -53.17
C GLU G 146 -6.52 -30.96 -53.91
N THR H 3 33.68 30.57 -2.25
CA THR H 3 34.38 29.32 -1.86
C THR H 3 34.77 29.36 -0.39
N ASP H 4 34.42 28.30 0.34
CA ASP H 4 34.76 28.21 1.76
C ASP H 4 35.80 27.12 1.99
N PRO H 5 37.03 27.53 2.33
CA PRO H 5 38.13 26.58 2.58
C PRO H 5 37.95 25.78 3.87
N ILE H 6 37.42 26.42 4.89
CA ILE H 6 37.21 25.78 6.18
C ILE H 6 36.17 24.66 6.08
N ALA H 7 34.95 25.02 5.68
CA ALA H 7 33.87 24.05 5.53
C ALA H 7 34.32 22.87 4.68
N ASP H 8 34.94 23.19 3.55
CA ASP H 8 35.43 22.16 2.64
C ASP H 8 36.42 21.25 3.36
N MET H 9 37.15 21.82 4.31
CA MET H 9 38.14 21.07 5.09
C MET H 9 37.44 20.16 6.10
N LEU H 10 36.61 20.76 6.94
CA LEU H 10 35.89 20.00 7.95
C LEU H 10 35.06 18.90 7.30
N THR H 11 34.68 19.11 6.05
CA THR H 11 33.90 18.13 5.31
C THR H 11 34.76 16.90 5.02
N ARG H 12 35.96 17.13 4.51
CA ARG H 12 36.87 16.03 4.20
C ARG H 12 37.07 15.18 5.44
N ILE H 13 37.20 15.82 6.59
CA ILE H 13 37.39 15.13 7.85
C ILE H 13 36.23 14.16 8.09
N ARG H 14 35.03 14.59 7.77
CA ARG H 14 33.83 13.77 7.94
C ARG H 14 33.90 12.55 7.03
N ASN H 15 33.79 12.80 5.72
CA ASN H 15 33.83 11.73 4.73
C ASN H 15 35.03 10.80 4.95
N ALA H 16 36.04 11.31 5.65
CA ALA H 16 37.24 10.54 5.94
C ALA H 16 36.95 9.44 6.95
N THR H 17 36.14 9.78 7.96
CA THR H 17 35.77 8.82 9.00
C THR H 17 34.70 7.86 8.52
N ARG H 18 33.77 8.34 7.69
CA ARG H 18 32.71 7.48 7.18
C ARG H 18 33.30 6.29 6.44
N VAL H 19 34.23 6.58 5.53
CA VAL H 19 34.90 5.53 4.75
C VAL H 19 35.95 4.82 5.59
N TYR H 20 36.27 5.39 6.74
CA TYR H 20 37.25 4.82 7.65
C TYR H 20 38.65 4.79 7.06
N LYS H 21 39.28 5.97 6.97
CA LYS H 21 40.63 6.08 6.43
C LYS H 21 41.62 6.42 7.54
N GLU H 22 42.90 6.20 7.27
CA GLU H 22 43.94 6.47 8.25
C GLU H 22 44.30 7.95 8.28
N SER H 23 44.18 8.62 7.14
CA SER H 23 44.50 10.03 7.05
C SER H 23 43.88 10.69 5.82
N THR H 24 43.94 12.02 5.78
CA THR H 24 43.38 12.78 4.66
C THR H 24 44.13 14.09 4.50
N ASP H 25 44.61 14.35 3.28
CA ASP H 25 45.35 15.57 3.00
C ASP H 25 44.43 16.76 2.78
N VAL H 26 44.87 17.93 3.25
CA VAL H 26 44.09 19.16 3.12
C VAL H 26 45.00 20.33 2.79
N PRO H 27 44.49 21.35 2.08
CA PRO H 27 45.27 22.52 1.71
C PRO H 27 45.91 23.20 2.92
N ALA H 28 47.23 23.29 2.92
CA ALA H 28 47.95 23.91 4.02
C ALA H 28 47.52 25.36 4.21
N SER H 29 47.22 25.71 5.46
CA SER H 29 46.78 27.07 5.79
C SER H 29 47.03 27.36 7.27
N ARG H 30 47.27 28.62 7.59
CA ARG H 30 47.53 29.03 8.97
C ARG H 30 46.27 28.92 9.83
N PHE H 31 45.19 29.52 9.38
CA PHE H 31 43.93 29.49 10.12
C PHE H 31 43.43 28.06 10.29
N LYS H 32 43.74 27.21 9.32
CA LYS H 32 43.31 25.82 9.36
C LYS H 32 44.19 24.99 10.30
N GLU H 33 45.48 25.30 10.31
CA GLU H 33 46.42 24.59 11.17
C GLU H 33 45.97 24.66 12.63
N GLU H 34 45.68 25.87 13.09
CA GLU H 34 45.23 26.08 14.46
C GLU H 34 43.99 25.23 14.76
N ILE H 35 43.06 25.24 13.82
CA ILE H 35 41.82 24.47 13.96
C ILE H 35 42.14 23.01 14.23
N LEU H 36 42.86 22.39 13.30
CA LEU H 36 43.25 21.00 13.43
C LEU H 36 44.02 20.75 14.72
N ARG H 37 44.79 21.75 15.14
CA ARG H 37 45.58 21.64 16.36
C ARG H 37 44.71 21.48 17.60
N ILE H 38 43.61 22.24 17.64
CA ILE H 38 42.69 22.18 18.77
C ILE H 38 41.95 20.85 18.84
N LEU H 39 41.42 20.40 17.70
CA LEU H 39 40.70 19.14 17.65
C LEU H 39 41.61 17.96 17.96
N ALA H 40 42.91 18.22 18.05
CA ALA H 40 43.88 17.19 18.35
C ALA H 40 44.18 17.17 19.85
N ARG H 41 44.04 18.33 20.48
CA ARG H 41 44.29 18.46 21.91
C ARG H 41 43.10 17.89 22.68
N GLU H 42 41.97 17.76 22.01
CA GLU H 42 40.76 17.22 22.62
C GLU H 42 40.66 15.71 22.40
N GLY H 43 40.84 15.29 21.16
CA GLY H 43 40.76 13.87 20.85
C GLY H 43 40.02 13.58 19.56
N PHE H 44 39.40 14.60 18.98
CA PHE H 44 38.66 14.44 17.73
C PHE H 44 39.54 13.85 16.64
N ILE H 45 40.84 14.18 16.69
CA ILE H 45 41.79 13.67 15.70
C ILE H 45 43.09 13.26 16.37
N LYS H 46 43.71 12.22 15.84
CA LYS H 46 44.98 11.71 16.38
C LYS H 46 46.10 12.72 16.20
N GLY H 47 45.89 13.69 15.31
CA GLY H 47 46.91 14.70 15.06
C GLY H 47 47.07 15.01 13.58
N TYR H 48 47.96 15.94 13.27
CA TYR H 48 48.21 16.32 11.88
C TYR H 48 49.70 16.40 11.60
N GLU H 49 50.06 16.76 10.37
CA GLU H 49 51.45 16.87 9.97
C GLU H 49 51.58 17.61 8.64
N ARG H 50 52.64 18.40 8.52
CA ARG H 50 52.89 19.17 7.30
C ARG H 50 53.60 18.32 6.26
N VAL H 51 53.10 18.37 5.02
CA VAL H 51 53.69 17.62 3.92
C VAL H 51 53.66 18.44 2.64
N ASP H 52 54.79 18.47 1.93
CA ASP H 52 54.90 19.22 0.68
C ASP H 52 54.85 18.29 -0.52
N VAL H 53 53.70 18.23 -1.17
CA VAL H 53 53.53 17.37 -2.34
C VAL H 53 53.92 18.11 -3.62
N ASP H 54 55.05 17.71 -4.21
CA ASP H 54 55.54 18.34 -5.43
C ASP H 54 55.71 19.84 -5.26
N GLY H 55 56.08 20.25 -4.05
CA GLY H 55 56.28 21.66 -3.79
C GLY H 55 55.04 22.33 -3.22
N LYS H 56 53.95 21.59 -3.14
CA LYS H 56 52.70 22.12 -2.61
C LYS H 56 52.48 21.66 -1.17
N PRO H 57 52.39 22.61 -0.23
CA PRO H 57 52.18 22.30 1.18
C PRO H 57 50.75 21.90 1.52
N TYR H 58 50.61 20.86 2.34
CA TYR H 58 49.31 20.36 2.77
C TYR H 58 49.30 20.16 4.29
N LEU H 59 48.18 19.69 4.80
CA LEU H 59 48.04 19.44 6.24
C LEU H 59 47.31 18.14 6.52
N ARG H 60 47.82 17.04 5.98
CA ARG H 60 47.23 15.73 6.18
C ARG H 60 46.98 15.47 7.67
N VAL H 61 45.76 15.08 8.00
CA VAL H 61 45.38 14.81 9.38
C VAL H 61 45.13 13.33 9.63
N TYR H 62 45.38 12.89 10.86
CA TYR H 62 45.20 11.50 11.24
C TYR H 62 43.85 11.32 11.94
N LEU H 63 42.96 10.55 11.31
CA LEU H 63 41.64 10.30 11.87
C LEU H 63 41.73 9.31 13.02
N LYS H 64 41.27 9.73 14.20
CA LYS H 64 41.29 8.89 15.38
C LYS H 64 39.97 8.15 15.55
N TYR H 65 40.06 6.90 16.01
CA TYR H 65 38.87 6.08 16.21
C TYR H 65 38.87 5.46 17.61
N GLY H 66 37.67 5.22 18.14
CA GLY H 66 37.56 4.64 19.47
C GLY H 66 37.72 3.12 19.43
N PRO H 67 37.47 2.44 20.55
CA PRO H 67 37.59 0.97 20.65
C PRO H 67 36.72 0.24 19.64
N ARG H 68 36.54 -1.06 19.85
CA ARG H 68 35.72 -1.88 18.97
C ARG H 68 34.27 -1.85 19.44
N ARG H 69 33.34 -2.04 18.52
CA ARG H 69 31.92 -2.02 18.84
C ARG H 69 31.55 -3.12 19.83
N GLN H 70 30.35 -3.00 20.40
CA GLN H 70 29.87 -3.97 21.38
C GLN H 70 29.35 -5.23 20.69
N GLY H 71 30.27 -6.11 20.29
CA GLY H 71 29.88 -7.35 19.63
C GLY H 71 30.47 -7.51 18.25
N PRO H 72 30.26 -8.66 17.60
CA PRO H 72 30.78 -8.95 16.27
C PRO H 72 30.36 -7.91 15.23
N ASP H 73 31.20 -6.89 15.06
CA ASP H 73 30.92 -5.82 14.09
C ASP H 73 32.17 -4.98 13.86
N PRO H 74 32.64 -4.93 12.60
CA PRO H 74 33.83 -4.15 12.24
C PRO H 74 33.70 -2.67 12.59
N ARG H 75 33.64 -1.83 11.55
CA ARG H 75 33.50 -0.39 11.69
C ARG H 75 33.65 0.13 13.12
N PRO H 76 34.88 0.49 13.51
CA PRO H 76 35.17 0.99 14.86
C PRO H 76 34.23 2.13 15.25
N GLU H 77 34.15 2.40 16.55
CA GLU H 77 33.29 3.47 17.06
C GLU H 77 33.90 4.83 16.71
N GLN H 78 33.13 5.63 15.98
CA GLN H 78 33.59 6.95 15.57
C GLN H 78 33.80 7.92 16.73
N VAL H 79 34.64 8.92 16.52
CA VAL H 79 34.92 9.92 17.53
C VAL H 79 34.19 11.21 17.19
N ILE H 80 34.26 11.61 15.92
CA ILE H 80 33.61 12.82 15.45
C ILE H 80 32.21 12.47 14.94
N HIS H 81 31.23 12.51 15.84
CA HIS H 81 29.85 12.21 15.47
C HIS H 81 29.20 13.30 14.63
N HIS H 82 29.89 14.43 14.51
CA HIS H 82 29.38 15.54 13.73
C HIS H 82 30.46 16.60 13.52
N ILE H 83 30.28 17.45 12.52
CA ILE H 83 31.25 18.50 12.23
C ILE H 83 30.75 19.51 11.20
N ARG H 84 29.96 20.46 11.65
CA ARG H 84 29.42 21.50 10.76
C ARG H 84 29.87 22.88 11.23
N ARG H 85 29.62 23.89 10.41
CA ARG H 85 30.00 25.25 10.74
C ARG H 85 28.79 26.16 10.93
N ILE H 86 28.93 27.17 11.76
CA ILE H 86 27.85 28.11 12.03
C ILE H 86 28.10 29.39 11.23
N SER H 87 28.98 30.24 11.76
CA SER H 87 29.32 31.49 11.10
C SER H 87 30.11 31.19 9.82
N LYS H 88 29.49 31.45 8.68
CA LYS H 88 30.12 31.20 7.39
C LYS H 88 29.83 32.34 6.41
N PRO H 89 30.59 32.40 5.30
CA PRO H 89 30.40 33.46 4.30
C PRO H 89 28.93 33.78 4.04
N GLY H 90 28.64 35.07 3.89
CA GLY H 90 27.27 35.48 3.64
C GLY H 90 26.51 35.64 4.96
N ARG H 91 26.42 34.54 5.71
CA ARG H 91 25.74 34.54 6.99
C ARG H 91 26.74 34.66 8.14
N ARG H 92 27.35 35.82 8.27
CA ARG H 92 28.32 36.06 9.33
C ARG H 92 27.61 35.96 10.67
N VAL H 93 28.14 35.11 11.56
CA VAL H 93 27.53 34.92 12.88
C VAL H 93 28.54 35.17 13.99
N TYR H 94 28.40 36.30 14.68
CA TYR H 94 29.29 36.65 15.77
C TYR H 94 28.54 36.66 17.10
N VAL H 95 29.27 36.39 18.18
CA VAL H 95 28.67 36.36 19.51
C VAL H 95 29.62 36.95 20.56
N GLY H 96 29.07 37.34 21.70
CA GLY H 96 29.88 37.90 22.76
C GLY H 96 30.18 36.89 23.85
N VAL H 97 30.98 37.29 24.83
CA VAL H 97 31.35 36.40 25.93
C VAL H 97 30.12 35.98 26.72
N LYS H 98 29.12 36.87 26.80
CA LYS H 98 27.89 36.58 27.51
C LYS H 98 26.85 35.97 26.59
N GLU H 99 27.20 35.88 25.30
CA GLU H 99 26.30 35.31 24.31
C GLU H 99 26.90 34.03 23.73
N ILE H 100 28.06 33.64 24.26
CA ILE H 100 28.74 32.42 23.81
C ILE H 100 27.77 31.25 23.74
N PRO H 101 27.82 30.48 22.65
CA PRO H 101 26.94 29.32 22.46
C PRO H 101 27.21 28.21 23.47
N ARG H 102 26.56 27.07 23.27
CA ARG H 102 26.72 25.92 24.16
C ARG H 102 27.02 24.65 23.36
N VAL H 103 28.27 24.21 23.43
CA VAL H 103 28.70 23.00 22.71
C VAL H 103 27.83 21.84 23.18
N ARG H 104 27.97 20.69 22.52
CA ARG H 104 27.19 19.52 22.90
C ARG H 104 27.50 19.09 24.32
N ARG H 105 26.79 19.68 25.27
CA ARG H 105 26.96 19.38 26.70
C ARG H 105 28.41 19.14 27.12
N GLY H 106 29.27 20.11 26.83
CA GLY H 106 30.66 20.00 27.21
C GLY H 106 31.46 19.01 26.39
N LEU H 107 30.82 17.91 26.00
CA LEU H 107 31.48 16.88 25.20
C LEU H 107 31.80 17.41 23.81
N GLY H 108 32.80 18.26 23.74
CA GLY H 108 33.21 18.85 22.46
C GLY H 108 33.68 20.27 22.63
N ILE H 109 33.86 20.96 21.50
CA ILE H 109 34.32 22.35 21.53
C ILE H 109 33.72 23.14 20.37
N ALA H 110 33.45 24.43 20.62
CA ALA H 110 32.90 25.31 19.60
C ALA H 110 33.97 26.30 19.16
N ILE H 111 34.70 25.95 18.12
CA ILE H 111 35.77 26.80 17.59
C ILE H 111 35.29 28.24 17.41
N LEU H 112 35.81 29.13 18.25
CA LEU H 112 35.45 30.54 18.20
C LEU H 112 36.67 31.40 17.90
N SER H 113 36.61 32.13 16.79
CA SER H 113 37.72 32.99 16.39
C SER H 113 37.68 34.27 17.23
N THR H 114 37.92 34.11 18.52
CA THR H 114 37.92 35.23 19.45
C THR H 114 39.00 36.26 19.15
N SER H 115 39.08 37.30 19.98
CA SER H 115 40.06 38.36 19.80
C SER H 115 41.42 37.94 20.38
N LYS H 116 41.49 36.70 20.85
CA LYS H 116 42.72 36.17 21.43
C LYS H 116 43.10 34.83 20.78
N GLY H 117 43.12 34.82 19.45
CA GLY H 117 43.45 33.61 18.73
C GLY H 117 42.31 32.62 18.68
N VAL H 118 42.42 31.62 17.82
CA VAL H 118 41.38 30.60 17.67
C VAL H 118 41.24 29.80 18.96
N LEU H 119 40.21 30.13 19.74
CA LEU H 119 39.97 29.44 21.00
C LEU H 119 38.64 28.68 20.95
N THR H 120 38.25 28.11 22.09
CA THR H 120 37.00 27.36 22.16
C THR H 120 35.93 28.14 22.90
N ASP H 121 34.87 27.45 23.30
CA ASP H 121 33.76 28.06 24.02
C ASP H 121 34.16 28.44 25.44
N ARG H 122 34.98 27.60 26.07
CA ARG H 122 35.42 27.84 27.43
C ARG H 122 36.62 28.79 27.47
N GLU H 123 37.62 28.51 26.63
CA GLU H 123 38.82 29.34 26.57
C GLU H 123 38.46 30.80 26.30
N ALA H 124 37.30 31.02 25.71
CA ALA H 124 36.82 32.36 25.40
C ALA H 124 36.07 32.91 26.60
N ARG H 125 35.26 32.06 27.22
CA ARG H 125 34.48 32.44 28.39
C ARG H 125 35.41 32.83 29.54
N LYS H 126 36.49 32.06 29.69
CA LYS H 126 37.48 32.30 30.74
C LYS H 126 38.14 33.66 30.53
N LEU H 127 38.80 33.81 29.39
CA LEU H 127 39.49 35.06 29.06
C LEU H 127 38.48 36.17 28.82
N GLY H 128 37.20 35.83 28.87
CA GLY H 128 36.16 36.82 28.64
C GLY H 128 36.26 37.50 27.30
N VAL H 129 36.29 36.70 26.23
CA VAL H 129 36.39 37.24 24.88
C VAL H 129 35.45 36.53 23.91
N GLY H 130 34.90 37.31 22.98
CA GLY H 130 33.99 36.74 22.00
C GLY H 130 34.62 36.69 20.63
N GLY H 131 34.10 35.86 19.75
CA GLY H 131 34.65 35.74 18.42
C GLY H 131 33.63 35.34 17.37
N GLU H 132 34.10 34.61 16.36
CA GLU H 132 33.24 34.14 15.28
C GLU H 132 32.95 32.66 15.41
N LEU H 133 31.69 32.27 15.24
CA LEU H 133 31.29 30.88 15.34
C LEU H 133 31.85 30.09 14.16
N ILE H 134 33.13 29.72 14.24
CA ILE H 134 33.78 28.96 13.18
C ILE H 134 33.02 27.68 12.89
N CYS H 135 32.81 26.87 13.93
CA CYS H 135 32.10 25.61 13.79
C CYS H 135 32.01 24.86 15.12
N GLU H 136 31.00 24.00 15.23
CA GLU H 136 30.79 23.22 16.44
C GLU H 136 31.09 21.75 16.15
N VAL H 137 31.99 21.17 16.93
CA VAL H 137 32.36 19.77 16.74
C VAL H 137 31.96 18.88 17.92
N TRP H 138 31.40 17.72 17.59
CA TRP H 138 30.96 16.75 18.58
C TRP H 138 30.57 15.44 17.92
CA UNK I 1 -3.18 -76.95 -24.74
CA UNK I 2 -3.26 -74.10 -27.25
CA UNK I 3 -5.50 -75.79 -29.83
CA UNK I 4 -7.76 -77.13 -27.06
CA UNK I 5 -8.12 -73.79 -25.28
CA UNK I 6 -8.57 -71.92 -28.56
CA UNK I 7 -11.19 -74.30 -29.95
CA UNK I 8 -12.96 -74.48 -26.60
CA UNK I 9 -13.03 -70.73 -25.94
CA UNK I 10 -14.07 -70.15 -29.55
CA UNK I 11 -16.89 -72.71 -29.78
CA UNK I 12 -17.95 -71.53 -26.33
CA UNK I 13 -17.87 -67.79 -26.96
CA UNK I 14 -19.78 -68.50 -30.17
CA UNK I 15 -23.41 -67.65 -30.89
CA UNK I 16 -26.68 -68.99 -32.32
CA UNK I 17 -28.10 -72.32 -31.15
CA UNK I 18 -24.54 -73.67 -31.31
CA UNK I 19 -23.79 -71.50 -28.29
CA UNK I 20 -24.56 -72.51 -24.70
CA UNK I 21 -27.55 -74.34 -26.16
CA UNK I 22 -25.46 -76.84 -28.12
CA UNK I 23 -22.36 -76.47 -25.95
CA UNK I 24 -24.41 -77.97 -23.11
CA UNK I 25 -26.17 -80.62 -25.20
CA UNK I 26 -23.03 -81.71 -27.05
CA UNK I 27 -21.53 -65.21 -13.16
CA UNK I 28 -22.88 -68.59 -12.02
CA UNK I 29 -24.34 -70.19 -15.15
CA UNK I 30 -24.60 -66.99 -17.19
CA UNK I 31 -23.20 -66.62 -20.72
CA UNK I 32 -19.46 -65.93 -20.88
CA UNK I 33 -19.09 -66.17 -17.10
CA UNK I 34 -20.09 -69.82 -17.57
CA UNK I 35 -19.81 -70.35 -21.32
CA UNK I 36 -16.56 -68.72 -22.42
CA UNK I 37 -14.80 -66.93 -19.56
CA UNK I 38 -15.59 -69.47 -16.84
CA UNK I 39 -15.09 -72.39 -19.21
CA UNK I 40 -11.77 -70.87 -20.21
CA UNK I 41 -10.87 -70.58 -16.53
CA UNK I 42 -11.82 -74.17 -15.73
CA UNK I 43 -10.04 -75.21 -18.92
CA UNK I 44 -6.65 -73.66 -18.17
CA UNK I 45 -6.99 -74.52 -14.48
CA UNK I 46 -7.19 -78.20 -15.40
CA UNK I 47 -4.03 -77.77 -17.48
CA UNK I 48 -2.24 -75.99 -14.63
CA UNK I 49 -2.70 -79.01 -12.37
CA UNK I 50 -1.84 -81.46 -15.14
CA UNK I 51 1.20 -79.66 -16.55
CA UNK I 52 2.46 -76.35 -15.16
CA UNK I 53 4.98 -76.19 -17.99
CA UNK I 54 2.08 -76.28 -20.43
CA UNK I 55 -0.22 -73.85 -18.61
CA UNK I 56 2.33 -71.07 -18.17
CA UNK I 57 3.29 -71.57 -21.82
CA UNK I 58 -0.24 -70.69 -22.93
CA UNK I 59 -1.25 -67.52 -21.09
CA UNK I 60 -39.50 -37.59 -12.57
CA UNK I 61 -35.70 -37.69 -12.58
CA UNK I 62 -33.88 -40.34 -14.61
CA UNK I 63 -31.22 -39.01 -16.98
CA UNK I 64 -28.69 -36.24 -16.33
CA UNK I 65 -26.09 -38.62 -14.89
CA UNK I 66 -23.04 -40.66 -15.90
CA UNK I 67 -22.44 -44.33 -15.11
CA UNK I 68 -26.05 -44.38 -13.87
CA UNK I 69 -28.91 -42.15 -12.70
CA UNK I 70 -27.16 -40.03 -10.07
CA UNK I 71 -25.35 -42.55 -7.86
CA UNK I 72 -26.60 -45.94 -9.03
CA UNK I 73 -23.62 -47.48 -10.82
CA UNK I 74 -21.44 -50.45 -9.90
CA UNK I 75 -19.87 -53.26 -11.95
CA UNK I 76 -16.79 -55.46 -12.34
CA UNK I 77 -14.28 -56.08 -15.14
CA UNK I 78 -13.93 -59.85 -14.74
CA UNK I 79 -10.38 -59.44 -16.06
CA UNK I 80 -9.41 -62.89 -14.77
CA UNK I 81 -8.29 -65.31 -17.48
CA UNK I 82 -6.68 -68.53 -16.25
CA UNK I 83 -18.34 -61.83 -13.95
CA UNK I 84 -16.94 -64.59 -11.72
CA UNK I 85 -15.27 -67.41 -13.65
CA UNK I 86 -15.22 -70.99 -12.40
CA UNK I 87 -11.93 -72.89 -12.39
CA UNK I 88 -10.29 -76.00 -10.92
CA UNK I 89 -13.43 -77.87 -12.01
CA UNK J 2 -18.55 -73.71 26.44
CA UNK J 3 -16.27 -73.68 23.40
CA UNK J 4 -19.18 -73.49 20.96
CA UNK J 5 -20.91 -70.88 23.11
CA UNK J 6 -17.78 -68.73 23.10
CA UNK J 7 -17.50 -68.99 19.31
CA UNK J 8 -21.13 -67.94 18.88
CA UNK J 9 -20.49 -64.95 21.14
CA UNK J 10 -17.40 -63.98 19.13
CA UNK J 11 -19.38 -64.01 15.89
CA UNK J 12 -22.05 -61.85 17.48
CA UNK J 13 -19.35 -59.33 18.41
CA UNK J 14 -18.30 -58.65 14.82
CA UNK J 15 -21.97 -58.49 13.81
CA UNK J 16 -24.00 -57.27 16.79
CA UNK J 17 -26.59 -56.01 14.30
CA UNK J 18 -29.37 -58.27 15.57
CA UNK J 19 -27.73 -61.70 15.46
CA UNK J 20 -29.34 -65.14 15.59
CA UNK J 21 -28.34 -68.75 16.24
CA UNK J 22 -29.65 -71.95 14.67
CA UNK J 23 -29.21 -75.19 16.62
CA UNK J 24 -27.30 -84.14 29.11
CA UNK J 25 -24.50 -82.98 31.40
CA UNK J 26 -22.99 -80.75 28.72
CA UNK J 27 -26.42 -79.43 27.69
CA UNK J 28 -27.28 -78.62 31.30
CA UNK J 29 -24.01 -76.74 31.79
CA UNK J 30 -24.65 -74.56 28.75
CA UNK J 31 -28.19 -73.86 29.95
CA UNK J 32 -26.82 -72.72 33.32
CA UNK J 33 -24.49 -70.16 31.73
CA UNK J 34 -27.05 -68.94 29.18
CA UNK J 35 -23.29 -68.88 7.40
CA UNK J 36 -26.27 -66.77 6.35
CA UNK J 37 -26.25 -63.08 5.43
CA UNK J 38 -29.06 -60.73 4.38
CA UNK J 39 -29.57 -57.08 5.31
CA UNK J 40 -28.91 -53.54 4.09
CA UNK J 41 -31.73 -51.67 2.35
CA UNK J 42 -31.68 -47.95 3.16
CA UNK J 43 -31.74 -44.53 1.49
CA UNK J 44 -32.40 -40.82 1.97
CA UNK J 45 -31.71 -37.31 0.69
CA UNK J 46 -29.58 -34.28 1.57
CA UNK J 47 -30.43 -30.96 3.22
CA UNK J 48 -33.90 -32.47 3.65
CA UNK J 49 -34.87 -30.13 0.82
CA UNK J 50 -32.45 -30.11 -2.11
CA UNK J 51 -31.68 -33.18 -4.21
CA UNK J 52 -28.29 -34.87 -3.83
CA UNK J 53 -26.62 -37.91 -2.27
CA UNK J 54 -25.11 -37.51 1.20
CA UNK J 55 -27.21 -39.92 3.24
CA UNK J 56 -26.61 -43.66 2.92
CA UNK J 57 -27.17 -46.20 5.70
CA UNK J 58 -26.15 -49.86 5.57
CA UNK J 59 -28.66 -51.66 7.80
CA UNK J 60 -27.46 -55.03 9.07
CA UNK J 61 -29.31 -58.10 10.33
CA UNK J 62 -26.06 -59.77 11.38
CA UNK J 63 -26.00 -63.44 10.38
CA UNK J 64 -28.19 -66.47 11.06
CA UNK J 65 -25.20 -68.77 11.47
CA UNK J 66 -25.81 -72.26 12.88
CA UNK J 67 -23.96 -74.35 15.46
CA UNK J 68 -25.87 -77.63 15.33
CA UNK J 69 -25.32 -78.40 19.02
CA UNK J 70 -28.46 -80.53 19.21
CA UNK J 71 -31.58 -81.62 17.33
CA UNK K 1 16.85 -6.70 -72.73
CA UNK K 2 14.37 -8.59 -74.90
CA UNK K 3 14.91 -11.80 -72.94
CA UNK K 4 14.13 -9.98 -69.69
CA UNK K 5 10.64 -9.53 -71.12
CA UNK K 6 10.32 -13.10 -72.37
CA UNK K 7 8.87 -14.19 -69.02
CA UNK K 8 6.43 -12.31 -66.80
CA UNK K 9 3.89 -13.39 -64.18
CA UNK K 10 3.52 -13.10 -60.39
CA UNK K 11 0.87 -10.90 -58.78
CA UNK K 12 15.95 -26.02 -69.73
CA UNK K 13 14.44 -24.93 -73.04
CA UNK K 14 12.74 -21.74 -74.25
CA UNK K 15 10.14 -21.99 -77.01
CA UNK K 16 7.34 -19.73 -78.26
CA UNK K 17 4.25 -21.84 -77.57
CA UNK K 18 5.81 -24.10 -74.95
CA UNK K 19 7.19 -21.23 -72.90
CA UNK K 20 3.78 -19.54 -72.74
CA UNK K 21 2.20 -22.72 -71.38
CA UNK K 22 4.94 -23.07 -68.75
CA UNK K 23 4.50 -19.45 -67.63
CA UNK K 24 0.73 -19.92 -67.49
CA UNK K 25 1.01 -23.04 -65.32
CA UNK K 26 3.58 -21.20 -63.19
CA UNK K 27 1.17 -18.55 -61.92
CA UNK K 28 -1.53 -21.20 -61.66
CA UNK K 29 0.47 -23.21 -59.13
CA UNK K 30 1.80 -19.98 -57.63
CA UNK K 31 -1.51 -18.25 -56.92
CA UNK K 32 -2.67 -21.58 -55.50
CA UNK K 33 0.12 -21.56 -52.92
CA UNK K 34 0.14 -17.76 -52.66
CA UNK K 35 -2.52 -15.12 -52.01
CA UNK K 36 -5.71 -15.08 -54.08
CA UNK K 37 -7.99 -12.51 -52.42
CA UNK K 38 -10.66 -12.01 -55.08
CA UNK K 39 -11.05 -13.05 -58.72
CA UNK K 40 -9.06 -15.88 -60.30
CA UNK K 41 -5.50 -15.93 -61.65
CA UNK K 42 -2.32 -9.86 -54.26
CA UNK K 43 0.55 -8.84 -51.97
CA UNK K 44 4.07 -9.07 -53.43
CA UNK K 45 4.84 -9.81 -57.07
CA UNK K 46 8.06 -11.24 -58.50
CA UNK K 47 8.75 -13.44 -61.52
CA UNK K 48 11.96 -14.77 -63.08
CA UNK K 49 12.45 -13.59 -66.67
CA UNK K 50 14.52 -16.63 -67.58
CA UNK K 51 14.31 -20.43 -67.83
CA UNK K 52 16.28 -22.36 -65.21
CA UNK K 53 15.19 -25.99 -64.99
CA UNK K 54 12.16 -28.09 -65.94
CA UNK K 55 8.58 -27.32 -64.95
CA UNK K 56 9.16 -29.40 -61.83
CA UNK K 57 11.39 -26.61 -60.55
CA UNK K 58 9.30 -23.68 -61.75
CA UNK K 59 6.27 -24.97 -59.86
CA UNK K 60 8.13 -24.86 -56.55
CA UNK K 61 9.98 -21.60 -57.17
CA UNK K 62 7.55 -19.17 -55.52
CA UNK K 63 8.39 -17.21 -52.37
CA UNK K 64 4.74 -16.30 -51.76
CA UNK K 65 3.08 -17.84 -48.72
CA UNK K 66 14.98 -10.94 -61.30
CA UNK K 67 12.74 -11.99 -58.40
CA UNK K 68 12.21 -10.14 -55.11
CA UNK K 69 8.77 -8.77 -54.26
CA UNK K 70 7.68 -8.63 -50.62
CA UNK L 1 14.63 30.57 0.11
CA UNK L 2 18.40 30.26 0.35
CA UNK L 3 21.44 31.92 1.92
CA UNK L 4 19.95 35.24 0.80
CA UNK L 5 16.22 34.92 1.48
CA UNK L 6 16.80 38.12 3.46
CA UNK L 7 15.56 40.08 0.44
CA UNK L 8 13.32 37.72 -1.54
CA UNK L 9 10.38 38.79 0.64
CA UNK L 10 8.49 36.50 3.02
CA UNK L 11 4.91 37.03 4.24
CA UNK L 12 2.20 34.71 5.56
CA UNK L 13 -1.48 34.18 4.81
CA UNK L 14 -4.95 35.26 5.96
CA UNK L 15 -8.52 33.94 5.98
CA UNK L 16 -11.90 34.64 7.59
CA UNK L 17 -15.56 33.64 7.39
CA UNK L 18 -17.63 35.93 5.19
CA UNK L 19 -20.36 37.42 7.38
CA UNK L 20 -19.80 40.54 9.48
CA UNK L 21 -18.21 41.40 12.83
CA UNK L 22 -19.73 39.07 15.43
CA UNK L 23 -23.22 37.64 15.98
CA UNK L 24 -30.56 43.85 11.64
CA UNK L 25 -30.36 44.16 7.85
CA UNK L 26 -29.22 41.11 5.88
CA UNK L 27 -31.59 38.27 5.00
CA UNK L 28 -31.18 34.54 5.67
CA UNK L 29 -33.22 31.34 5.60
CA UNK L 30 -33.47 28.26 7.85
CA UNK L 31 -33.39 24.87 6.13
CA UNK L 32 -33.80 21.31 7.41
CA UNK L 33 -33.75 17.92 5.67
CA UNK L 34 -32.77 14.36 6.55
CA UNK L 35 -30.67 12.45 4.02
CA UNK L 36 -27.26 10.79 3.71
CA UNK L 37 -24.24 12.64 2.34
CA UNK L 38 -25.19 16.31 2.02
CA UNK L 39 -28.89 15.65 2.65
CA UNK L 40 -31.66 17.50 0.79
CA UNK L 41 -32.99 21.06 1.08
CA UNK L 42 -36.19 22.92 1.97
CA UNK L 43 -36.40 26.44 3.41
CA UNK L 44 -37.61 30.01 2.90
CA UNK L 45 -35.75 33.33 2.92
CA UNK L 46 -37.10 36.88 3.31
CA UNK L 47 -35.75 37.06 6.87
CA UNK L 48 -33.51 40.00 7.75
CA UNK L 49 -31.82 40.49 11.14
CA UNK L 50 -28.43 38.93 11.95
CA UNK L 51 -25.18 40.88 11.60
CA UNK L 52 -24.46 43.24 8.71
CA UNK L 53 -26.37 42.89 5.44
CA UNK L 54 -26.48 40.39 2.57
CA UNK L 55 -25.68 36.70 3.11
CA UNK L 56 -28.36 34.06 3.67
CA UNK L 57 -28.16 31.05 5.99
CA UNK L 58 -29.99 29.72 9.06
CA UNK L 59 -31.13 26.60 10.92
CA UNK L 60 -32.86 25.68 14.20
CA UNK L 61 -34.27 22.81 16.24
CA UNK L 62 -38.03 22.26 16.45
CA UNK L 63 -38.47 25.79 15.12
CA UNK L 64 -41.93 27.37 15.10
CA UNK L 65 -41.67 31.15 15.53
CA UNK L 66 -39.17 31.39 12.67
CA UNK L 67 -40.53 29.24 9.84
CA UNK L 68 -44.18 30.22 10.21
CA UNK L 69 -43.11 33.79 9.47
CA UNK L 70 -40.07 33.05 7.32
CA UNK L 71 -41.10 36.16 5.38
CA UNK L 72 -39.83 38.17 8.36
CA UNK L 73 -38.81 37.41 11.95
CA UNK L 74 -35.36 38.20 13.34
CA UNK L 75 -32.35 36.19 14.52
CA UNK L 76 -28.60 35.77 14.07
CA UNK L 77 -26.22 33.39 12.27
CA UNK L 78 -28.55 30.39 12.17
CA UNK L 79 -30.91 30.63 15.12
CA UNK L 80 -29.97 32.53 18.28
CA UNK L 81 -33.33 31.34 19.61
CA UNK L 82 -33.69 34.90 20.88
CA UNK L 83 -35.77 37.08 18.55
CA UNK L 84 -38.77 35.35 16.99
CA UNK L 85 -41.14 37.71 15.16
CA UNK L 86 -44.08 35.55 14.09
CA UNK L 87 -45.34 38.64 12.26
CA UNK L 88 -44.22 40.42 9.09
CA UNK L 89 -41.24 42.75 9.48
CA UNK L 90 -37.57 43.13 8.56
CA UNK L 91 -35.03 44.55 11.03
CA UNK L 92 -34.43 47.46 13.39
CA UNK L 93 -37.05 49.98 14.53
CA UNK L 94 -38.45 53.01 12.71
CA UNK L 95 -40.16 50.60 10.32
CA UNK L 96 -43.74 51.19 11.50
CA UNK L 97 -45.87 48.18 12.42
CA UNK L 98 -47.48 48.59 9.00
CA UNK L 99 -44.55 49.50 6.75
CA UNK L 100 -42.48 46.92 8.63
CA UNK L 101 -44.65 44.12 7.26
CA UNK L 102 -43.96 44.57 3.55
CA UNK L 103 -43.26 40.92 2.74
CA UNK M 1 -70.99 -48.15 -40.06
CA UNK M 2 -73.14 -49.04 -37.05
CA UNK M 3 -70.20 -48.26 -34.76
CA UNK M 4 -70.21 -44.67 -36.02
CA UNK M 5 -73.97 -44.27 -35.70
CA UNK M 6 -74.02 -45.76 -32.20
CA UNK M 7 -71.29 -43.35 -31.14
CA UNK M 8 -73.29 -40.38 -32.41
CA UNK M 9 -76.33 -41.47 -30.42
CA UNK M 10 -74.25 -41.88 -27.25
CA UNK M 11 -72.55 -38.52 -27.75
CA UNK M 12 -75.88 -36.78 -28.25
CA UNK M 13 -77.22 -38.57 -25.16
CA UNK M 14 -74.39 -37.10 -23.10
CA UNK M 15 -74.37 -33.54 -24.44
CA UNK M 16 -60.64 -60.06 -35.71
CA UNK M 17 -58.94 -63.06 -34.10
CA UNK M 18 -62.20 -64.05 -32.40
CA UNK M 19 -64.10 -63.78 -35.69
CA UNK M 20 -61.43 -65.76 -37.55
CA UNK M 21 -61.65 -68.77 -35.23
CA UNK M 22 -65.30 -69.07 -36.25
CA UNK M 23 -66.13 -72.53 -37.58
CA UNK M 24 -65.09 -72.71 -41.24
CA UNK M 25 -61.56 -71.33 -40.91
CA UNK M 26 -58.30 -73.22 -40.44
CA UNK M 27 -56.12 -73.70 -43.50
CA UNK M 28 -57.32 -70.65 -45.44
CA UNK M 29 -56.59 -68.69 -42.27
CA UNK M 30 -52.83 -69.14 -42.06
CA UNK M 31 -52.60 -68.39 -45.78
CA UNK M 32 -54.21 -65.03 -45.04
CA UNK M 33 -54.15 -64.25 -41.32
CA UNK M 34 -52.85 -60.68 -41.34
CA UNK M 35 -54.79 -60.14 -44.56
CA UNK M 36 -58.20 -61.29 -43.33
CA UNK M 37 -57.58 -59.82 -39.88
CA UNK M 38 -56.71 -56.40 -41.32
CA UNK M 39 -59.67 -56.62 -43.71
CA UNK M 40 -62.04 -57.45 -40.85
CA UNK M 41 -60.52 -54.67 -38.75
CA UNK M 42 -61.18 -52.10 -41.48
CA UNK M 43 -64.74 -53.39 -41.92
CA UNK M 44 -65.51 -54.22 -38.29
CA UNK M 45 -77.51 -58.04 -36.00
CA UNK M 46 -75.43 -56.28 -38.65
CA UNK M 47 -72.26 -58.07 -37.52
CA UNK M 48 -74.03 -61.43 -37.72
CA UNK M 49 -75.18 -60.72 -41.27
CA UNK M 50 -71.64 -59.81 -42.34
CA UNK M 51 -70.21 -62.96 -40.77
CA UNK M 52 -72.81 -65.11 -42.53
CA UNK M 53 -72.17 -63.45 -45.89
CA UNK M 54 -68.42 -63.94 -45.45
CA UNK M 55 -68.90 -67.66 -44.79
CA UNK M 56 -70.94 -68.01 -47.98
CA UNK M 57 -68.29 -66.19 -50.01
CA UNK M 58 -65.46 -68.23 -48.47
CA UNK M 59 -67.28 -71.50 -49.16
CA UNK M 60 -67.97 -70.33 -52.72
CA UNK M 61 -64.30 -69.82 -53.59
CA UNK M 62 -63.43 -73.01 -51.70
CA UNK M 63 -59.21 -68.92 -53.28
CA UNK M 64 -55.63 -68.52 -52.06
CA UNK M 65 -55.20 -65.54 -54.38
CA UNK M 66 -58.32 -63.71 -53.19
CA UNK M 67 -57.34 -64.62 -49.63
CA UNK M 68 -54.06 -62.69 -49.71
CA UNK M 69 -55.80 -60.03 -51.79
CA UNK M 70 -57.34 -56.78 -50.54
CA UNK M 71 -60.42 -56.04 -48.44
CA UNK M 72 -63.71 -56.09 -50.37
CA UNK M 73 -66.55 -53.77 -49.37
CA UNK M 74 -68.90 -56.63 -50.24
CA UNK M 75 -68.83 -57.69 -46.58
CA UNK M 76 -68.90 -54.09 -45.37
CA UNK M 77 -72.32 -53.24 -46.79
CA UNK N 1 -44.73 -41.15 14.71
CA UNK N 2 -41.80 -39.10 13.43
CA UNK N 3 -41.30 -37.70 16.94
CA UNK N 4 -41.29 -34.30 15.22
CA UNK N 5 -42.97 -34.60 11.82
CA UNK N 6 -45.78 -37.14 12.25
CA UNK N 7 -46.01 -40.33 10.21
CA UNK N 8 -49.05 -41.37 8.17
CA UNK N 9 -52.56 -40.38 9.24
CA UNK N 10 -55.89 -42.20 8.96
CA UNK N 11 -57.80 -43.19 5.82
CA UNK N 12 -60.15 -45.57 7.62
CA UNK N 13 -61.68 -43.14 10.12
CA UNK N 14 -60.17 -41.53 13.21
CA UNK N 15 -57.61 -44.26 13.92
CA UNK N 16 -58.74 -44.08 17.55
CA UNK N 17 -57.24 -40.60 17.91
CA UNK N 18 -53.87 -41.40 16.35
CA UNK N 19 -53.66 -39.04 13.37
CA UNK N 20 -55.22 -35.60 13.87
CA UNK N 21 -53.32 -35.46 17.17
CA UNK N 22 -50.02 -36.22 15.46
CA UNK N 23 -49.96 -33.24 13.07
CA UNK N 24 -51.07 -31.20 16.09
CA UNK N 25 -48.09 -28.94 16.75
CA UNK N 26 -45.80 -28.83 13.71
N PRO O 2 41.23 31.48 -42.66
CA PRO O 2 42.32 30.55 -43.04
C PRO O 2 43.62 30.91 -42.36
N ILE O 3 43.73 32.16 -41.92
CA ILE O 3 44.93 32.64 -41.24
C ILE O 3 45.05 32.06 -39.84
N THR O 4 45.73 32.80 -38.96
CA THR O 4 45.94 32.38 -37.58
C THR O 4 46.83 31.14 -37.51
N LYS O 5 48.15 31.36 -37.55
CA LYS O 5 49.11 30.26 -37.48
C LYS O 5 50.54 30.78 -37.40
N GLU O 6 50.81 31.87 -38.10
CA GLU O 6 52.14 32.48 -38.12
C GLU O 6 52.08 33.91 -37.62
N GLU O 7 51.07 34.64 -38.07
CA GLU O 7 50.87 36.03 -37.69
C GLU O 7 50.82 36.21 -36.18
N LYS O 8 50.60 35.12 -35.45
CA LYS O 8 50.53 35.18 -34.00
C LYS O 8 51.83 35.73 -33.43
N GLN O 9 52.95 35.22 -33.93
CA GLN O 9 54.27 35.66 -33.47
C GLN O 9 54.37 37.18 -33.50
N LYS O 10 53.86 37.79 -34.56
CA LYS O 10 53.90 39.24 -34.70
C LYS O 10 53.01 39.92 -33.67
N VAL O 11 51.75 39.49 -33.60
CA VAL O 11 50.79 40.06 -32.65
C VAL O 11 51.29 39.96 -31.21
N ILE O 12 51.86 38.81 -30.87
CA ILE O 12 52.37 38.58 -29.53
C ILE O 12 53.58 39.47 -29.24
N GLN O 13 54.59 39.39 -30.11
CA GLN O 13 55.80 40.19 -29.95
C GLN O 13 55.51 41.68 -30.10
N GLU O 14 54.30 42.00 -30.55
CA GLU O 14 53.90 43.40 -30.73
C GLU O 14 53.41 43.99 -29.42
N PHE O 15 52.66 43.20 -28.66
CA PHE O 15 52.12 43.65 -27.38
C PHE O 15 52.89 43.06 -26.21
N ALA O 16 53.95 42.32 -26.52
CA ALA O 16 54.78 41.70 -25.48
C ALA O 16 55.53 42.77 -24.70
N ARG O 17 55.22 42.89 -23.41
CA ARG O 17 55.87 43.88 -22.56
C ARG O 17 57.37 43.62 -22.45
N PHE O 18 57.77 42.39 -22.77
CA PHE O 18 59.18 42.02 -22.71
C PHE O 18 59.44 40.69 -23.42
N PRO O 19 60.68 40.47 -23.86
CA PRO O 19 61.07 39.23 -24.56
C PRO O 19 60.71 37.98 -23.77
N GLY O 20 59.71 37.24 -24.25
CA GLY O 20 59.29 36.03 -23.57
C GLY O 20 57.84 36.09 -23.13
N ASP O 21 57.28 37.29 -23.10
CA ASP O 21 55.89 37.49 -22.70
C ASP O 21 54.94 37.05 -23.82
N THR O 22 54.15 36.03 -23.54
CA THR O 22 53.20 35.50 -24.52
C THR O 22 51.86 35.19 -23.87
N GLY O 23 51.41 36.06 -22.98
CA GLY O 23 50.14 35.84 -22.30
C GLY O 23 49.72 36.98 -21.40
N SER O 24 50.41 38.10 -21.48
CA SER O 24 50.09 39.26 -20.67
C SER O 24 48.68 39.76 -20.97
N THR O 25 48.15 40.60 -20.10
CA THR O 25 46.80 41.14 -20.28
C THR O 25 46.67 41.78 -21.65
N GLU O 26 47.71 42.48 -22.09
CA GLU O 26 47.71 43.14 -23.39
C GLU O 26 47.75 42.11 -24.52
N VAL O 27 48.58 41.08 -24.34
CA VAL O 27 48.70 40.03 -25.34
C VAL O 27 47.40 39.25 -25.48
N GLN O 28 46.83 38.84 -24.35
CA GLN O 28 45.58 38.09 -24.34
C GLN O 28 44.51 38.82 -25.14
N VAL O 29 44.30 40.10 -24.82
CA VAL O 29 43.30 40.90 -25.50
C VAL O 29 43.65 41.04 -26.97
N ALA O 30 44.93 41.28 -27.25
CA ALA O 30 45.41 41.44 -28.63
C ALA O 30 45.03 40.24 -29.49
N LEU O 31 45.55 39.07 -29.14
CA LEU O 31 45.28 37.85 -29.88
C LEU O 31 43.80 37.51 -29.88
N LEU O 32 43.12 37.79 -28.76
CA LEU O 32 41.69 37.50 -28.64
C LEU O 32 40.91 38.40 -29.61
N THR O 33 41.31 39.66 -29.69
CA THR O 33 40.66 40.62 -30.58
C THR O 33 40.81 40.17 -32.02
N LEU O 34 42.00 39.66 -32.36
CA LEU O 34 42.29 39.20 -33.71
C LEU O 34 41.28 38.12 -34.09
N ARG O 35 40.90 37.30 -33.12
CA ARG O 35 39.93 36.23 -33.36
C ARG O 35 38.54 36.81 -33.60
N ILE O 36 38.18 37.81 -32.80
CA ILE O 36 36.87 38.45 -32.94
C ILE O 36 36.71 39.04 -34.32
N ASN O 37 37.76 39.71 -34.80
CA ASN O 37 37.73 40.33 -36.12
C ASN O 37 37.56 39.25 -37.20
N ARG O 38 38.26 38.14 -37.03
CA ARG O 38 38.18 37.03 -37.98
C ARG O 38 36.77 36.45 -37.96
N LEU O 39 36.24 36.23 -36.76
CA LEU O 39 34.90 35.66 -36.60
C LEU O 39 33.86 36.63 -37.17
N SER O 40 34.06 37.92 -36.91
CA SER O 40 33.13 38.94 -37.40
C SER O 40 33.04 38.89 -38.93
N GLU O 41 34.19 38.72 -39.57
CA GLU O 41 34.24 38.66 -41.03
C GLU O 41 33.60 37.37 -41.54
N HIS O 42 33.27 36.47 -40.62
CA HIS O 42 32.67 35.19 -40.97
C HIS O 42 31.14 35.29 -40.94
N LEU O 43 30.61 35.79 -39.83
CA LEU O 43 29.16 35.93 -39.68
C LEU O 43 28.58 36.79 -40.81
N LYS O 44 29.33 37.80 -41.22
CA LYS O 44 28.89 38.69 -42.29
C LYS O 44 28.68 37.90 -43.58
N VAL O 45 29.29 36.73 -43.65
CA VAL O 45 29.18 35.87 -44.83
C VAL O 45 28.21 34.73 -44.52
N HIS O 46 28.24 34.25 -43.28
CA HIS O 46 27.37 33.16 -42.85
C HIS O 46 26.47 33.65 -41.72
N LYS O 47 25.53 34.53 -42.05
CA LYS O 47 24.60 35.08 -41.06
C LYS O 47 23.76 33.98 -40.44
N LYS O 48 23.59 32.88 -41.17
CA LYS O 48 22.79 31.76 -40.70
C LYS O 48 23.61 30.87 -39.77
N ASP O 49 24.76 31.37 -39.33
CA ASP O 49 25.63 30.63 -38.43
C ASP O 49 25.51 31.22 -37.03
N HIS O 50 24.62 30.64 -36.22
CA HIS O 50 24.37 31.11 -34.87
C HIS O 50 25.40 30.62 -33.85
N HIS O 51 25.78 29.34 -33.94
CA HIS O 51 26.75 28.78 -33.01
C HIS O 51 27.99 29.64 -32.85
N SER O 52 28.73 29.82 -33.94
CA SER O 52 29.94 30.64 -33.90
C SER O 52 29.59 32.03 -33.40
N HIS O 53 28.41 32.52 -33.79
CA HIS O 53 27.95 33.83 -33.37
C HIS O 53 27.97 33.91 -31.85
N ARG O 54 27.69 32.79 -31.20
CA ARG O 54 27.67 32.73 -29.75
C ARG O 54 29.10 32.89 -29.22
N GLY O 55 30.02 32.13 -29.81
CA GLY O 55 31.41 32.20 -29.40
C GLY O 55 31.94 33.62 -29.54
N LEU O 56 31.29 34.40 -30.39
CA LEU O 56 31.69 35.79 -30.62
C LEU O 56 31.49 36.57 -29.33
N LEU O 57 30.27 36.51 -28.78
CA LEU O 57 29.96 37.21 -27.54
C LEU O 57 30.82 36.67 -26.41
N MET O 58 31.26 35.42 -26.55
CA MET O 58 32.10 34.79 -25.55
C MET O 58 33.44 35.52 -25.43
N MET O 59 34.08 35.76 -26.57
CA MET O 59 35.36 36.45 -26.61
C MET O 59 35.17 37.94 -26.33
N VAL O 60 34.08 38.50 -26.84
CA VAL O 60 33.80 39.92 -26.64
C VAL O 60 33.53 40.17 -25.16
N GLY O 61 32.78 39.27 -24.55
CA GLY O 61 32.48 39.40 -23.13
C GLY O 61 33.73 39.17 -22.31
N GLN O 62 34.58 38.26 -22.77
CA GLN O 62 35.82 37.94 -22.09
C GLN O 62 36.81 39.09 -22.25
N ARG O 63 36.87 39.63 -23.46
CA ARG O 63 37.77 40.74 -23.76
C ARG O 63 37.48 41.95 -22.89
N ARG O 64 36.21 42.33 -22.82
CA ARG O 64 35.80 43.47 -21.99
C ARG O 64 36.23 43.26 -20.55
N ARG O 65 36.12 42.02 -20.09
CA ARG O 65 36.51 41.68 -18.72
C ARG O 65 38.02 41.83 -18.57
N LEU O 66 38.74 41.59 -19.65
CA LEU O 66 40.20 41.70 -19.64
C LEU O 66 40.57 43.18 -19.57
N LEU O 67 39.66 44.02 -20.05
CA LEU O 67 39.86 45.46 -20.05
C LEU O 67 39.59 46.08 -18.68
N ARG O 68 38.38 45.85 -18.17
CA ARG O 68 38.00 46.41 -16.87
C ARG O 68 39.03 46.06 -15.80
N TYR O 69 39.67 44.91 -15.95
CA TYR O 69 40.69 44.47 -14.99
C TYR O 69 41.91 45.37 -15.06
N LEU O 70 42.54 45.41 -16.22
CA LEU O 70 43.72 46.23 -16.44
C LEU O 70 43.39 47.69 -16.12
N GLN O 71 42.09 47.98 -16.07
CA GLN O 71 41.62 49.34 -15.79
C GLN O 71 41.75 49.71 -14.32
N ARG O 72 41.25 48.86 -13.43
CA ARG O 72 41.31 49.13 -12.00
C ARG O 72 42.67 48.82 -11.39
N GLU O 73 43.46 48.00 -12.08
CA GLU O 73 44.78 47.62 -11.59
C GLU O 73 45.84 48.60 -12.07
N ASP O 74 45.71 49.06 -13.31
CA ASP O 74 46.67 50.00 -13.89
C ASP O 74 46.06 50.65 -15.13
N PRO O 75 45.31 51.74 -14.94
CA PRO O 75 44.68 52.47 -16.05
C PRO O 75 45.67 53.14 -16.99
N GLU O 76 46.97 52.91 -16.76
CA GLU O 76 48.00 53.49 -17.59
C GLU O 76 48.17 52.68 -18.87
N ARG O 77 48.33 51.37 -18.73
CA ARG O 77 48.49 50.49 -19.90
C ARG O 77 47.13 50.26 -20.55
N TYR O 78 46.07 50.38 -19.75
CA TYR O 78 44.71 50.18 -20.23
C TYR O 78 44.34 51.20 -21.30
N ARG O 79 44.77 52.44 -21.12
CA ARG O 79 44.48 53.50 -22.08
C ARG O 79 45.29 53.30 -23.35
N GLU O 80 46.48 52.72 -23.20
CA GLU O 80 47.36 52.48 -24.34
C GLU O 80 46.89 51.30 -25.19
N ILE O 81 46.54 50.20 -24.53
CA ILE O 81 46.08 49.01 -25.22
C ILE O 81 44.78 49.28 -26.01
N VAL O 82 43.87 50.02 -25.39
CA VAL O 82 42.60 50.34 -26.02
C VAL O 82 42.81 51.26 -27.22
N GLU O 83 43.94 51.96 -27.24
CA GLU O 83 44.26 52.88 -28.33
C GLU O 83 45.02 52.15 -29.45
N LYS O 84 45.92 51.25 -29.06
CA LYS O 84 46.71 50.51 -30.03
C LYS O 84 45.83 49.48 -30.74
N LEU O 85 44.65 49.22 -30.17
CA LEU O 85 43.71 48.28 -30.75
C LEU O 85 42.59 49.02 -31.49
N GLY O 86 42.66 50.34 -31.46
CA GLY O 86 41.64 51.14 -32.12
C GLY O 86 40.30 51.08 -31.42
N LEU O 87 40.28 50.43 -30.26
CA LEU O 87 39.05 50.30 -29.48
C LEU O 87 38.61 51.65 -28.95
N ARG O 88 37.37 52.03 -29.26
CA ARG O 88 36.80 53.31 -28.83
C ARG O 88 37.85 54.41 -28.71
N GLY O 89 38.16 55.04 -29.83
CA GLY O 89 39.15 56.10 -29.83
C GLY O 89 38.67 57.36 -29.14
CA UNK P 1 7.56 77.09 37.05
CA UNK P 2 7.84 74.06 39.32
CA UNK P 3 5.70 73.85 42.46
CA UNK P 4 6.20 70.24 43.59
CA UNK P 5 2.83 68.49 43.83
CA UNK P 6 2.10 64.88 44.77
CA UNK P 7 -0.17 62.62 42.71
CA UNK P 8 -2.39 59.64 43.49
CA UNK P 9 -2.47 55.83 43.24
CA UNK P 10 -4.66 53.47 45.26
CA UNK P 11 -8.39 54.03 45.78
CA UNK P 12 -7.99 54.29 49.56
CA UNK P 13 -4.72 56.16 50.10
CA UNK P 14 -1.96 57.43 47.81
CA UNK P 15 1.20 59.53 47.59
CA UNK P 16 4.11 60.29 45.27
CA UNK P 17 7.09 62.58 44.70
CA UNK P 18 6.69 66.28 43.96
CA UNK P 19 8.75 67.85 41.17
CA UNK P 20 6.46 68.81 38.28
CA UNK P 21 6.64 72.10 36.36
CA UNK P 22 3.33 73.16 34.80
CA UNK P 23 1.55 69.93 33.91
CA UNK P 24 -0.72 67.21 35.32
CA UNK P 25 -0.45 63.76 36.91
CA UNK P 26 3.27 63.18 36.36
CA UNK P 27 5.81 64.43 33.81
CA UNK P 28 8.93 65.41 35.75
CA UNK P 29 11.51 64.20 38.28
CA UNK P 30 10.94 63.05 41.86
CA UNK P 31 11.67 64.27 45.39
CA UNK P 32 9.66 62.87 48.31
CA UNK P 33 6.44 60.92 48.80
CA UNK P 34 4.35 61.17 51.97
CA UNK P 35 1.48 58.72 52.43
CA UNK P 36 -1.03 58.26 55.26
CA UNK P 37 -0.93 55.68 58.05
CA UNK P 38 1.56 52.79 58.22
CA UNK P 39 5.23 53.10 59.21
CA UNK P 40 7.29 55.85 57.58
CA UNK P 41 4.75 58.49 56.54
CA UNK P 42 7.29 60.90 55.02
CA UNK P 43 11.00 61.34 54.32
CA UNK P 44 13.47 61.90 51.47
CA UNK P 45 13.85 65.49 50.26
CA UNK P 46 16.81 67.01 52.11
CA UNK P 47 19.60 68.52 50.00
CA UNK P 48 17.95 67.55 46.71
CA UNK P 49 15.12 69.82 47.83
CA UNK P 50 17.29 72.74 48.92
CA UNK P 51 19.03 72.99 45.55
CA UNK P 52 15.66 72.98 43.79
CA UNK P 53 14.28 75.79 45.96
CA UNK P 54 17.38 77.96 45.55
CA UNK P 55 17.38 77.54 41.77
CA UNK P 56 13.61 77.64 41.27
CA UNK P 57 10.53 75.56 42.08
CA UNK P 58 7.75 76.62 44.46
CA UNK P 59 5.77 75.29 47.41
CA UNK P 60 2.05 74.48 47.33
CA UNK P 61 -0.23 73.57 50.24
CA UNK P 62 1.02 69.97 50.17
CA UNK P 63 4.56 70.86 49.14
CA UNK P 64 5.03 73.04 52.23
CA UNK P 65 3.47 70.33 54.40
CA UNK P 66 5.85 67.71 52.98
CA UNK P 67 8.74 69.97 53.97
CA UNK P 68 7.07 70.69 57.32
CA UNK P 69 7.33 67.11 58.57
CA UNK P 70 11.00 66.05 58.24
CA UNK P 71 12.65 68.13 55.54
CA UNK P 72 13.82 71.50 56.81
CA UNK P 73 13.63 74.44 54.38
N UNK Q 1 28.27 62.90 19.57
CA UNK Q 1 28.78 64.10 18.84
C UNK Q 1 28.36 64.06 17.38
N UNK Q 2 27.82 65.18 16.90
CA UNK Q 2 27.38 65.28 15.51
C UNK Q 2 28.53 64.93 14.58
N UNK Q 3 28.31 63.93 13.73
CA UNK Q 3 29.34 63.48 12.79
C UNK Q 3 28.72 62.46 11.84
N UNK Q 4 29.15 62.50 10.58
CA UNK Q 4 28.64 61.57 9.57
C UNK Q 4 29.78 61.05 8.71
N UNK Q 5 29.52 59.97 7.98
CA UNK Q 5 30.53 59.37 7.11
C UNK Q 5 30.21 59.70 5.65
N UNK Q 6 31.00 59.16 4.73
CA UNK Q 6 30.81 59.39 3.30
C UNK Q 6 31.91 58.72 2.47
N UNK Q 7 31.56 58.20 1.30
CA UNK Q 7 32.55 57.53 0.47
C UNK Q 7 32.21 57.44 -1.02
N UNK Q 8 31.64 58.49 -1.59
CA UNK Q 8 31.28 58.49 -3.01
C UNK Q 8 30.93 59.88 -3.51
N UNK Q 9 30.43 59.97 -4.73
CA UNK Q 9 30.05 61.24 -5.36
C UNK Q 9 29.36 61.03 -6.71
N UNK Q 10 28.67 62.07 -7.20
CA UNK Q 10 27.98 62.03 -8.48
C UNK Q 10 27.79 63.46 -8.97
N UNK Q 11 28.14 64.42 -8.11
CA UNK Q 11 28.02 65.84 -8.42
C UNK Q 11 28.72 66.19 -9.73
N UNK Q 12 28.26 67.25 -10.36
CA UNK Q 12 28.82 67.73 -11.63
C UNK Q 12 28.23 69.09 -11.94
N UNK Q 13 26.91 69.14 -12.09
CA UNK Q 13 26.23 70.40 -12.37
C UNK Q 13 25.20 70.66 -11.28
N UNK Q 14 25.52 71.60 -10.40
CA UNK Q 14 24.63 71.95 -9.32
C UNK Q 14 24.86 73.41 -8.97
N UNK Q 15 24.55 74.28 -9.93
CA UNK Q 15 24.73 75.71 -9.75
C UNK Q 15 26.21 76.03 -9.52
N UNK Q 16 26.53 76.45 -8.30
CA UNK Q 16 27.89 76.80 -7.92
C UNK Q 16 28.84 75.62 -8.09
N UNK Q 17 30.06 75.93 -8.51
CA UNK Q 17 31.09 74.92 -8.72
C UNK Q 17 32.48 75.45 -8.33
N UNK Q 18 32.56 76.03 -7.14
CA UNK Q 18 33.80 76.59 -6.61
C UNK Q 18 33.57 77.01 -5.17
N UNK Q 19 33.95 76.14 -4.24
CA UNK Q 19 33.81 76.39 -2.82
C UNK Q 19 32.34 76.37 -2.42
N UNK Q 20 32.00 75.49 -1.48
CA UNK Q 20 30.64 75.34 -0.99
C UNK Q 20 30.54 73.96 -0.36
N UNK Q 21 31.59 73.58 0.36
CA UNK Q 21 31.68 72.28 1.01
C UNK Q 21 30.31 71.71 1.36
N UNK Q 22 30.02 70.54 0.82
CA UNK Q 22 28.75 69.87 1.05
C UNK Q 22 28.80 68.42 0.57
N UNK Q 23 27.96 67.59 1.18
CA UNK Q 23 27.87 66.18 0.85
C UNK Q 23 26.44 65.71 1.15
N UNK Q 24 26.02 64.61 0.54
CA UNK Q 24 24.68 64.09 0.77
C UNK Q 24 24.42 62.66 0.28
N UNK Q 25 23.17 62.23 0.43
CA UNK Q 25 22.70 60.90 0.02
C UNK Q 25 23.01 59.83 1.07
N UNK Q 26 22.46 58.63 0.86
CA UNK Q 26 22.66 57.51 1.77
C UNK Q 26 22.59 56.18 1.00
N UNK Q 27 22.98 55.09 1.65
CA UNK Q 27 22.99 53.77 1.04
C UNK Q 27 23.24 52.69 2.11
N UNK Q 28 22.91 51.44 1.81
CA UNK Q 28 23.10 50.38 2.79
C UNK Q 28 23.19 48.97 2.21
N UNK Q 29 22.57 48.01 2.92
CA UNK Q 29 22.54 46.60 2.53
C UNK Q 29 23.89 45.91 2.76
N UNK Q 30 23.86 44.74 3.40
CA UNK Q 30 25.07 43.97 3.67
C UNK Q 30 24.74 42.50 3.90
N UNK Q 31 24.61 42.11 5.16
CA UNK Q 31 24.28 40.75 5.52
C UNK Q 31 22.81 40.69 5.91
N UNK Q 32 22.36 39.56 6.44
CA UNK Q 32 20.97 39.42 6.83
C UNK Q 32 20.72 40.08 8.19
N UNK Q 33 19.62 40.83 8.27
CA UNK Q 33 19.23 41.52 9.50
C UNK Q 33 20.08 42.76 9.78
N UNK Q 34 21.38 42.64 9.55
CA UNK Q 34 22.31 43.75 9.80
C UNK Q 34 23.00 44.25 8.53
N UNK Q 35 23.06 45.57 8.39
CA UNK Q 35 23.69 46.20 7.23
C UNK Q 35 24.67 47.28 7.69
N UNK Q 36 25.55 47.71 6.78
CA UNK Q 36 26.54 48.73 7.09
C UNK Q 36 26.24 50.07 6.42
N UNK Q 37 26.22 51.13 7.22
CA UNK Q 37 25.95 52.48 6.74
C UNK Q 37 26.91 52.91 5.62
N UNK Q 38 26.42 53.76 4.73
CA UNK Q 38 27.20 54.26 3.60
C UNK Q 38 26.40 55.39 2.96
N UNK Q 39 27.09 56.43 2.51
CA UNK Q 39 26.43 57.58 1.90
C UNK Q 39 27.49 58.54 1.33
N UNK Q 40 27.07 59.36 0.37
CA UNK Q 40 27.93 60.36 -0.30
C UNK Q 40 27.56 60.46 -1.77
N UNK Q 41 27.31 61.70 -2.22
CA UNK Q 41 26.96 61.98 -3.61
C UNK Q 41 26.11 63.24 -3.69
N UNK Q 42 25.79 63.65 -4.91
CA UNK Q 42 24.98 64.85 -5.14
C UNK Q 42 25.48 65.99 -4.28
N UNK Q 43 24.60 66.92 -3.96
CA UNK Q 43 24.95 68.06 -3.14
C UNK Q 43 25.85 69.04 -3.90
N UNK Q 44 25.38 70.27 -4.07
CA UNK Q 44 26.13 71.32 -4.78
C UNK Q 44 27.23 71.84 -3.86
N UNK Q 45 28.44 71.30 -4.01
CA UNK Q 45 29.57 71.70 -3.18
C UNK Q 45 30.86 72.04 -3.93
N UNK Q 46 31.45 71.05 -4.60
CA UNK Q 46 32.69 71.24 -5.38
C UNK Q 46 33.96 71.43 -4.53
N UNK Q 47 34.71 72.50 -4.83
CA UNK Q 47 35.94 72.84 -4.11
C UNK Q 47 36.91 71.67 -3.92
N UNK Q 48 36.86 70.72 -4.83
CA UNK Q 48 37.71 69.54 -4.79
C UNK Q 48 37.28 68.62 -5.92
N UNK Q 49 38.26 68.06 -6.62
CA UNK Q 49 38.03 67.15 -7.75
C UNK Q 49 36.79 66.28 -7.57
N UNK Q 50 36.22 65.83 -8.69
CA UNK Q 50 35.03 65.00 -8.66
C UNK Q 50 35.18 63.78 -7.75
N UNK Q 51 36.41 63.27 -7.64
CA UNK Q 51 36.68 62.11 -6.80
C UNK Q 51 36.12 62.27 -5.38
N UNK Q 52 35.77 61.15 -4.74
CA UNK Q 52 35.23 61.15 -3.38
C UNK Q 52 36.03 62.04 -2.43
N UNK Q 53 35.31 62.68 -1.51
CA UNK Q 53 35.91 63.56 -0.50
C UNK Q 53 35.62 62.95 0.87
N UNK Q 54 34.60 62.11 0.91
CA UNK Q 54 34.19 61.45 2.15
C UNK Q 54 33.80 62.48 3.20
N UNK Q 55 33.49 62.00 4.39
CA UNK Q 55 33.11 62.87 5.51
C UNK Q 55 31.79 63.63 5.27
N UNK Q 56 31.20 64.11 6.36
CA UNK Q 56 29.95 64.85 6.28
C UNK Q 56 30.20 66.26 5.77
N UNK Q 57 29.27 69.84 5.20
CA UNK Q 57 30.68 70.28 5.06
C UNK Q 57 31.48 69.24 4.30
N UNK Q 58 32.74 69.07 4.67
CA UNK Q 58 33.64 68.10 4.04
C UNK Q 58 35.10 68.46 4.35
N UNK Q 59 35.94 67.43 4.51
CA UNK Q 59 37.36 67.64 4.78
C UNK Q 59 38.12 67.27 3.50
N UNK Q 60 39.39 66.92 3.63
CA UNK Q 60 40.22 66.55 2.49
C UNK Q 60 40.63 65.09 2.65
N UNK Q 61 40.71 64.36 1.53
CA UNK Q 61 41.06 62.94 1.58
C UNK Q 61 41.57 62.32 0.28
N UNK Q 62 41.56 60.98 0.25
CA UNK Q 62 42.00 60.23 -0.92
C UNK Q 62 41.18 60.58 -2.15
N UNK Q 63 41.53 59.93 -3.26
CA UNK Q 63 40.86 60.14 -4.53
C UNK Q 63 40.72 58.81 -5.24
N UNK Q 64 40.92 58.80 -6.56
CA UNK Q 64 40.82 57.56 -7.32
C UNK Q 64 39.58 56.77 -6.94
N UNK Q 65 38.50 57.49 -6.62
CA UNK Q 65 37.24 56.87 -6.23
C UNK Q 65 36.12 57.15 -7.23
N UNK Q 66 36.49 57.72 -8.38
CA UNK Q 66 35.51 58.03 -9.42
C UNK Q 66 35.22 56.81 -10.28
N UNK Q 67 35.73 55.66 -9.86
CA UNK Q 67 35.53 54.41 -10.59
C UNK Q 67 34.33 53.68 -10.01
N UNK Q 68 34.22 53.68 -8.69
CA UNK Q 68 33.10 53.02 -8.01
C UNK Q 68 31.90 53.96 -8.06
N UNK Q 69 32.16 55.26 -8.09
CA UNK Q 69 31.10 56.25 -8.15
C UNK Q 69 30.46 56.23 -9.54
N UNK Q 70 31.31 56.13 -10.56
CA UNK Q 70 30.86 56.10 -11.94
C UNK Q 70 30.27 54.73 -12.30
N UNK Q 71 30.86 53.69 -11.74
CA UNK Q 71 30.39 52.33 -12.01
C UNK Q 71 29.01 52.12 -11.40
N UNK Q 72 28.85 52.58 -10.17
CA UNK Q 72 27.57 52.45 -9.46
C UNK Q 72 26.49 53.31 -10.10
N UNK Q 73 26.87 54.52 -10.51
CA UNK Q 73 25.93 55.45 -11.13
C UNK Q 73 25.49 54.93 -12.49
N UNK Q 74 26.45 54.50 -13.30
CA UNK Q 74 26.15 53.99 -14.64
C UNK Q 74 25.29 52.73 -14.56
N UNK Q 75 25.55 51.90 -13.55
CA UNK Q 75 24.80 50.66 -13.36
C UNK Q 75 23.40 50.91 -12.81
N UNK Q 76 23.29 51.90 -11.91
CA UNK Q 76 22.00 52.23 -11.32
C UNK Q 76 21.11 52.96 -12.31
N UNK Q 77 21.67 53.99 -12.95
CA UNK Q 77 20.93 54.77 -13.93
C UNK Q 77 20.48 53.88 -15.09
N UNK Q 78 21.34 52.93 -15.46
CA UNK Q 78 21.04 52.03 -16.57
C UNK Q 78 19.96 51.02 -16.20
N UNK Q 79 20.19 50.27 -15.12
CA UNK Q 79 19.25 49.26 -14.66
C UNK Q 79 17.89 49.89 -14.36
N UNK Q 80 17.92 51.13 -13.85
CA UNK Q 80 16.69 51.83 -13.52
C UNK Q 80 16.04 52.41 -14.77
N UNK Q 81 16.55 52.02 -15.94
CA UNK Q 81 16.01 52.52 -17.20
C UNK Q 81 15.98 51.43 -18.27
N UNK Q 82 16.76 50.38 -18.05
CA UNK Q 82 16.85 49.28 -19.00
C UNK Q 82 15.82 48.19 -18.69
N UNK Q 83 15.12 48.34 -17.57
CA UNK Q 83 14.12 47.36 -17.16
C UNK Q 83 12.70 47.94 -17.27
N UNK Q 84 12.33 48.36 -18.48
CA UNK Q 84 11.02 48.95 -18.72
C UNK Q 84 10.85 50.14 -17.76
N ARG R 35 48.77 5.22 -43.01
CA ARG R 35 49.76 5.10 -41.91
C ARG R 35 49.26 4.20 -40.79
N ASN R 36 48.76 4.79 -39.72
CA ASN R 36 48.24 4.03 -38.59
C ASN R 36 46.97 3.29 -38.99
N VAL R 37 47.15 2.21 -39.76
CA VAL R 37 46.03 1.41 -40.24
C VAL R 37 46.37 -0.08 -40.25
N GLU R 38 46.59 -0.63 -39.07
CA GLU R 38 46.92 -2.05 -38.92
C GLU R 38 48.12 -2.46 -39.78
N VAL R 39 48.77 -1.47 -40.38
CA VAL R 39 49.94 -1.70 -41.22
C VAL R 39 49.66 -2.30 -42.60
N LEU R 40 48.89 -3.38 -42.64
CA LEU R 40 48.56 -4.05 -43.90
C LEU R 40 48.25 -3.09 -45.05
N LYS R 41 47.43 -2.08 -44.78
CA LYS R 41 47.06 -1.10 -45.79
C LYS R 41 46.08 -0.08 -45.23
N ARG R 42 46.11 1.13 -45.76
CA ARG R 42 45.22 2.19 -45.30
C ARG R 42 43.77 1.80 -45.53
N PHE R 43 42.97 1.82 -44.46
CA PHE R 43 41.56 1.48 -44.56
C PHE R 43 40.85 2.54 -45.41
N LEU R 44 41.59 3.59 -45.75
CA LEU R 44 41.05 4.68 -46.55
C LEU R 44 41.25 4.40 -48.03
N SER R 45 42.11 3.42 -48.34
CA SER R 45 42.38 3.06 -49.73
C SER R 45 41.08 2.73 -50.46
N GLU R 46 40.52 3.73 -51.14
CA GLU R 46 39.29 3.55 -51.88
C GLU R 46 39.55 3.45 -53.38
N THR R 47 40.84 3.44 -53.74
CA THR R 47 41.24 3.34 -55.14
C THR R 47 41.33 1.88 -55.54
N GLY R 48 42.27 1.16 -54.92
CA GLY R 48 42.44 -0.25 -55.22
C GLY R 48 41.44 -1.09 -54.45
N LYS R 49 40.20 -1.09 -54.92
CA LYS R 49 39.14 -1.85 -54.28
C LYS R 49 39.30 -3.35 -54.51
N ILE R 50 40.54 -3.78 -54.69
CA ILE R 50 40.83 -5.19 -54.91
C ILE R 50 40.62 -5.95 -53.61
N LEU R 51 40.38 -5.20 -52.54
CA LEU R 51 40.15 -5.78 -51.21
C LEU R 51 38.67 -5.61 -50.84
N PRO R 52 37.84 -6.61 -51.19
CA PRO R 52 36.40 -6.60 -50.91
C PRO R 52 36.04 -6.49 -49.42
N ARG R 53 35.05 -5.65 -49.14
CA ARG R 53 34.57 -5.44 -47.78
C ARG R 53 33.50 -4.35 -47.78
N ARG R 54 32.25 -4.77 -47.87
CA ARG R 54 31.12 -3.84 -47.90
C ARG R 54 30.19 -4.11 -46.71
N ARG R 55 29.36 -3.12 -46.38
CA ARG R 55 28.42 -3.26 -45.27
C ARG R 55 29.12 -3.64 -43.96
N THR R 56 29.28 -4.95 -43.75
CA THR R 56 29.92 -5.47 -42.55
C THR R 56 29.33 -4.86 -41.28
N GLY R 57 30.06 -4.97 -40.17
CA GLY R 57 29.60 -4.43 -38.92
C GLY R 57 30.55 -4.75 -37.77
N LEU R 58 31.45 -5.70 -38.03
CA LEU R 58 32.43 -6.11 -37.02
C LEU R 58 33.82 -5.57 -37.38
N SER R 59 34.41 -6.14 -38.42
CA SER R 59 35.73 -5.72 -38.88
C SER R 59 36.73 -5.68 -37.72
N GLY R 60 36.98 -4.48 -37.20
CA GLY R 60 37.93 -4.33 -36.11
C GLY R 60 38.07 -2.88 -35.68
N LYS R 61 38.27 -2.67 -34.38
CA LYS R 61 38.43 -1.33 -33.82
C LYS R 61 37.50 -0.31 -34.49
N GLU R 62 37.98 0.91 -34.64
CA GLU R 62 37.20 1.96 -35.26
C GLU R 62 37.07 1.74 -36.77
N GLN R 63 35.91 2.05 -37.32
CA GLN R 63 35.65 1.89 -38.74
C GLN R 63 34.95 3.12 -39.30
N ARG R 64 34.96 4.19 -38.51
CA ARG R 64 34.32 5.44 -38.92
C ARG R 64 35.08 6.04 -40.10
N ILE R 65 36.40 5.90 -40.08
CA ILE R 65 37.24 6.41 -41.15
C ILE R 65 37.11 5.51 -42.37
N LEU R 66 36.73 4.26 -42.13
CA LEU R 66 36.57 3.28 -43.20
C LEU R 66 35.21 3.48 -43.87
N ALA R 67 34.22 3.88 -43.07
CA ALA R 67 32.87 4.11 -43.57
C ALA R 67 32.91 5.09 -44.73
N LYS R 68 33.61 6.20 -44.53
CA LYS R 68 33.72 7.22 -45.56
C LYS R 68 34.47 6.67 -46.76
N THR R 69 35.43 5.78 -46.50
CA THR R 69 36.21 5.17 -47.56
C THR R 69 35.32 4.44 -48.55
N ILE R 70 34.56 3.47 -48.05
CA ILE R 70 33.65 2.70 -48.89
C ILE R 70 32.74 3.63 -49.68
N LYS R 71 32.18 4.62 -48.98
CA LYS R 71 31.28 5.58 -49.61
C LYS R 71 31.99 6.39 -50.70
N ARG R 72 33.26 6.69 -50.48
CA ARG R 72 34.04 7.44 -51.46
C ARG R 72 34.27 6.58 -52.71
N ALA R 73 34.45 5.28 -52.49
CA ALA R 73 34.69 4.35 -53.59
C ALA R 73 33.41 4.10 -54.38
N ARG R 74 32.29 3.97 -53.67
CA ARG R 74 31.01 3.72 -54.31
C ARG R 74 30.67 4.81 -55.31
N ILE R 75 31.21 6.01 -55.06
CA ILE R 75 30.98 7.15 -55.94
C ILE R 75 31.80 7.00 -57.21
N LEU R 76 32.81 6.14 -57.16
CA LEU R 76 33.68 5.92 -58.31
C LEU R 76 33.37 4.59 -58.99
N GLY R 77 33.68 3.48 -58.31
CA GLY R 77 33.43 2.17 -58.88
C GLY R 77 33.40 1.05 -57.86
N LEU R 78 32.46 1.13 -56.92
CA LEU R 78 32.32 0.12 -55.89
C LEU R 78 30.87 -0.38 -55.82
N LEU R 79 30.64 -1.53 -56.43
CA LEU R 79 29.31 -2.16 -56.47
C LEU R 79 28.46 -1.87 -55.23
N PRO R 80 27.55 -0.89 -55.32
CA PRO R 80 26.67 -0.53 -54.21
C PRO R 80 25.41 -1.38 -54.17
N PHE R 81 25.45 -2.51 -54.86
CA PHE R 81 24.32 -3.44 -54.93
C PHE R 81 23.86 -3.86 -53.54
N THR R 82 24.38 -4.99 -53.07
CA THR R 82 24.03 -5.51 -51.75
C THR R 82 25.20 -6.24 -51.09
N GLU R 83 25.71 -7.26 -51.77
CA GLU R 83 26.83 -8.04 -51.27
C GLU R 83 26.48 -8.79 -49.98
N LYS R 84 27.06 -9.98 -49.82
CA LYS R 84 26.81 -10.80 -48.63
C LYS R 84 28.07 -11.59 -48.28
N GLY S 8 -71.11 -53.63 -4.81
CA GLY S 8 -71.89 -53.55 -6.08
C GLY S 8 -72.24 -52.13 -6.45
N VAL S 9 -73.41 -51.68 -6.00
CA VAL S 9 -73.87 -50.32 -6.28
C VAL S 9 -73.84 -49.47 -5.01
N PHE S 10 -73.33 -48.26 -5.13
CA PHE S 10 -73.25 -47.36 -3.98
C PHE S 10 -74.37 -46.33 -3.99
N VAL S 11 -74.68 -45.81 -2.80
CA VAL S 11 -75.74 -44.81 -2.65
C VAL S 11 -75.74 -44.22 -1.25
N ASP S 12 -76.03 -42.92 -1.16
CA ASP S 12 -76.08 -42.26 0.13
C ASP S 12 -77.19 -42.85 1.00
N ASP S 13 -76.80 -43.42 2.13
CA ASP S 13 -77.76 -44.05 3.04
C ASP S 13 -78.55 -43.01 3.84
N HIS S 14 -79.13 -42.04 3.14
CA HIS S 14 -79.91 -41.00 3.80
C HIS S 14 -80.71 -40.11 2.85
N LEU S 15 -80.09 -39.72 1.74
CA LEU S 15 -80.78 -38.86 0.79
C LEU S 15 -82.01 -39.57 0.23
N LEU S 16 -82.13 -40.85 0.58
CA LEU S 16 -83.27 -41.66 0.14
C LEU S 16 -84.38 -41.65 1.17
N GLU S 17 -84.06 -41.30 2.42
CA GLU S 17 -85.06 -41.27 3.47
C GLU S 17 -86.02 -40.11 3.23
N LYS S 18 -85.48 -38.98 2.77
CA LYS S 18 -86.28 -37.80 2.51
C LYS S 18 -86.99 -37.88 1.17
N VAL S 19 -86.47 -38.70 0.27
CA VAL S 19 -87.06 -38.85 -1.05
C VAL S 19 -88.07 -39.98 -1.07
N LEU S 20 -87.84 -41.01 -0.27
CA LEU S 20 -88.74 -42.16 -0.21
C LEU S 20 -90.12 -41.68 0.21
N GLU S 21 -90.17 -40.65 1.05
CA GLU S 21 -91.45 -40.09 1.50
C GLU S 21 -92.07 -39.33 0.34
N LEU S 22 -91.26 -38.55 -0.37
CA LEU S 22 -91.73 -37.78 -1.50
C LEU S 22 -92.24 -38.68 -2.60
N ASN S 23 -91.63 -39.86 -2.74
CA ASN S 23 -92.03 -40.82 -3.75
C ASN S 23 -93.29 -41.55 -3.29
N ALA S 24 -93.57 -41.48 -2.00
CA ALA S 24 -94.75 -42.12 -1.42
C ALA S 24 -95.88 -41.12 -1.25
N LYS S 25 -95.53 -39.84 -1.14
CA LYS S 25 -96.52 -38.79 -0.98
C LYS S 25 -96.89 -38.17 -2.33
N GLY S 26 -95.90 -38.10 -3.22
CA GLY S 26 -96.15 -37.54 -4.54
C GLY S 26 -95.55 -36.15 -4.68
N GLU S 27 -94.85 -35.69 -3.64
CA GLU S 27 -94.23 -34.39 -3.66
C GLU S 27 -92.87 -34.42 -4.37
N LYS S 28 -92.63 -33.46 -5.24
CA LYS S 28 -91.38 -33.39 -5.98
C LYS S 28 -90.48 -32.29 -5.45
N ARG S 29 -90.22 -32.32 -4.14
CA ARG S 29 -89.38 -31.32 -3.49
C ARG S 29 -87.92 -31.60 -3.84
N LEU S 30 -87.02 -30.81 -3.24
CA LEU S 30 -85.59 -30.99 -3.49
C LEU S 30 -84.92 -31.60 -2.26
N ILE S 31 -84.20 -32.70 -2.46
CA ILE S 31 -83.51 -33.38 -1.38
C ILE S 31 -82.05 -32.93 -1.27
N LYS S 32 -81.57 -32.81 -0.03
CA LYS S 32 -80.19 -32.40 0.23
C LYS S 32 -79.37 -33.58 0.71
N THR S 33 -78.05 -33.47 0.61
CA THR S 33 -77.17 -34.54 1.04
C THR S 33 -76.01 -33.96 1.86
N TRP S 34 -75.45 -34.77 2.75
CA TRP S 34 -74.34 -34.33 3.60
C TRP S 34 -73.22 -35.35 3.78
N SER S 35 -73.36 -36.51 3.14
CA SER S 35 -72.34 -37.57 3.24
C SER S 35 -71.10 -37.25 2.41
N ARG S 36 -70.55 -38.26 1.75
CA ARG S 36 -69.37 -38.08 0.92
C ARG S 36 -69.72 -38.25 -0.55
N ARG S 37 -69.41 -39.42 -1.12
CA ARG S 37 -69.70 -39.70 -2.51
C ARG S 37 -71.21 -39.81 -2.75
N SER S 38 -71.91 -38.68 -2.69
CA SER S 38 -73.34 -38.65 -2.90
C SER S 38 -73.64 -39.08 -4.33
N THR S 39 -74.32 -40.22 -4.48
CA THR S 39 -74.66 -40.74 -5.80
C THR S 39 -76.16 -40.70 -6.06
N ILE S 40 -76.53 -40.65 -7.34
CA ILE S 40 -77.93 -40.61 -7.74
C ILE S 40 -78.49 -42.01 -7.93
N VAL S 41 -79.76 -42.19 -7.60
CA VAL S 41 -80.42 -43.48 -7.73
C VAL S 41 -81.72 -43.35 -8.52
N PRO S 42 -82.32 -44.48 -8.92
CA PRO S 42 -83.58 -44.45 -9.69
C PRO S 42 -84.70 -43.67 -9.02
N GLU S 43 -84.67 -43.58 -7.70
CA GLU S 43 -85.70 -42.86 -6.96
C GLU S 43 -85.58 -41.37 -7.22
N MET S 44 -84.51 -40.98 -7.92
CA MET S 44 -84.27 -39.58 -8.25
C MET S 44 -84.89 -39.27 -9.61
N VAL S 45 -85.75 -40.16 -10.07
CA VAL S 45 -86.41 -40.02 -11.36
C VAL S 45 -87.12 -38.67 -11.53
N GLY S 46 -87.69 -38.17 -10.44
CA GLY S 46 -88.40 -36.90 -10.50
C GLY S 46 -88.22 -36.07 -9.25
N HIS S 47 -86.98 -35.68 -8.97
CA HIS S 47 -86.66 -34.87 -7.80
C HIS S 47 -85.39 -34.05 -8.02
N THR S 48 -85.34 -32.87 -7.42
CA THR S 48 -84.19 -31.97 -7.54
C THR S 48 -83.21 -32.18 -6.38
N ILE S 49 -82.28 -33.12 -6.56
CA ILE S 49 -81.28 -33.43 -5.53
C ILE S 49 -80.33 -32.25 -5.31
N ALA S 50 -80.86 -31.19 -4.69
CA ALA S 50 -80.09 -29.98 -4.42
C ALA S 50 -79.34 -30.12 -3.09
N VAL S 51 -78.33 -30.99 -3.07
CA VAL S 51 -77.55 -31.21 -1.86
C VAL S 51 -77.03 -29.91 -1.27
N TYR S 52 -76.58 -29.98 -0.02
CA TYR S 52 -76.05 -28.83 0.68
C TYR S 52 -75.01 -29.25 1.71
N ASN S 53 -74.06 -28.36 1.97
CA ASN S 53 -72.99 -28.61 2.93
C ASN S 53 -72.53 -27.30 3.53
N GLY S 54 -72.12 -26.37 2.67
CA GLY S 54 -71.66 -25.08 3.15
C GLY S 54 -70.97 -24.26 2.08
N LYS S 55 -70.74 -24.87 0.92
CA LYS S 55 -70.05 -24.18 -0.17
C LYS S 55 -70.62 -24.48 -1.54
N GLN S 56 -69.93 -25.31 -2.29
CA GLN S 56 -70.39 -25.68 -3.62
C GLN S 56 -71.75 -26.36 -3.52
N HIS S 57 -72.45 -26.42 -4.64
CA HIS S 57 -73.75 -27.05 -4.73
C HIS S 57 -73.75 -28.14 -5.78
N VAL S 58 -74.66 -29.10 -5.62
CA VAL S 58 -74.76 -30.22 -6.56
C VAL S 58 -76.21 -30.52 -6.83
N PRO S 59 -76.84 -29.70 -7.72
CA PRO S 59 -78.24 -29.90 -8.06
C PRO S 59 -78.48 -30.88 -9.22
N VAL S 60 -78.98 -30.34 -10.32
CA VAL S 60 -79.30 -31.09 -11.52
C VAL S 60 -80.44 -32.07 -11.24
N TYR S 61 -81.58 -31.76 -11.84
CA TYR S 61 -82.80 -32.53 -11.70
C TYR S 61 -82.74 -33.89 -12.44
N ILE S 62 -82.35 -34.95 -11.74
CA ILE S 62 -82.25 -36.29 -12.33
C ILE S 62 -83.58 -36.80 -12.88
N THR S 63 -83.52 -37.51 -14.00
CA THR S 63 -84.72 -38.07 -14.61
C THR S 63 -84.66 -39.60 -14.56
N GLU S 64 -84.88 -40.24 -15.70
CA GLU S 64 -84.85 -41.70 -15.78
C GLU S 64 -83.65 -42.15 -16.62
N ASN S 65 -82.85 -41.18 -17.06
CA ASN S 65 -81.67 -41.46 -17.86
C ASN S 65 -80.43 -40.78 -17.27
N MET S 66 -80.65 -39.69 -16.54
CA MET S 66 -79.56 -38.95 -15.92
C MET S 66 -79.07 -39.64 -14.65
N VAL S 67 -79.75 -40.72 -14.26
CA VAL S 67 -79.40 -41.48 -13.07
C VAL S 67 -78.27 -42.46 -13.38
N GLY S 68 -77.41 -42.70 -12.38
CA GLY S 68 -76.31 -43.62 -12.56
C GLY S 68 -74.96 -42.92 -12.54
N HIS S 69 -74.99 -41.61 -12.27
CA HIS S 69 -73.74 -40.83 -12.22
C HIS S 69 -73.75 -39.78 -11.12
N LYS S 70 -73.63 -38.52 -11.52
CA LYS S 70 -73.60 -37.39 -10.59
C LYS S 70 -73.44 -36.10 -11.39
N LEU S 71 -73.04 -35.04 -10.70
CA LEU S 71 -72.82 -33.74 -11.32
C LEU S 71 -71.31 -33.52 -11.53
N GLY S 72 -70.52 -33.91 -10.54
CA GLY S 72 -69.08 -33.75 -10.64
C GLY S 72 -68.38 -33.40 -9.34
N GLU S 73 -67.09 -33.10 -9.45
CA GLU S 73 -66.27 -32.75 -8.29
C GLU S 73 -66.16 -33.90 -7.29
N PHE S 74 -65.04 -34.60 -7.36
CA PHE S 74 -64.72 -35.74 -6.51
C PHE S 74 -63.66 -36.52 -7.28
N ALA S 75 -63.50 -36.15 -8.54
CA ALA S 75 -62.55 -36.77 -9.44
C ALA S 75 -62.40 -35.94 -10.73
N PRO S 76 -62.67 -34.62 -10.67
CA PRO S 76 -62.55 -33.80 -11.88
C PRO S 76 -61.12 -33.60 -12.37
N THR S 77 -60.79 -34.24 -13.50
CA THR S 77 -59.46 -34.11 -14.08
C THR S 77 -59.29 -32.66 -14.55
N ARG S 78 -60.31 -31.85 -14.31
CA ARG S 78 -60.29 -30.43 -14.66
C ARG S 78 -60.70 -29.61 -13.45
N THR S 79 -61.84 -28.93 -13.53
CA THR S 79 -62.32 -28.11 -12.41
C THR S 79 -63.60 -27.37 -12.79
N TYR S 80 -63.96 -26.36 -12.01
CA TYR S 80 -65.17 -25.57 -12.24
C TYR S 80 -66.41 -26.44 -12.18
N UNK T 1 29.09 110.78 3.04
CA UNK T 1 30.02 111.72 2.37
C UNK T 1 30.49 111.15 1.04
N UNK T 2 30.26 109.85 0.85
CA UNK T 2 30.65 109.17 -0.39
C UNK T 2 29.69 109.53 -1.51
N UNK T 3 29.49 108.62 -2.47
CA UNK T 3 28.59 108.89 -3.59
C UNK T 3 27.75 107.69 -4.00
N UNK T 4 28.14 107.05 -5.09
CA UNK T 4 27.42 105.89 -5.62
C UNK T 4 27.35 104.77 -4.58
N UNK T 5 28.47 104.10 -4.34
CA UNK T 5 28.54 103.01 -3.38
C UNK T 5 28.40 103.54 -1.95
N UNK T 6 28.00 104.80 -1.82
CA UNK T 6 27.82 105.41 -0.52
C UNK T 6 26.61 104.81 0.19
N UNK T 7 25.46 105.44 0.01
CA UNK T 7 24.23 104.96 0.63
C UNK T 7 23.64 103.76 -0.09
N UNK T 8 24.38 102.66 -0.08
CA UNK T 8 23.94 101.41 -0.70
C UNK T 8 24.47 100.30 0.19
N UNK T 9 25.61 100.55 0.80
CA UNK T 9 26.24 99.60 1.71
C UNK T 9 25.82 100.05 3.11
N UNK T 10 25.52 101.34 3.23
CA UNK T 10 25.08 101.92 4.48
C UNK T 10 23.59 101.67 4.60
N UNK T 11 22.92 101.55 3.46
CA UNK T 11 21.48 101.28 3.42
C UNK T 11 21.25 99.89 4.00
N UNK T 12 21.83 98.88 3.35
CA UNK T 12 21.68 97.51 3.79
C UNK T 12 21.97 97.40 5.28
N UNK T 13 23.02 98.10 5.72
CA UNK T 13 23.40 98.09 7.13
C UNK T 13 22.31 98.74 7.97
N UNK T 14 21.91 99.94 7.60
CA UNK T 14 20.86 100.66 8.31
C UNK T 14 19.58 99.82 8.32
N UNK T 15 19.37 99.09 7.23
CA UNK T 15 18.20 98.25 7.10
C UNK T 15 18.33 97.05 8.04
N UNK T 16 19.52 96.44 8.05
CA UNK T 16 19.78 95.30 8.91
C UNK T 16 19.55 95.72 10.36
N UNK T 17 19.77 97.00 10.64
CA UNK T 17 19.57 97.53 11.98
C UNK T 17 18.10 97.36 12.35
N UNK T 18 17.25 98.12 11.68
CA UNK T 18 15.81 98.07 11.92
C UNK T 18 15.35 96.63 12.06
N UNK T 19 15.95 95.75 11.24
CA UNK T 19 15.63 94.33 11.25
C UNK T 19 16.01 93.70 12.57
N UNK T 20 17.32 93.55 12.79
CA UNK T 20 17.84 92.94 14.01
C UNK T 20 17.37 93.68 15.26
N UNK T 21 16.84 94.89 15.08
CA UNK T 21 16.34 95.68 16.19
C UNK T 21 14.90 95.26 16.47
N UNK T 22 14.28 94.64 15.47
CA UNK T 22 12.90 94.18 15.57
C UNK T 22 12.87 92.67 15.80
N UNK T 23 13.88 91.98 15.28
CA UNK T 23 13.97 90.53 15.41
C UNK T 23 13.98 90.11 16.88
N UNK T 24 14.15 91.09 17.77
CA UNK T 24 14.17 90.82 19.20
C UNK T 24 12.79 90.42 19.72
N UNK T 25 11.77 91.15 19.30
CA UNK T 25 10.40 90.87 19.73
C UNK T 25 9.38 91.49 18.78
N UNK T 26 8.13 91.55 19.25
CA UNK T 26 7.05 92.12 18.46
C UNK T 26 6.54 93.42 19.07
N UNK T 27 5.21 93.55 19.17
CA UNK T 27 4.59 94.74 19.72
C UNK T 27 4.72 94.78 21.25
N UNK T 28 4.06 95.75 21.88
CA UNK T 28 4.09 95.91 23.32
C UNK T 28 5.53 96.15 23.79
N UNK T 29 6.37 96.51 22.84
CA UNK T 29 7.78 96.81 23.09
C UNK T 29 8.22 97.80 22.02
N UNK T 30 7.39 98.82 21.83
CA UNK T 30 7.64 99.87 20.84
C UNK T 30 8.91 100.65 21.11
N UNK T 31 8.96 101.87 20.57
CA UNK T 31 10.10 102.77 20.74
C UNK T 31 11.37 102.28 20.03
N UNK T 32 12.04 101.29 20.63
CA UNK T 32 13.27 100.73 20.06
C UNK T 32 13.30 100.86 18.54
N UNK T 33 12.39 100.14 17.89
CA UNK T 33 12.29 100.16 16.44
C UNK T 33 11.77 101.51 15.95
N UNK T 34 10.73 102.00 16.61
CA UNK T 34 10.10 103.27 16.25
C UNK T 34 10.91 104.49 16.67
N UNK T 35 12.20 104.29 16.94
CA UNK T 35 13.05 105.39 17.36
C UNK T 35 14.46 105.23 16.79
N UNK T 36 14.66 104.17 16.03
CA UNK T 36 15.97 103.90 15.43
C UNK T 36 15.85 103.83 13.91
N UNK T 37 14.63 103.66 13.42
CA UNK T 37 14.39 103.58 11.98
C UNK T 37 14.39 104.99 11.38
N UNK T 38 14.03 105.97 12.20
CA UNK T 38 14.01 107.34 11.75
C UNK T 38 15.42 107.91 11.81
N UNK T 39 16.23 107.34 12.68
CA UNK T 39 17.62 107.79 12.84
C UNK T 39 18.39 107.43 11.58
N UNK T 40 17.95 106.36 10.91
CA UNK T 40 18.59 105.93 9.68
C UNK T 40 18.26 106.98 8.62
N UNK T 41 17.16 107.70 8.85
CA UNK T 41 16.73 108.75 7.94
C UNK T 41 17.54 110.00 8.23
N UNK T 42 17.70 110.32 9.52
CA UNK T 42 18.46 111.48 9.92
C UNK T 42 19.93 111.21 9.60
N UNK T 43 20.29 109.93 9.52
CA UNK T 43 21.64 109.54 9.20
C UNK T 43 21.94 110.03 7.79
N UNK T 44 20.88 110.46 7.11
CA UNK T 44 20.97 110.97 5.75
C UNK T 44 20.62 112.46 5.81
N UNK T 45 20.29 113.03 4.65
CA UNK T 45 19.94 114.44 4.58
C UNK T 45 20.94 115.32 5.32
N UNK T 46 22.16 114.83 5.50
CA UNK T 46 23.18 115.60 6.20
C UNK T 46 24.41 115.88 5.34
N UNK T 47 24.82 117.15 5.36
CA UNK T 47 25.98 117.65 4.62
C UNK T 47 26.12 119.13 4.97
N UNK T 48 24.98 119.81 5.00
CA UNK T 48 24.89 121.23 5.33
C UNK T 48 23.50 121.70 4.92
N UNK T 49 23.40 122.96 4.48
CA UNK T 49 22.13 123.52 4.05
C UNK T 49 21.60 122.75 2.85
N UNK T 50 20.37 123.01 2.46
CA UNK T 50 19.75 122.33 1.31
C UNK T 50 19.69 120.82 1.50
N UNK T 51 19.80 120.10 0.38
CA UNK T 51 19.77 118.64 0.40
C UNK T 51 21.11 118.10 -0.07
N UNK T 52 21.23 116.78 -0.20
CA UNK T 52 22.48 116.19 -0.64
C UNK T 52 22.30 115.07 -1.67
N UNK T 53 22.52 113.83 -1.23
CA UNK T 53 22.38 112.68 -2.09
C UNK T 53 20.93 112.43 -2.46
N UNK T 54 20.68 111.32 -3.16
CA UNK T 54 19.33 110.96 -3.58
C UNK T 54 18.66 112.08 -4.36
N UNK T 55 17.39 111.88 -4.71
CA UNK T 55 16.64 112.88 -5.46
C UNK T 55 17.45 113.36 -6.66
N UNK T 56 18.31 112.48 -7.17
CA UNK T 56 19.14 112.81 -8.33
C UNK T 56 19.23 111.61 -9.25
N UNK T 57 19.80 110.51 -8.74
CA UNK T 57 19.96 109.30 -9.53
C UNK T 57 19.61 108.06 -8.70
N UNK T 58 20.62 107.50 -8.03
CA UNK T 58 20.42 106.32 -7.19
C UNK T 58 19.70 106.68 -5.90
N UNK T 59 18.62 105.97 -5.60
CA UNK T 59 17.86 106.21 -4.38
C UNK T 59 18.72 105.90 -3.16
N UNK T 60 19.60 106.84 -2.81
CA UNK T 60 20.50 106.69 -1.67
C UNK T 60 19.77 107.04 -0.38
N UNK T 61 18.77 107.91 -0.50
CA UNK T 61 17.98 108.34 0.65
C UNK T 61 16.50 108.13 0.37
N UNK T 62 16.14 108.20 -0.91
CA UNK T 62 14.76 108.03 -1.32
C UNK T 62 14.10 106.83 -0.66
N UNK T 63 14.45 105.64 -1.12
CA UNK T 63 13.87 104.42 -0.58
C UNK T 63 14.02 104.31 0.94
N UNK T 64 15.14 104.82 1.47
CA UNK T 64 15.35 104.77 2.92
C UNK T 64 14.26 105.58 3.61
N UNK T 65 14.11 106.83 3.19
CA UNK T 65 13.11 107.72 3.76
C UNK T 65 11.71 107.16 3.58
N UNK T 66 11.54 106.23 2.64
CA UNK T 66 10.25 105.61 2.38
C UNK T 66 10.12 104.27 3.09
N UNK T 67 11.09 103.38 2.88
CA UNK T 67 11.09 102.07 3.50
C UNK T 67 11.19 102.18 5.02
N UNK T 68 12.26 102.82 5.50
CA UNK T 68 12.46 103.00 6.93
C UNK T 68 11.20 103.59 7.54
N UNK T 69 10.57 104.50 6.81
CA UNK T 69 9.35 105.14 7.26
C UNK T 69 8.23 104.10 7.24
N UNK T 70 7.98 103.55 6.05
CA UNK T 70 6.95 102.53 5.88
C UNK T 70 7.10 101.46 6.96
N UNK T 71 8.34 101.26 7.40
CA UNK T 71 8.63 100.28 8.45
C UNK T 71 7.98 100.76 9.74
N UNK T 72 8.43 101.91 10.23
CA UNK T 72 7.86 102.48 11.45
C UNK T 72 6.36 102.59 11.26
N UNK T 73 5.98 103.18 10.13
CA UNK T 73 4.58 103.38 9.79
C UNK T 73 3.79 102.07 9.93
N UNK T 74 3.74 101.28 8.88
CA UNK T 74 3.01 100.02 8.89
C UNK T 74 3.11 99.27 10.21
N UNK T 75 4.30 99.22 10.79
CA UNK T 75 4.48 98.52 12.08
C UNK T 75 3.56 99.15 13.11
N UNK T 76 3.78 100.44 13.38
CA UNK T 76 2.95 101.16 14.35
C UNK T 76 1.48 100.96 14.03
N UNK T 77 1.14 101.11 12.76
CA UNK T 77 -0.24 100.95 12.29
C UNK T 77 -0.83 99.64 12.77
N UNK T 78 -0.50 98.55 12.07
CA UNK T 78 -1.00 97.23 12.42
C UNK T 78 -0.94 97.04 13.92
N UNK T 79 0.27 97.07 14.48
CA UNK T 79 0.46 96.89 15.91
C UNK T 79 -0.56 97.68 16.73
N UNK T 80 -0.59 98.99 16.56
CA UNK T 80 -1.52 99.84 17.29
C UNK T 80 -2.97 99.53 16.95
N UNK T 81 -3.32 99.65 15.67
CA UNK T 81 -4.69 99.39 15.21
C UNK T 81 -5.20 98.06 15.75
N UNK T 82 -4.40 97.01 15.58
CA UNK T 82 -4.79 95.68 16.05
C UNK T 82 -5.03 95.74 17.55
N UNK T 83 -4.10 96.36 18.28
CA UNK T 83 -4.22 96.49 19.73
C UNK T 83 -5.52 97.19 20.09
N UNK T 84 -5.96 98.10 19.21
CA UNK T 84 -7.19 98.83 19.43
C UNK T 84 -8.38 97.90 19.17
N UNK T 85 -8.18 96.96 18.25
CA UNK T 85 -9.21 95.99 17.90
C UNK T 85 -9.22 94.89 18.96
N UNK T 86 -8.11 94.82 19.70
CA UNK T 86 -7.95 93.83 20.76
C UNK T 86 -8.53 94.36 22.06
N UNK T 87 -8.06 95.55 22.46
CA UNK T 87 -8.50 96.20 23.68
C UNK T 87 -10.03 96.30 23.72
N UNK T 88 -10.57 97.20 22.92
CA UNK T 88 -12.02 97.41 22.86
C UNK T 88 -12.72 96.21 22.23
N UNK T 89 -11.94 95.34 21.59
CA UNK T 89 -12.51 94.18 20.95
C UNK T 89 -11.97 92.88 21.54
N UNK T 90 -12.13 92.72 22.85
CA UNK T 90 -11.67 91.51 23.53
C UNK T 90 -12.84 90.73 24.09
N UNK T 91 -13.31 89.70 23.36
CA UNK T 91 -14.44 88.89 23.79
C UNK T 91 -14.13 88.07 25.05
N UNK T 92 -14.95 88.25 26.08
CA UNK T 92 -14.75 87.54 27.34
C UNK T 92 -15.78 86.42 27.50
N UNK T 93 -16.99 86.79 27.90
CA UNK T 93 -18.05 85.81 28.10
C UNK T 93 -19.27 86.15 27.24
N UNK T 94 -19.93 85.13 26.73
CA UNK T 94 -21.11 85.34 25.91
C UNK T 94 -21.68 84.05 25.35
N UNK T 95 -22.74 83.56 25.98
CA UNK T 95 -23.35 82.32 25.52
C UNK T 95 -24.85 82.30 25.76
#